data_8YXP
#
_entry.id   8YXP
#
_cell.length_a   1.00
_cell.length_b   1.00
_cell.length_c   1.00
_cell.angle_alpha   90.00
_cell.angle_beta   90.00
_cell.angle_gamma   90.00
#
_symmetry.space_group_name_H-M   'P 1'
#
loop_
_entity.id
_entity.type
_entity.pdbx_description
1 polymer 'RNA-directed RNA polymerase L'
2 non-polymer 'ZINC ION'
#
_entity_poly.entity_id   1
_entity_poly.type   'polypeptide(L)'
_entity_poly.pdbx_seq_one_letter_code
;MAGLNEILLPEVHLNSPIVRYKLFYYILHGQLPNDLEPDDLGPLANQNWKAIRAEESQVHARLKQIRVELIARIPSLRWT
RSQREIAILIWPRILPILQAYDLRQSMQLPTVWEKLTQSTVNLISDGLERVVLHISNQLTGKPNLFTRSRAGQDTKDYSI
PSTRELSQIWFNNEWSGSVKTWLMIKYRMRQLITNQKTGELTDLVTIVDTRSTLCIITPELVALYSSEHKALTYLTFEMV
LMVTDMLEGRLNVSSLCTASHYLSPLKKRIEVLLTLVDDLALLMGDKVYGIVSSLESFVYAQLQYGDPVIDIKGTFYGFI
CNEILDLLTEDNIFTEEEANKVLLDLTSQFDNLSPDLTAELLCIMRLWGHPTLTASQAASKVRESMCAPKVLDFQTIMKT
LAFFHAILINGYRRSHNGIWPPTTLHGNAPKSLIEMRHDNSELKYEYVLKNWKSISMLRIHKCFDASPDEDLSIFMKDKA
ISCPRQDWMGVFRRSLIKQRYRDANRPLPQPFNRRLLLNFLEDDRFDPIKELEYVTSGEYLRDPEFCASYSLKEKEIKAT
GRIFAKMTKRMRSCQVIAESLLANHAGKLMRENGVVLDQLKLTKSLLTMNQIGIISEHSRRSTADNMTLAHSGSNKHRIN
NSQFKKNKDNKHEMPDDGFEIAACFLTTDLTKYCLNWRYQVIIPFARTLNSMYGIPHLFEWIHLRLMRSTLYVGDPFNPP
SDPTQLDLDTALNDDIFIVSPRGGIEGLCQKLWTMISISTIILSATEANTRVMSMVQGDNQAIAITTRVVRSLSHSEKKE
QAYKASKLFFERLRANNHGIGHHLKEQETILSSDFFIYSKRVFYKGRILTQALKNVSKMCLTADILGDCSQASCSNLATT
VMRLTENGVEKDLCYFLNAFMTIRQLCYDLVFPQTKSLSQDITNAYLNHPILISRLCLLPSQLGGLNFLSCSRLFNRNIG
DPLVSAIADVKRLIKAGCLDIWVLYNILGRRPGKGKWSTLAADPYTLNIDYLVPSTTFLKKHAQYTLMERSVNPMLRGVF
SENAAEEEEELAQYLLDREVVMPRVAHVILAQSSCGRRKQIQGYLDSTRTIIRYSLEVRPLSAKKLNTVIEYNLLYLSYN
LEIIEKPNIVQPFLNAINVDTCSIDIARSLRKLSWATLLNGRPIEGLETPDPIELVHGCLIIGSDECEHCSSGDDKFTWF
FLPKGIRLDDDPASNPPIRVPYIGSKTDERRVASMAYIKGASVSLKSALRLAGVYIWAFGDTEESWQDAYELASTRVNLT
LEQLQSLTPLPTSANLVHRLDDGTTQLKFTPASSYAFSSFVHISNDCQILEIDDQVTDSNLIYQQVMITGLALIETWNNP
PINFSVYETTLHLHTGSSCCIRPVESCVVNPPLLPVPLINVPQMNKFVYDPEPLSLLEMEKIEDIAYQTRIGGLDQIPLL
EKIPLLAHLTAKQMVNSITGLDEATSIMNDAVVQADYTSNWISECCYTYIDSVFVYSGWALLLELSYQMYYLRIQGIQGI
LDYVYMTLRRIPGMAITGISSTISHPRILRRCINLDVIAPINSPHIASLDYTKLSIDAVMWGTKQVLTNISQGIDYEIVV
PSESQLTLSDRVLNLVARKLSLLAIIWANYNYPPKVKGMSPEDKCQALTTHLLQTVEYVEYIQIEKTNIRRMIIEPKLTA
YPSNLFYLSRKLLNAIRDSEEGQFLIASYYNSFGYLEPILMESKIFNLSSSESASLTEFDFILNLELSDASLEKYSLPSL
LMTAENMDNPFPQPPLHHVLRPLGLSSTSWYKTISVLNYISHMKISDGAHLYLAEGSGASMSLIETFLPGETIWYNSLFN
SGENPPQRNFAPLPTQFIESVPYRLIQAGIAAGNGIVQSFYPLWNGNSDITDLSTKTSVEYIIHKVGADTCALVHVDLEG
VPGSMNSMLERAQVHALLITVTVLKPGGLLILKASWEPFNRFSFLLTVLWQFFSTIRILRSSYSDPNNHEVYIIATLAVD
PTTSSFTTALNRARTLNEQGFSLIPPELVSEYWRKRVEQGQIIQDCIDKVISECVRDQYLADNNIILQAGGTPSTRKWLD
LPDYSSFNELQSEMARLITIHLKEVIEILKGQASDHDTLLFTSYNVGPLGKINTILRLIVERILMYTVRNWCILPTQTRL
TLRQSIELGEFRLRDVITPMEILKLSPNRKYLKSALNQSTFNHLMGETSDILLNRAYQKRIWKAIGCVIYCFGLLTPDVE
GSERIDVDNDIPDYDIHGDII
;
_entity_poly.pdbx_strand_id   A
#
loop_
_chem_comp.id
_chem_comp.type
_chem_comp.name
_chem_comp.formula
ZN non-polymer 'ZINC ION' 'Zn 2'
#
# COMPACT_ATOMS: atom_id res chain seq x y z
N LEU A 4 -28.62 -4.15 11.02
CA LEU A 4 -27.19 -3.93 11.22
C LEU A 4 -26.36 -4.92 10.39
N ASN A 5 -26.89 -6.14 10.25
CA ASN A 5 -26.19 -7.18 9.51
C ASN A 5 -26.10 -6.88 8.02
N GLU A 6 -26.85 -5.90 7.52
CA GLU A 6 -26.75 -5.51 6.12
C GLU A 6 -25.56 -4.60 5.84
N ILE A 7 -24.89 -4.11 6.87
CA ILE A 7 -23.66 -3.34 6.71
C ILE A 7 -22.43 -4.19 6.99
N LEU A 8 -22.46 -4.96 8.07
CA LEU A 8 -21.35 -5.85 8.42
C LEU A 8 -21.45 -7.15 7.63
N LEU A 9 -21.46 -7.01 6.31
CA LEU A 9 -21.57 -8.14 5.41
C LEU A 9 -20.28 -8.96 5.43
N PRO A 10 -20.36 -10.24 5.07
CA PRO A 10 -19.13 -11.04 4.98
C PRO A 10 -18.17 -10.47 3.94
N GLU A 11 -16.88 -10.61 4.23
CA GLU A 11 -15.86 -10.01 3.39
C GLU A 11 -15.88 -10.59 1.97
N VAL A 12 -15.57 -9.74 1.00
CA VAL A 12 -15.59 -10.16 -0.39
C VAL A 12 -14.25 -10.73 -0.83
N HIS A 13 -13.15 -10.32 -0.21
CA HIS A 13 -11.81 -10.75 -0.59
C HIS A 13 -11.12 -11.39 0.60
N LEU A 14 -10.12 -12.21 0.30
CA LEU A 14 -9.41 -12.96 1.32
C LEU A 14 -8.62 -12.01 2.21
N ASN A 15 -8.79 -12.15 3.53
CA ASN A 15 -8.03 -11.38 4.49
C ASN A 15 -7.55 -12.21 5.67
N SER A 16 -7.79 -13.51 5.68
CA SER A 16 -7.41 -14.40 6.76
C SER A 16 -6.69 -15.61 6.20
N PRO A 17 -5.82 -16.24 6.99
CA PRO A 17 -5.12 -17.44 6.50
C PRO A 17 -6.08 -18.60 6.30
N ILE A 18 -5.73 -19.45 5.35
CA ILE A 18 -6.51 -20.67 5.10
C ILE A 18 -6.06 -21.73 6.09
N VAL A 19 -6.96 -22.16 6.95
CA VAL A 19 -6.66 -23.14 7.99
C VAL A 19 -7.16 -24.50 7.54
N ARG A 20 -6.23 -25.46 7.41
CA ARG A 20 -6.60 -26.80 6.98
C ARG A 20 -7.52 -27.47 7.99
N TYR A 21 -7.23 -27.30 9.28
CA TYR A 21 -8.00 -27.98 10.31
C TYR A 21 -9.41 -27.43 10.44
N LYS A 22 -9.67 -26.20 9.98
CA LYS A 22 -11.05 -25.73 9.93
C LYS A 22 -11.88 -26.52 8.94
N LEU A 23 -11.34 -26.73 7.73
CA LEU A 23 -12.01 -27.56 6.75
C LEU A 23 -12.13 -28.99 7.25
N PHE A 24 -11.09 -29.51 7.90
CA PHE A 24 -11.16 -30.87 8.43
C PHE A 24 -12.23 -31.00 9.51
N TYR A 25 -12.34 -29.98 10.37
CA TYR A 25 -13.39 -29.96 11.38
C TYR A 25 -14.77 -29.96 10.75
N TYR A 26 -14.97 -29.15 9.72
CA TYR A 26 -16.27 -29.13 9.05
C TYR A 26 -16.57 -30.48 8.38
N ILE A 27 -15.57 -31.08 7.74
CA ILE A 27 -15.79 -32.35 7.06
C ILE A 27 -16.12 -33.45 8.07
N LEU A 28 -15.39 -33.52 9.18
CA LEU A 28 -15.62 -34.56 10.17
C LEU A 28 -16.88 -34.31 11.00
N HIS A 29 -17.34 -33.06 11.09
CA HIS A 29 -18.52 -32.76 11.89
C HIS A 29 -19.75 -33.44 11.33
N GLY A 30 -19.94 -33.39 10.02
CA GLY A 30 -21.09 -33.98 9.37
C GLY A 30 -20.86 -35.36 8.78
N GLN A 31 -19.75 -36.01 9.09
CA GLN A 31 -19.41 -37.32 8.54
C GLN A 31 -19.41 -37.29 7.01
N LEU A 32 -18.89 -36.20 6.46
CA LEU A 32 -18.81 -36.07 5.01
C LEU A 32 -17.84 -37.10 4.44
N PRO A 33 -18.11 -37.64 3.25
CA PRO A 33 -17.19 -38.62 2.65
C PRO A 33 -15.83 -37.99 2.40
N ASN A 34 -14.78 -38.75 2.74
CA ASN A 34 -13.41 -38.28 2.57
C ASN A 34 -12.47 -39.46 2.63
N ASP A 35 -11.25 -39.25 2.11
CA ASP A 35 -10.19 -40.23 2.19
C ASP A 35 -9.01 -39.70 3.01
N LEU A 36 -9.30 -38.91 4.04
CA LEU A 36 -8.24 -38.32 4.85
C LEU A 36 -7.64 -39.37 5.77
N GLU A 37 -6.31 -39.45 5.78
CA GLU A 37 -5.61 -40.37 6.66
C GLU A 37 -5.69 -39.89 8.10
N PRO A 38 -5.54 -40.80 9.07
CA PRO A 38 -5.51 -40.37 10.47
C PRO A 38 -4.42 -39.36 10.76
N ASP A 39 -3.29 -39.43 10.06
CA ASP A 39 -2.23 -38.44 10.26
C ASP A 39 -2.65 -37.06 9.74
N ASP A 40 -3.46 -37.02 8.68
CA ASP A 40 -3.91 -35.73 8.16
C ASP A 40 -4.80 -35.01 9.16
N LEU A 41 -5.69 -35.73 9.82
CA LEU A 41 -6.62 -35.10 10.76
C LEU A 41 -5.89 -34.50 11.96
N GLY A 42 -4.73 -35.02 12.31
CA GLY A 42 -3.99 -34.55 13.44
C GLY A 42 -4.75 -34.71 14.74
N PRO A 43 -4.81 -33.64 15.53
CA PRO A 43 -5.54 -33.72 16.81
C PRO A 43 -7.03 -33.94 16.66
N LEU A 44 -7.61 -33.63 15.49
CA LEU A 44 -9.05 -33.75 15.31
C LEU A 44 -9.52 -35.20 15.25
N ALA A 45 -8.62 -36.15 15.04
CA ALA A 45 -9.03 -37.56 14.95
C ALA A 45 -9.50 -38.12 16.29
N ASN A 46 -8.89 -37.66 17.37
CA ASN A 46 -9.20 -38.22 18.70
C ASN A 46 -10.24 -37.38 19.45
N GLN A 47 -10.85 -36.39 18.79
CA GLN A 47 -11.92 -35.62 19.42
C GLN A 47 -13.19 -36.45 19.51
N ASN A 48 -13.93 -36.28 20.61
CA ASN A 48 -15.21 -36.96 20.80
C ASN A 48 -16.24 -36.24 19.95
N TRP A 49 -16.44 -36.72 18.73
CA TRP A 49 -17.34 -36.05 17.79
C TRP A 49 -18.81 -36.22 18.17
N LYS A 50 -19.13 -37.18 19.03
CA LYS A 50 -20.52 -37.36 19.45
C LYS A 50 -21.00 -36.14 20.23
N ALA A 51 -20.22 -35.67 21.20
CA ALA A 51 -20.61 -34.49 21.96
C ALA A 51 -20.63 -33.24 21.07
N ILE A 52 -19.62 -33.11 20.19
CA ILE A 52 -19.55 -31.95 19.31
C ILE A 52 -20.76 -31.90 18.39
N ARG A 53 -21.23 -33.06 17.92
CA ARG A 53 -22.43 -33.11 17.11
C ARG A 53 -23.68 -32.90 17.96
N ALA A 54 -23.65 -33.30 19.23
CA ALA A 54 -24.76 -33.02 20.13
C ALA A 54 -24.96 -31.52 20.29
N GLU A 55 -23.87 -30.77 20.47
CA GLU A 55 -23.96 -29.33 20.35
C GLU A 55 -23.92 -28.94 18.88
N GLU A 56 -24.09 -27.64 18.60
CA GLU A 56 -24.11 -27.13 17.23
C GLU A 56 -25.09 -27.93 16.37
N SER A 57 -26.26 -28.17 16.72
CA SER A 57 -27.14 -29.06 15.93
C SER A 57 -27.56 -28.42 14.61
N GLN A 58 -27.71 -27.04 14.54
CA GLN A 58 -28.00 -26.52 13.21
C GLN A 58 -26.87 -26.80 12.24
N VAL A 59 -25.63 -26.63 12.69
CA VAL A 59 -24.48 -26.88 11.81
C VAL A 59 -24.44 -28.34 11.39
N HIS A 60 -24.60 -29.25 12.36
CA HIS A 60 -24.59 -30.67 12.04
C HIS A 60 -25.77 -31.05 11.17
N ALA A 61 -26.92 -30.41 11.36
CA ALA A 61 -28.08 -30.69 10.51
C ALA A 61 -27.79 -30.28 9.07
N ARG A 62 -27.20 -29.11 8.87
CA ARG A 62 -26.86 -28.67 7.52
C ARG A 62 -25.83 -29.60 6.89
N LEU A 63 -24.82 -30.00 7.65
CA LEU A 63 -23.80 -30.90 7.13
C LEU A 63 -24.38 -32.27 6.78
N LYS A 64 -25.29 -32.77 7.62
CA LYS A 64 -25.96 -34.03 7.31
C LYS A 64 -26.82 -33.91 6.07
N GLN A 65 -27.47 -32.75 5.90
CA GLN A 65 -28.28 -32.52 4.70
C GLN A 65 -27.42 -32.56 3.44
N ILE A 66 -26.28 -31.86 3.47
CA ILE A 66 -25.44 -31.88 2.28
C ILE A 66 -24.83 -33.26 2.06
N ARG A 67 -24.54 -33.99 3.14
CA ARG A 67 -24.02 -35.34 3.00
C ARG A 67 -25.04 -36.27 2.34
N VAL A 68 -26.29 -36.21 2.80
CA VAL A 68 -27.30 -37.08 2.21
C VAL A 68 -27.61 -36.66 0.78
N GLU A 69 -27.53 -35.36 0.47
CA GLU A 69 -27.68 -34.93 -0.92
C GLU A 69 -26.55 -35.48 -1.79
N LEU A 70 -25.32 -35.46 -1.28
CA LEU A 70 -24.21 -36.03 -2.02
C LEU A 70 -24.40 -37.53 -2.24
N ILE A 71 -24.86 -38.23 -1.20
CA ILE A 71 -25.08 -39.67 -1.32
C ILE A 71 -26.17 -39.96 -2.34
N ALA A 72 -27.27 -39.22 -2.31
CA ALA A 72 -28.36 -39.43 -3.24
C ALA A 72 -27.93 -39.13 -4.68
N ARG A 73 -27.18 -38.05 -4.89
CA ARG A 73 -26.75 -37.71 -6.24
C ARG A 73 -25.72 -38.70 -6.75
N ILE A 74 -24.76 -39.08 -5.92
CA ILE A 74 -23.71 -40.02 -6.29
C ILE A 74 -23.80 -41.23 -5.37
N PRO A 75 -24.44 -42.31 -5.82
CA PRO A 75 -24.53 -43.51 -4.96
C PRO A 75 -23.17 -44.11 -4.63
N SER A 76 -22.16 -43.91 -5.49
CA SER A 76 -20.86 -44.53 -5.27
C SER A 76 -20.14 -43.96 -4.05
N LEU A 77 -20.56 -42.81 -3.54
CA LEU A 77 -19.88 -42.19 -2.40
C LEU A 77 -20.06 -42.99 -1.11
N ARG A 78 -21.04 -43.89 -1.07
CA ARG A 78 -21.21 -44.72 0.13
C ARG A 78 -20.09 -45.74 0.26
N TRP A 79 -19.46 -46.11 -0.85
CA TRP A 79 -18.35 -47.06 -0.81
C TRP A 79 -17.18 -46.47 -0.02
N THR A 80 -16.60 -47.29 0.85
CA THR A 80 -15.48 -46.87 1.68
C THR A 80 -14.18 -47.51 1.16
N ARG A 81 -13.09 -47.27 1.90
CA ARG A 81 -11.77 -47.83 1.60
C ARG A 81 -11.26 -47.39 0.24
N SER A 82 -11.77 -46.28 -0.29
CA SER A 82 -11.35 -45.71 -1.57
C SER A 82 -11.50 -46.68 -2.74
N GLN A 83 -12.34 -47.71 -2.59
CA GLN A 83 -12.62 -48.62 -3.69
C GLN A 83 -13.52 -48.01 -4.75
N ARG A 84 -14.09 -46.84 -4.48
CA ARG A 84 -14.90 -46.12 -5.45
C ARG A 84 -14.02 -45.44 -6.49
N GLU A 85 -14.64 -45.00 -7.59
CA GLU A 85 -13.92 -44.29 -8.62
C GLU A 85 -13.81 -42.78 -8.33
N ILE A 86 -14.47 -42.29 -7.29
CA ILE A 86 -14.45 -40.88 -6.95
C ILE A 86 -13.38 -40.62 -5.91
N ALA A 87 -12.54 -39.62 -6.17
CA ALA A 87 -11.44 -39.26 -5.28
C ALA A 87 -11.76 -37.92 -4.60
N ILE A 88 -11.68 -37.91 -3.28
CA ILE A 88 -11.92 -36.70 -2.50
C ILE A 88 -10.61 -35.92 -2.42
N LEU A 89 -10.61 -34.69 -2.91
CA LEU A 89 -9.40 -33.89 -3.00
C LEU A 89 -9.54 -32.63 -2.17
N ILE A 90 -8.45 -32.27 -1.48
CA ILE A 90 -8.38 -31.04 -0.72
C ILE A 90 -7.84 -29.95 -1.65
N TRP A 91 -8.11 -28.68 -1.29
CA TRP A 91 -7.88 -27.50 -2.12
C TRP A 91 -6.63 -27.55 -3.00
N PRO A 92 -5.43 -27.78 -2.46
CA PRO A 92 -4.24 -27.67 -3.32
C PRO A 92 -4.22 -28.68 -4.46
N ARG A 93 -4.98 -29.77 -4.36
CA ARG A 93 -5.01 -30.80 -5.38
C ARG A 93 -6.16 -30.65 -6.37
N ILE A 94 -6.97 -29.61 -6.24
CA ILE A 94 -8.06 -29.34 -7.19
C ILE A 94 -7.70 -28.23 -8.17
N LEU A 95 -6.45 -27.78 -8.17
CA LEU A 95 -6.04 -26.73 -9.09
C LEU A 95 -6.22 -27.11 -10.56
N PRO A 96 -5.83 -28.30 -11.03
CA PRO A 96 -5.99 -28.60 -12.46
C PRO A 96 -7.42 -28.87 -12.90
N ILE A 97 -8.39 -28.88 -11.99
CA ILE A 97 -9.77 -29.18 -12.34
C ILE A 97 -10.70 -28.00 -12.05
N LEU A 98 -10.14 -26.80 -11.90
CA LEU A 98 -10.97 -25.62 -11.67
C LEU A 98 -11.84 -25.29 -12.87
N GLN A 99 -11.29 -25.45 -14.08
CA GLN A 99 -12.07 -25.18 -15.29
C GLN A 99 -13.17 -26.21 -15.50
N ALA A 100 -13.11 -27.36 -14.85
CA ALA A 100 -14.16 -28.36 -14.98
C ALA A 100 -15.47 -27.86 -14.38
N TYR A 101 -15.40 -27.17 -13.25
CA TYR A 101 -16.59 -26.63 -12.60
C TYR A 101 -17.14 -25.48 -13.44
N ASP A 102 -18.31 -25.67 -14.03
CA ASP A 102 -18.89 -24.69 -14.95
C ASP A 102 -20.15 -24.04 -14.41
N LEU A 103 -21.16 -24.83 -14.04
CA LEU A 103 -22.45 -24.31 -13.57
C LEU A 103 -23.07 -23.32 -14.56
N ARG A 104 -22.74 -23.44 -15.85
CA ARG A 104 -23.22 -22.47 -16.84
C ARG A 104 -24.74 -22.52 -16.95
N GLN A 105 -25.31 -23.71 -16.99
CA GLN A 105 -26.76 -23.83 -16.99
C GLN A 105 -27.29 -23.64 -15.57
N SER A 106 -28.59 -23.32 -15.48
CA SER A 106 -29.22 -22.98 -14.22
C SER A 106 -28.48 -21.86 -13.52
N MET A 107 -28.03 -20.88 -14.31
CA MET A 107 -27.28 -19.74 -13.80
C MET A 107 -27.43 -18.61 -14.80
N GLN A 108 -28.14 -17.55 -14.43
CA GLN A 108 -28.45 -16.48 -15.36
C GLN A 108 -27.82 -15.13 -15.01
N LEU A 109 -27.50 -14.88 -13.75
CA LEU A 109 -26.96 -13.58 -13.37
C LEU A 109 -25.64 -13.25 -14.06
N PRO A 110 -24.64 -14.14 -14.11
CA PRO A 110 -23.41 -13.78 -14.84
C PRO A 110 -23.64 -13.50 -16.32
N THR A 111 -24.54 -14.23 -16.97
CA THR A 111 -24.82 -13.97 -18.37
C THR A 111 -25.46 -12.60 -18.56
N VAL A 112 -26.40 -12.24 -17.67
CA VAL A 112 -27.02 -10.92 -17.74
C VAL A 112 -25.99 -9.84 -17.51
N TRP A 113 -25.08 -10.06 -16.57
CA TRP A 113 -24.02 -9.08 -16.29
C TRP A 113 -23.12 -8.89 -17.50
N GLU A 114 -22.71 -9.99 -18.14
CA GLU A 114 -21.85 -9.89 -19.31
C GLU A 114 -22.58 -9.19 -20.46
N LYS A 115 -23.86 -9.53 -20.69
CA LYS A 115 -24.61 -8.89 -21.76
C LYS A 115 -24.78 -7.40 -21.51
N LEU A 116 -25.08 -7.02 -20.26
CA LEU A 116 -25.23 -5.61 -19.93
C LEU A 116 -23.93 -4.85 -20.12
N THR A 117 -22.81 -5.43 -19.68
CA THR A 117 -21.52 -4.78 -19.85
C THR A 117 -21.19 -4.60 -21.33
N GLN A 118 -21.45 -5.64 -22.14
CA GLN A 118 -21.19 -5.53 -23.57
C GLN A 118 -22.06 -4.45 -24.21
N SER A 119 -23.35 -4.42 -23.86
CA SER A 119 -24.25 -3.45 -24.46
C SER A 119 -23.86 -2.03 -24.08
N THR A 120 -23.44 -1.82 -22.83
CA THR A 120 -23.02 -0.48 -22.41
C THR A 120 -21.71 -0.08 -23.07
N VAL A 121 -20.76 -1.02 -23.18
CA VAL A 121 -19.46 -0.68 -23.76
C VAL A 121 -19.59 -0.42 -25.26
N ASN A 122 -20.51 -1.09 -25.94
CA ASN A 122 -20.65 -0.90 -27.38
C ASN A 122 -21.04 0.52 -27.76
N LEU A 123 -21.52 1.33 -26.82
CA LEU A 123 -22.00 2.66 -27.11
C LEU A 123 -20.93 3.75 -27.00
N ILE A 124 -19.79 3.46 -26.37
CA ILE A 124 -18.81 4.49 -26.06
C ILE A 124 -17.41 4.18 -26.59
N SER A 125 -17.22 3.04 -27.27
CA SER A 125 -15.89 2.69 -27.75
C SER A 125 -15.38 3.71 -28.77
N ASP A 126 -16.21 4.04 -29.76
CA ASP A 126 -15.80 4.98 -30.80
C ASP A 126 -15.57 6.36 -30.22
N GLY A 127 -16.41 6.78 -29.27
CA GLY A 127 -16.22 8.08 -28.65
C GLY A 127 -14.90 8.17 -27.88
N LEU A 128 -14.53 7.10 -27.18
CA LEU A 128 -13.26 7.11 -26.47
C LEU A 128 -12.08 7.08 -27.44
N GLU A 129 -12.22 6.37 -28.55
CA GLU A 129 -11.19 6.41 -29.58
C GLU A 129 -11.00 7.83 -30.11
N ARG A 130 -12.11 8.52 -30.36
CA ARG A 130 -12.03 9.91 -30.81
C ARG A 130 -11.42 10.80 -29.74
N VAL A 131 -11.75 10.55 -28.47
CA VAL A 131 -11.18 11.35 -27.38
C VAL A 131 -9.67 11.21 -27.34
N VAL A 132 -9.17 9.98 -27.39
CA VAL A 132 -7.72 9.79 -27.30
C VAL A 132 -7.03 10.29 -28.57
N LEU A 133 -7.68 10.16 -29.74
CA LEU A 133 -7.12 10.74 -30.95
C LEU A 133 -6.98 12.25 -30.84
N HIS A 134 -8.02 12.92 -30.31
CA HIS A 134 -7.95 14.37 -30.11
C HIS A 134 -6.87 14.74 -29.11
N ILE A 135 -6.73 13.94 -28.05
CA ILE A 135 -5.69 14.21 -27.06
C ILE A 135 -4.31 14.12 -27.68
N SER A 136 -4.07 13.07 -28.49
CA SER A 136 -2.78 12.93 -29.15
C SER A 136 -2.53 14.08 -30.12
N ASN A 137 -3.55 14.47 -30.89
CA ASN A 137 -3.39 15.57 -31.83
C ASN A 137 -3.09 16.87 -31.10
N GLN A 138 -3.73 17.10 -29.96
CA GLN A 138 -3.51 18.34 -29.23
C GLN A 138 -2.16 18.36 -28.53
N LEU A 139 -1.68 17.21 -28.05
CA LEU A 139 -0.45 17.19 -27.27
C LEU A 139 0.81 16.98 -28.10
N THR A 140 0.68 16.49 -29.34
CA THR A 140 1.84 16.29 -30.19
C THR A 140 1.72 16.90 -31.58
N GLY A 141 0.51 17.19 -32.07
CA GLY A 141 0.33 17.62 -33.43
C GLY A 141 0.26 16.50 -34.44
N LYS A 142 0.42 15.25 -34.01
CA LYS A 142 0.36 14.09 -34.87
C LYS A 142 -0.58 13.06 -34.26
N PRO A 143 -1.25 12.26 -35.09
CA PRO A 143 -2.27 11.33 -34.58
C PRO A 143 -1.76 9.96 -34.15
N ASN A 144 -0.45 9.77 -34.00
CA ASN A 144 0.12 8.48 -33.66
C ASN A 144 0.97 8.57 -32.40
N LEU A 145 0.50 9.29 -31.38
CA LEU A 145 1.23 9.38 -30.13
C LEU A 145 1.14 8.06 -29.35
N PHE A 146 -0.07 7.49 -29.26
CA PHE A 146 -0.26 6.27 -28.49
C PHE A 146 -0.07 5.00 -29.30
N THR A 147 -0.06 5.10 -30.64
CA THR A 147 -0.01 3.92 -31.50
C THR A 147 1.33 3.75 -32.20
N ARG A 148 2.36 4.51 -31.81
CA ARG A 148 3.65 4.37 -32.46
C ARG A 148 4.33 3.05 -32.09
N SER A 149 4.35 2.72 -30.80
CA SER A 149 4.99 1.48 -30.37
C SER A 149 4.23 0.26 -30.86
N ARG A 150 2.91 0.36 -30.99
CA ARG A 150 2.10 -0.76 -31.46
C ARG A 150 2.01 -0.83 -32.98
N ALA A 151 2.54 0.15 -33.70
CA ALA A 151 2.48 0.14 -35.16
C ALA A 151 3.67 0.90 -35.74
N TYR A 158 0.48 -3.14 -35.27
CA TYR A 158 -0.15 -4.39 -34.86
C TYR A 158 -1.66 -4.23 -34.78
N SER A 159 -2.18 -4.29 -33.56
CA SER A 159 -3.62 -4.13 -33.31
C SER A 159 -3.82 -3.16 -32.16
N ILE A 160 -4.81 -2.27 -32.32
CA ILE A 160 -5.13 -1.26 -31.32
C ILE A 160 -6.40 -1.72 -30.60
N PRO A 161 -6.34 -2.10 -29.33
CA PRO A 161 -7.55 -2.56 -28.62
C PRO A 161 -8.35 -1.39 -28.11
N SER A 162 -9.61 -1.31 -28.51
CA SER A 162 -10.52 -0.29 -28.04
C SER A 162 -11.27 -0.82 -26.81
N THR A 163 -12.29 -0.08 -26.35
CA THR A 163 -13.05 -0.53 -25.19
C THR A 163 -13.89 -1.76 -25.53
N ARG A 164 -14.52 -1.78 -26.71
CA ARG A 164 -15.28 -2.95 -27.12
C ARG A 164 -14.38 -4.17 -27.28
N GLU A 165 -13.20 -3.99 -27.86
CA GLU A 165 -12.24 -5.08 -27.98
C GLU A 165 -11.80 -5.55 -26.61
N LEU A 166 -11.57 -4.62 -25.68
CA LEU A 166 -11.17 -5.00 -24.33
C LEU A 166 -12.26 -5.83 -23.66
N SER A 167 -13.52 -5.41 -23.79
CA SER A 167 -14.61 -6.18 -23.22
C SER A 167 -14.72 -7.56 -23.85
N GLN A 168 -14.55 -7.63 -25.18
CA GLN A 168 -14.64 -8.92 -25.86
C GLN A 168 -13.56 -9.88 -25.36
N ILE A 169 -12.32 -9.42 -25.30
CA ILE A 169 -11.23 -10.30 -24.86
C ILE A 169 -11.19 -10.48 -23.35
N TRP A 170 -11.98 -9.71 -22.60
CA TRP A 170 -12.10 -9.93 -21.17
C TRP A 170 -13.22 -10.90 -20.83
N PHE A 171 -14.26 -10.98 -21.64
CA PHE A 171 -15.38 -11.88 -21.40
C PHE A 171 -15.33 -13.15 -22.24
N ASN A 172 -14.43 -13.24 -23.22
CA ASN A 172 -14.37 -14.40 -24.10
C ASN A 172 -13.11 -15.24 -23.93
N ASN A 173 -12.11 -14.76 -23.21
CA ASN A 173 -10.87 -15.51 -23.05
C ASN A 173 -11.08 -16.66 -22.08
N GLU A 174 -10.01 -17.41 -21.82
CA GLU A 174 -10.06 -18.46 -20.83
C GLU A 174 -10.17 -17.86 -19.43
N TRP A 175 -10.59 -18.71 -18.48
CA TRP A 175 -10.87 -18.36 -17.09
C TRP A 175 -12.11 -17.49 -16.94
N SER A 176 -12.73 -17.04 -18.03
CA SER A 176 -13.91 -16.17 -17.90
C SER A 176 -15.08 -16.95 -17.33
N GLY A 177 -15.34 -18.14 -17.87
CA GLY A 177 -16.40 -18.98 -17.32
C GLY A 177 -16.13 -19.36 -15.87
N SER A 178 -14.88 -19.67 -15.55
CA SER A 178 -14.52 -20.01 -14.18
C SER A 178 -14.75 -18.82 -13.24
N VAL A 179 -14.36 -17.62 -13.67
CA VAL A 179 -14.59 -16.44 -12.85
C VAL A 179 -16.08 -16.21 -12.64
N LYS A 180 -16.87 -16.35 -13.70
CA LYS A 180 -18.33 -16.17 -13.55
C LYS A 180 -18.91 -17.19 -12.60
N THR A 181 -18.55 -18.48 -12.67
CA THR A 181 -19.09 -19.57 -11.80
C THR A 181 -18.59 -19.47 -10.37
N TRP A 182 -17.42 -18.93 -10.15
CA TRP A 182 -17.01 -18.74 -8.77
C TRP A 182 -17.53 -17.43 -8.19
N LEU A 183 -17.76 -16.42 -9.03
CA LEU A 183 -18.44 -15.22 -8.57
C LEU A 183 -19.87 -15.53 -8.14
N MET A 184 -20.58 -16.33 -8.93
CA MET A 184 -21.91 -16.74 -8.53
C MET A 184 -21.89 -17.57 -7.25
N ILE A 185 -20.91 -18.47 -7.13
CA ILE A 185 -20.81 -19.30 -5.93
C ILE A 185 -20.55 -18.43 -4.71
N LYS A 186 -19.63 -17.47 -4.82
CA LYS A 186 -19.33 -16.57 -3.71
C LYS A 186 -20.53 -15.71 -3.36
N TYR A 187 -21.25 -15.21 -4.36
CA TYR A 187 -22.44 -14.40 -4.09
C TYR A 187 -23.50 -15.20 -3.36
N ARG A 188 -23.76 -16.43 -3.82
CA ARG A 188 -24.74 -17.28 -3.16
C ARG A 188 -24.32 -17.63 -1.74
N MET A 189 -23.04 -17.91 -1.53
CA MET A 189 -22.60 -18.28 -0.19
C MET A 189 -22.62 -17.09 0.75
N ARG A 190 -22.32 -15.90 0.25
CA ARG A 190 -22.44 -14.70 1.06
C ARG A 190 -23.89 -14.43 1.42
N GLN A 191 -24.80 -14.65 0.46
CA GLN A 191 -26.23 -14.54 0.77
C GLN A 191 -26.62 -15.51 1.87
N LEU A 192 -26.15 -16.76 1.79
CA LEU A 192 -26.49 -17.77 2.78
C LEU A 192 -25.92 -17.39 4.15
N ILE A 193 -24.69 -16.87 4.19
CA ILE A 193 -24.09 -16.45 5.45
C ILE A 193 -24.88 -15.30 6.06
N THR A 194 -25.28 -14.34 5.24
CA THR A 194 -26.08 -13.22 5.74
C THR A 194 -27.42 -13.72 6.28
N ASN A 195 -28.07 -14.64 5.57
CA ASN A 195 -29.33 -15.20 6.05
C ASN A 195 -29.15 -15.94 7.37
N GLN A 196 -28.06 -16.70 7.49
CA GLN A 196 -27.81 -17.44 8.72
C GLN A 196 -27.53 -16.48 9.89
N LYS A 197 -26.85 -15.37 9.62
CA LYS A 197 -26.60 -14.40 10.68
C LYS A 197 -27.90 -13.82 11.22
N THR A 198 -28.87 -13.56 10.34
CA THR A 198 -30.16 -13.04 10.77
C THR A 198 -31.01 -14.09 11.49
N GLY A 199 -30.59 -15.35 11.48
CA GLY A 199 -31.35 -16.38 12.15
C GLY A 199 -32.52 -16.91 11.37
N GLU A 200 -32.47 -16.85 10.04
CA GLU A 200 -33.57 -17.37 9.22
C GLU A 200 -33.73 -18.87 9.41
N LEU A 201 -32.62 -19.62 9.44
CA LEU A 201 -32.59 -21.03 9.78
C LEU A 201 -33.30 -21.90 8.75
N THR A 202 -33.88 -21.29 7.74
CA THR A 202 -34.62 -22.00 6.70
C THR A 202 -33.94 -21.84 5.36
N ASP A 203 -34.08 -22.86 4.52
CA ASP A 203 -33.48 -22.94 3.18
C ASP A 203 -32.06 -22.39 3.17
N LEU A 204 -31.22 -22.97 4.02
CA LEU A 204 -29.81 -22.58 4.13
C LEU A 204 -28.88 -23.50 3.36
N VAL A 205 -29.43 -24.39 2.53
CA VAL A 205 -28.63 -25.27 1.68
C VAL A 205 -29.07 -25.03 0.24
N THR A 206 -28.13 -24.68 -0.62
CA THR A 206 -28.40 -24.37 -2.02
C THR A 206 -27.76 -25.43 -2.90
N ILE A 207 -28.56 -26.02 -3.78
CA ILE A 207 -28.09 -27.03 -4.72
C ILE A 207 -28.36 -26.52 -6.14
N VAL A 208 -27.33 -26.53 -6.97
CA VAL A 208 -27.46 -26.09 -8.35
C VAL A 208 -27.66 -27.28 -9.29
N ASP A 209 -26.97 -28.39 -9.04
CA ASP A 209 -27.17 -29.65 -9.76
C ASP A 209 -27.02 -29.46 -11.28
N THR A 210 -25.97 -28.74 -11.68
CA THR A 210 -25.63 -28.63 -13.08
C THR A 210 -25.18 -29.98 -13.62
N ARG A 211 -25.45 -30.21 -14.91
CA ARG A 211 -25.01 -31.44 -15.55
C ARG A 211 -23.49 -31.54 -15.51
N SER A 212 -23.00 -32.70 -15.08
CA SER A 212 -21.58 -33.01 -14.95
C SER A 212 -20.87 -32.16 -13.91
N THR A 213 -21.60 -31.36 -13.13
CA THR A 213 -20.98 -30.56 -12.07
C THR A 213 -22.05 -30.28 -11.01
N LEU A 214 -21.98 -30.97 -9.89
CA LEU A 214 -22.91 -30.79 -8.78
C LEU A 214 -22.23 -29.97 -7.69
N CYS A 215 -22.85 -28.86 -7.31
CA CYS A 215 -22.33 -27.98 -6.28
C CYS A 215 -23.40 -27.74 -5.22
N ILE A 216 -23.05 -27.93 -3.96
CA ILE A 216 -23.94 -27.69 -2.84
C ILE A 216 -23.32 -26.62 -1.96
N ILE A 217 -24.08 -25.55 -1.70
CA ILE A 217 -23.58 -24.38 -1.00
C ILE A 217 -24.21 -24.31 0.39
N THR A 218 -23.38 -24.12 1.39
CA THR A 218 -23.76 -24.01 2.79
C THR A 218 -23.02 -22.83 3.38
N PRO A 219 -23.61 -22.14 4.36
CA PRO A 219 -22.89 -21.03 5.01
C PRO A 219 -21.55 -21.43 5.61
N GLU A 220 -21.26 -22.72 5.76
CA GLU A 220 -20.01 -23.17 6.33
C GLU A 220 -19.01 -23.65 5.28
N LEU A 221 -19.45 -24.47 4.32
CA LEU A 221 -18.56 -24.97 3.29
C LEU A 221 -19.38 -25.40 2.08
N VAL A 222 -18.70 -25.53 0.94
CA VAL A 222 -19.33 -25.96 -0.30
C VAL A 222 -18.80 -27.34 -0.66
N ALA A 223 -19.62 -28.10 -1.39
CA ALA A 223 -19.26 -29.43 -1.86
C ALA A 223 -19.36 -29.43 -3.38
N LEU A 224 -18.21 -29.47 -4.05
CA LEU A 224 -18.15 -29.41 -5.51
C LEU A 224 -17.75 -30.78 -6.04
N TYR A 225 -18.57 -31.32 -6.93
CA TYR A 225 -18.33 -32.63 -7.53
C TYR A 225 -18.34 -32.48 -9.04
N SER A 226 -17.27 -32.92 -9.70
CA SER A 226 -17.15 -32.87 -11.15
C SER A 226 -17.25 -34.28 -11.70
N SER A 227 -18.23 -34.51 -12.57
CA SER A 227 -18.42 -35.84 -13.13
C SER A 227 -17.35 -36.18 -14.17
N GLU A 228 -16.84 -35.17 -14.88
CA GLU A 228 -15.84 -35.43 -15.91
C GLU A 228 -14.56 -36.01 -15.31
N HIS A 229 -14.11 -35.46 -14.18
CA HIS A 229 -12.90 -35.94 -13.53
C HIS A 229 -13.18 -36.84 -12.34
N LYS A 230 -14.44 -37.01 -11.95
CA LYS A 230 -14.83 -37.86 -10.82
C LYS A 230 -14.09 -37.47 -9.54
N ALA A 231 -13.99 -36.17 -9.30
CA ALA A 231 -13.30 -35.64 -8.12
C ALA A 231 -14.25 -34.74 -7.36
N LEU A 232 -14.39 -34.98 -6.07
CA LEU A 232 -15.23 -34.19 -5.19
C LEU A 232 -14.37 -33.46 -4.16
N THR A 233 -14.64 -32.18 -3.97
CA THR A 233 -13.85 -31.35 -3.07
C THR A 233 -14.77 -30.55 -2.16
N TYR A 234 -14.22 -30.16 -1.01
CA TYR A 234 -14.91 -29.31 -0.05
C TYR A 234 -14.08 -28.05 0.17
N LEU A 235 -14.75 -26.90 0.19
CA LEU A 235 -14.09 -25.61 0.35
C LEU A 235 -14.83 -24.80 1.41
N THR A 236 -14.07 -24.24 2.35
CA THR A 236 -14.64 -23.34 3.34
C THR A 236 -14.81 -21.95 2.73
N PHE A 237 -15.34 -21.02 3.52
CA PHE A 237 -15.60 -19.67 3.01
C PHE A 237 -14.31 -18.98 2.61
N GLU A 238 -13.28 -19.07 3.46
CA GLU A 238 -11.99 -18.46 3.12
C GLU A 238 -11.39 -19.11 1.89
N MET A 239 -11.55 -20.43 1.76
CA MET A 239 -11.07 -21.12 0.55
C MET A 239 -11.80 -20.62 -0.69
N VAL A 240 -13.11 -20.41 -0.59
CA VAL A 240 -13.87 -19.91 -1.73
C VAL A 240 -13.41 -18.51 -2.10
N LEU A 241 -13.21 -17.65 -1.10
CA LEU A 241 -12.72 -16.30 -1.37
C LEU A 241 -11.35 -16.33 -2.03
N MET A 242 -10.45 -17.19 -1.53
CA MET A 242 -9.12 -17.28 -2.12
C MET A 242 -9.18 -17.80 -3.56
N VAL A 243 -10.02 -18.80 -3.81
CA VAL A 243 -10.12 -19.36 -5.16
C VAL A 243 -10.66 -18.33 -6.13
N THR A 244 -11.71 -17.61 -5.74
CA THR A 244 -12.27 -16.61 -6.65
C THR A 244 -11.32 -15.42 -6.84
N ASP A 245 -10.57 -15.04 -5.80
CA ASP A 245 -9.58 -13.99 -5.97
C ASP A 245 -8.48 -14.42 -6.92
N MET A 246 -8.00 -15.66 -6.79
CA MET A 246 -6.96 -16.16 -7.68
C MET A 246 -7.47 -16.26 -9.11
N LEU A 247 -8.72 -16.70 -9.29
CA LEU A 247 -9.27 -16.79 -10.63
C LEU A 247 -9.45 -15.41 -11.26
N GLU A 248 -9.88 -14.43 -10.47
CA GLU A 248 -9.98 -13.06 -10.97
C GLU A 248 -8.61 -12.52 -11.35
N GLY A 249 -7.60 -12.80 -10.54
CA GLY A 249 -6.25 -12.38 -10.88
C GLY A 249 -5.74 -13.02 -12.15
N ARG A 250 -6.01 -14.32 -12.31
CA ARG A 250 -5.63 -15.01 -13.55
C ARG A 250 -6.33 -14.40 -14.75
N LEU A 251 -7.63 -14.10 -14.61
CA LEU A 251 -8.38 -13.47 -15.69
C LEU A 251 -7.78 -12.12 -16.07
N ASN A 252 -7.50 -11.28 -15.06
CA ASN A 252 -6.94 -9.97 -15.33
C ASN A 252 -5.58 -10.07 -16.01
N VAL A 253 -4.72 -10.96 -15.51
CA VAL A 253 -3.37 -11.09 -16.05
C VAL A 253 -3.43 -11.59 -17.50
N SER A 254 -4.22 -12.64 -17.75
CA SER A 254 -4.31 -13.19 -19.10
C SER A 254 -4.90 -12.17 -20.06
N SER A 255 -5.94 -11.45 -19.63
CA SER A 255 -6.57 -10.47 -20.52
C SER A 255 -5.64 -9.30 -20.81
N LEU A 256 -4.89 -8.83 -19.81
CA LEU A 256 -3.95 -7.74 -20.06
C LEU A 256 -2.82 -8.20 -20.98
N CYS A 257 -2.34 -9.43 -20.80
CA CYS A 257 -1.31 -9.95 -21.70
C CYS A 257 -1.85 -10.06 -23.13
N THR A 258 -3.13 -10.44 -23.28
CA THR A 258 -3.74 -10.50 -24.60
C THR A 258 -3.89 -9.11 -25.20
N ALA A 259 -4.18 -8.10 -24.36
CA ALA A 259 -4.51 -6.78 -24.86
C ALA A 259 -3.26 -5.99 -25.21
N SER A 260 -2.40 -5.73 -24.24
CA SER A 260 -1.23 -4.89 -24.45
C SER A 260 -0.22 -5.57 -25.33
N HIS A 261 0.28 -4.84 -26.33
CA HIS A 261 1.40 -5.33 -27.15
C HIS A 261 2.67 -5.47 -26.32
N TYR A 262 2.79 -4.68 -25.26
CA TYR A 262 3.96 -4.75 -24.39
C TYR A 262 4.03 -6.09 -23.67
N LEU A 263 2.90 -6.59 -23.19
CA LEU A 263 2.85 -7.81 -22.40
C LEU A 263 2.42 -9.03 -23.22
N SER A 264 2.33 -8.90 -24.54
CA SER A 264 1.92 -10.03 -25.36
C SER A 264 2.83 -11.25 -25.24
N PRO A 265 4.17 -11.13 -25.23
CA PRO A 265 4.99 -12.35 -25.10
C PRO A 265 4.79 -13.10 -23.81
N LEU A 266 4.27 -12.46 -22.76
CA LEU A 266 4.17 -13.12 -21.46
C LEU A 266 2.96 -14.04 -21.38
N LYS A 267 2.00 -13.92 -22.31
CA LYS A 267 0.75 -14.65 -22.18
C LYS A 267 0.96 -16.16 -22.23
N LYS A 268 1.65 -16.63 -23.28
CA LYS A 268 1.86 -18.07 -23.43
C LYS A 268 2.72 -18.61 -22.30
N ARG A 269 3.76 -17.87 -21.91
CA ARG A 269 4.63 -18.33 -20.83
C ARG A 269 3.86 -18.44 -19.52
N ILE A 270 3.03 -17.46 -19.21
CA ILE A 270 2.24 -17.50 -17.98
C ILE A 270 1.24 -18.65 -18.01
N GLU A 271 0.60 -18.86 -19.16
CA GLU A 271 -0.36 -19.97 -19.27
C GLU A 271 0.34 -21.32 -19.06
N VAL A 272 1.50 -21.51 -19.70
CA VAL A 272 2.22 -22.77 -19.55
C VAL A 272 2.70 -22.95 -18.12
N LEU A 273 3.19 -21.89 -17.48
CA LEU A 273 3.60 -21.98 -16.08
C LEU A 273 2.43 -22.33 -15.19
N LEU A 274 1.26 -21.72 -15.43
CA LEU A 274 0.08 -22.03 -14.62
C LEU A 274 -0.31 -23.49 -14.76
N THR A 275 -0.31 -24.01 -15.99
CA THR A 275 -0.66 -25.42 -16.19
C THR A 275 0.34 -26.34 -15.51
N LEU A 276 1.64 -26.05 -15.68
CA LEU A 276 2.67 -26.92 -15.11
C LEU A 276 2.59 -26.94 -13.59
N VAL A 277 2.45 -25.77 -12.97
CA VAL A 277 2.38 -25.74 -11.51
C VAL A 277 1.04 -26.26 -10.99
N ASP A 278 -0.04 -26.18 -11.77
CA ASP A 278 -1.28 -26.81 -11.35
C ASP A 278 -1.12 -28.33 -11.33
N ASP A 279 -0.51 -28.90 -12.36
CA ASP A 279 -0.24 -30.34 -12.36
C ASP A 279 0.68 -30.73 -11.21
N LEU A 280 1.70 -29.90 -10.96
CA LEU A 280 2.61 -30.15 -9.84
C LEU A 280 1.87 -30.11 -8.51
N ALA A 281 0.94 -29.15 -8.36
CA ALA A 281 0.15 -29.07 -7.13
C ALA A 281 -0.70 -30.31 -6.95
N LEU A 282 -1.35 -30.77 -8.02
CA LEU A 282 -2.13 -32.00 -7.94
C LEU A 282 -1.26 -33.18 -7.52
N LEU A 283 -0.05 -33.28 -8.08
CA LEU A 283 0.79 -34.44 -7.78
C LEU A 283 1.43 -34.35 -6.39
N MET A 284 1.67 -33.15 -5.88
CA MET A 284 2.43 -32.98 -4.64
C MET A 284 1.53 -32.72 -3.43
N GLY A 285 0.70 -31.68 -3.48
CA GLY A 285 -0.07 -31.29 -2.32
C GLY A 285 0.16 -29.84 -1.94
N ASP A 286 0.50 -29.60 -0.68
CA ASP A 286 0.81 -28.26 -0.21
C ASP A 286 2.29 -27.91 -0.35
N LYS A 287 3.11 -28.82 -0.87
CA LYS A 287 4.54 -28.59 -1.02
C LYS A 287 4.87 -27.89 -2.33
N VAL A 288 3.88 -27.59 -3.17
CA VAL A 288 4.14 -26.90 -4.42
C VAL A 288 4.39 -25.41 -4.20
N TYR A 289 4.03 -24.86 -3.03
CA TYR A 289 4.30 -23.46 -2.79
C TYR A 289 5.78 -23.21 -2.49
N GLY A 290 6.51 -24.24 -2.06
CA GLY A 290 7.96 -24.16 -2.06
C GLY A 290 8.50 -23.95 -3.47
N ILE A 291 7.93 -24.66 -4.44
CA ILE A 291 8.31 -24.46 -5.84
C ILE A 291 7.93 -23.06 -6.30
N VAL A 292 6.78 -22.56 -5.84
CA VAL A 292 6.37 -21.21 -6.20
C VAL A 292 7.36 -20.17 -5.68
N SER A 293 7.79 -20.32 -4.42
CA SER A 293 8.78 -19.42 -3.86
C SER A 293 10.13 -19.55 -4.59
N SER A 294 10.49 -20.78 -4.95
CA SER A 294 11.69 -20.99 -5.74
C SER A 294 11.61 -20.28 -7.08
N LEU A 295 10.42 -20.25 -7.69
CA LEU A 295 10.24 -19.50 -8.94
C LEU A 295 10.36 -18.00 -8.69
N GLU A 296 9.86 -17.52 -7.55
CA GLU A 296 10.03 -16.12 -7.18
C GLU A 296 11.51 -15.75 -7.14
N SER A 297 12.33 -16.61 -6.53
CA SER A 297 13.77 -16.36 -6.52
C SER A 297 14.39 -16.58 -7.90
N PHE A 298 13.83 -17.50 -8.69
CA PHE A 298 14.34 -17.77 -10.02
C PHE A 298 14.16 -16.60 -10.97
N VAL A 299 13.19 -15.73 -10.70
CA VAL A 299 13.09 -14.49 -11.50
C VAL A 299 14.38 -13.69 -11.38
N TYR A 300 14.84 -13.47 -10.14
CA TYR A 300 16.10 -12.75 -9.95
C TYR A 300 17.28 -13.55 -10.45
N ALA A 301 17.23 -14.87 -10.32
CA ALA A 301 18.31 -15.70 -10.86
C ALA A 301 18.44 -15.53 -12.37
N GLN A 302 17.30 -15.48 -13.07
CA GLN A 302 17.32 -15.25 -14.52
C GLN A 302 17.77 -13.84 -14.85
N LEU A 303 17.40 -12.86 -14.02
CA LEU A 303 17.90 -11.51 -14.23
C LEU A 303 19.43 -11.46 -14.12
N GLN A 304 19.99 -12.18 -13.15
CA GLN A 304 21.43 -12.25 -12.97
C GLN A 304 22.13 -13.04 -14.06
N TYR A 305 21.38 -13.80 -14.87
CA TYR A 305 21.99 -14.64 -15.89
C TYR A 305 22.63 -13.84 -17.03
N GLY A 306 22.32 -12.55 -17.14
CA GLY A 306 22.87 -11.73 -18.20
C GLY A 306 23.98 -10.81 -17.75
N ASP A 307 24.57 -11.09 -16.59
CA ASP A 307 25.60 -10.21 -16.05
C ASP A 307 26.87 -10.31 -16.91
N PRO A 308 27.53 -9.17 -17.16
CA PRO A 308 28.78 -9.21 -17.95
C PRO A 308 29.88 -10.03 -17.29
N VAL A 309 29.94 -10.06 -15.96
CA VAL A 309 31.01 -10.78 -15.28
C VAL A 309 30.74 -12.27 -15.36
N ILE A 310 31.74 -13.03 -15.80
CA ILE A 310 31.61 -14.47 -15.91
C ILE A 310 31.53 -15.12 -14.53
N ASP A 311 32.26 -14.57 -13.56
CA ASP A 311 32.33 -15.20 -12.21
C ASP A 311 31.00 -15.08 -11.46
N ILE A 312 30.15 -14.12 -11.83
CA ILE A 312 28.90 -13.88 -11.12
C ILE A 312 27.67 -14.19 -11.96
N LYS A 313 27.86 -14.63 -13.21
CA LYS A 313 26.74 -14.96 -14.08
C LYS A 313 26.42 -16.45 -13.96
N GLY A 314 25.17 -16.76 -13.62
CA GLY A 314 24.72 -18.13 -13.55
C GLY A 314 24.86 -18.80 -12.20
N THR A 315 25.47 -18.15 -11.22
CA THR A 315 25.59 -18.76 -9.89
C THR A 315 24.23 -18.90 -9.22
N PHE A 316 23.45 -17.81 -9.18
CA PHE A 316 22.12 -17.88 -8.59
C PHE A 316 21.20 -18.80 -9.39
N TYR A 317 21.35 -18.80 -10.71
CA TYR A 317 20.57 -19.70 -11.55
C TYR A 317 20.81 -21.15 -11.16
N GLY A 318 22.08 -21.55 -11.05
CA GLY A 318 22.39 -22.92 -10.68
C GLY A 318 21.94 -23.26 -9.27
N PHE A 319 22.11 -22.32 -8.34
CA PHE A 319 21.69 -22.59 -6.97
C PHE A 319 20.18 -22.77 -6.88
N ILE A 320 19.42 -21.92 -7.56
CA ILE A 320 17.97 -22.03 -7.54
C ILE A 320 17.51 -23.31 -8.23
N CYS A 321 18.19 -23.70 -9.31
CA CYS A 321 17.87 -24.97 -9.96
C CYS A 321 18.11 -26.14 -9.03
N ASN A 322 19.22 -26.11 -8.29
CA ASN A 322 19.48 -27.16 -7.31
C ASN A 322 18.42 -27.19 -6.22
N GLU A 323 17.99 -26.02 -5.76
CA GLU A 323 16.95 -25.95 -4.74
C GLU A 323 15.63 -26.52 -5.26
N ILE A 324 15.28 -26.21 -6.52
CA ILE A 324 14.06 -26.73 -7.11
C ILE A 324 14.14 -28.25 -7.23
N LEU A 325 15.30 -28.77 -7.64
CA LEU A 325 15.47 -30.21 -7.73
C LEU A 325 15.34 -30.87 -6.36
N ASP A 326 15.96 -30.16 -5.33
CA ASP A 326 15.79 -30.77 -3.99
C ASP A 326 14.32 -30.78 -3.64
N LEU A 327 13.62 -29.74 -3.79
CA LEU A 327 12.21 -29.70 -3.41
C LEU A 327 11.41 -30.77 -4.17
N LEU A 328 11.70 -30.94 -5.45
CA LEU A 328 10.97 -31.91 -6.27
C LEU A 328 11.23 -33.34 -5.79
N THR A 329 12.47 -33.65 -5.45
CA THR A 329 12.85 -35.02 -5.06
C THR A 329 12.86 -35.22 -3.55
N GLU A 330 12.37 -34.26 -2.77
CA GLU A 330 12.42 -34.39 -1.32
C GLU A 330 11.59 -35.56 -0.82
N ASP A 331 10.35 -35.67 -1.29
CA ASP A 331 9.44 -36.73 -0.86
C ASP A 331 9.33 -37.86 -1.88
N ASN A 332 10.24 -37.91 -2.85
CA ASN A 332 10.31 -38.99 -3.83
C ASN A 332 9.04 -39.10 -4.67
N ILE A 333 8.36 -37.97 -4.89
CA ILE A 333 7.24 -37.96 -5.84
C ILE A 333 7.75 -38.18 -7.25
N PHE A 334 8.85 -37.53 -7.60
CA PHE A 334 9.49 -37.68 -8.90
C PHE A 334 10.88 -38.26 -8.73
N THR A 335 11.31 -39.07 -9.70
CA THR A 335 12.69 -39.52 -9.73
C THR A 335 13.60 -38.41 -10.25
N GLU A 336 14.88 -38.72 -10.41
CA GLU A 336 15.83 -37.70 -10.84
C GLU A 336 15.49 -37.18 -12.24
N GLU A 337 15.16 -38.09 -13.16
CA GLU A 337 14.90 -37.66 -14.53
C GLU A 337 13.60 -36.88 -14.64
N GLU A 338 12.56 -37.30 -13.90
CA GLU A 338 11.30 -36.56 -13.92
C GLU A 338 11.47 -35.18 -13.30
N ALA A 339 12.21 -35.09 -12.19
CA ALA A 339 12.48 -33.80 -11.57
C ALA A 339 13.28 -32.91 -12.51
N ASN A 340 14.25 -33.48 -13.23
CA ASN A 340 15.03 -32.70 -14.18
C ASN A 340 14.16 -32.18 -15.31
N LYS A 341 13.25 -33.02 -15.83
CA LYS A 341 12.34 -32.57 -16.87
C LYS A 341 11.41 -31.47 -16.37
N VAL A 342 10.91 -31.61 -15.15
CA VAL A 342 10.03 -30.58 -14.57
C VAL A 342 10.79 -29.27 -14.42
N LEU A 343 12.04 -29.35 -13.94
CA LEU A 343 12.85 -28.15 -13.80
C LEU A 343 13.10 -27.50 -15.15
N LEU A 344 13.40 -28.29 -16.17
CA LEU A 344 13.62 -27.72 -17.50
C LEU A 344 12.37 -27.04 -18.02
N ASP A 345 11.21 -27.65 -17.84
CA ASP A 345 9.96 -27.04 -18.27
C ASP A 345 9.69 -25.75 -17.53
N LEU A 346 9.95 -25.73 -16.22
CA LEU A 346 9.72 -24.51 -15.43
C LEU A 346 10.66 -23.39 -15.86
N THR A 347 11.93 -23.71 -16.10
CA THR A 347 12.92 -22.69 -16.44
C THR A 347 12.78 -22.21 -17.87
N SER A 348 12.27 -23.03 -18.78
CA SER A 348 12.18 -22.64 -20.18
C SER A 348 11.21 -21.49 -20.40
N GLN A 349 10.34 -21.19 -19.42
CA GLN A 349 9.39 -20.11 -19.55
C GLN A 349 9.99 -18.75 -19.20
N PHE A 350 11.20 -18.72 -18.66
CA PHE A 350 11.84 -17.47 -18.26
C PHE A 350 12.94 -17.03 -19.23
N ASP A 351 13.35 -17.89 -20.15
CA ASP A 351 14.43 -17.58 -21.06
C ASP A 351 13.95 -16.67 -22.19
N ASN A 352 14.92 -16.02 -22.83
CA ASN A 352 14.66 -15.17 -24.00
C ASN A 352 13.62 -14.10 -23.71
N LEU A 353 13.76 -13.45 -22.56
CA LEU A 353 12.87 -12.38 -22.15
C LEU A 353 13.66 -11.15 -21.80
N SER A 354 13.10 -9.98 -22.09
CA SER A 354 13.70 -8.73 -21.71
C SER A 354 13.69 -8.59 -20.18
N PRO A 355 14.61 -7.80 -19.62
CA PRO A 355 14.64 -7.67 -18.15
C PRO A 355 13.34 -7.18 -17.57
N ASP A 356 12.63 -6.29 -18.27
CA ASP A 356 11.36 -5.80 -17.77
C ASP A 356 10.34 -6.93 -17.65
N LEU A 357 10.24 -7.78 -18.68
CA LEU A 357 9.29 -8.89 -18.63
C LEU A 357 9.74 -9.94 -17.63
N THR A 358 11.04 -10.17 -17.51
CA THR A 358 11.54 -11.11 -16.52
C THR A 358 11.18 -10.67 -15.10
N ALA A 359 10.95 -9.40 -14.92
CA ALA A 359 10.49 -8.96 -13.60
C ALA A 359 8.96 -8.94 -13.53
N GLU A 360 8.29 -8.93 -14.67
CA GLU A 360 6.81 -8.96 -14.67
C GLU A 360 6.37 -10.40 -14.75
N LEU A 361 7.12 -11.32 -14.19
CA LEU A 361 6.72 -12.72 -14.08
C LEU A 361 6.85 -12.89 -12.59
N LEU A 362 6.87 -11.78 -11.88
CA LEU A 362 6.83 -11.85 -10.42
C LEU A 362 5.38 -11.58 -10.06
N CYS A 363 4.46 -11.51 -11.03
CA CYS A 363 3.03 -11.41 -10.81
C CYS A 363 2.38 -12.74 -10.47
N ILE A 364 3.01 -13.85 -10.86
CA ILE A 364 2.40 -15.18 -10.72
C ILE A 364 2.49 -15.73 -9.30
N MET A 365 3.08 -14.98 -8.36
CA MET A 365 3.21 -15.50 -7.00
C MET A 365 1.85 -15.75 -6.36
N ARG A 366 0.90 -14.85 -6.57
CA ARG A 366 -0.43 -14.97 -6.00
C ARG A 366 -1.41 -15.67 -6.93
N LEU A 367 -0.95 -16.18 -8.07
CA LEU A 367 -1.82 -16.79 -9.06
C LEU A 367 -2.13 -18.25 -8.78
N TRP A 368 -1.51 -18.85 -7.76
CA TRP A 368 -1.78 -20.24 -7.39
C TRP A 368 -2.41 -20.36 -6.01
N GLY A 369 -3.03 -19.28 -5.52
CA GLY A 369 -3.64 -19.35 -4.21
C GLY A 369 -2.61 -19.36 -3.10
N HIS A 370 -3.05 -19.85 -1.95
CA HIS A 370 -2.22 -19.93 -0.76
C HIS A 370 -2.35 -21.30 -0.10
N PRO A 371 -1.30 -21.78 0.53
CA PRO A 371 -1.36 -23.12 1.14
C PRO A 371 -2.27 -23.14 2.36
N THR A 372 -2.75 -24.35 2.66
CA THR A 372 -3.53 -24.58 3.88
C THR A 372 -2.56 -24.69 5.05
N LEU A 373 -2.69 -23.78 6.01
CA LEU A 373 -1.71 -23.67 7.09
C LEU A 373 -2.12 -24.51 8.29
N THR A 374 -1.10 -25.02 8.99
CA THR A 374 -1.26 -25.74 10.24
C THR A 374 -0.36 -25.10 11.28
N ALA A 375 -0.86 -24.96 12.50
CA ALA A 375 -0.11 -24.27 13.54
C ALA A 375 1.19 -25.00 13.87
N SER A 376 1.15 -26.33 13.91
CA SER A 376 2.36 -27.09 14.23
C SER A 376 3.45 -26.88 13.19
N GLN A 377 3.09 -26.93 11.91
CA GLN A 377 4.08 -26.71 10.85
C GLN A 377 4.65 -25.31 10.90
N ALA A 378 3.80 -24.31 11.16
CA ALA A 378 4.28 -22.93 11.26
C ALA A 378 5.21 -22.76 12.45
N ALA A 379 4.90 -23.40 13.57
CA ALA A 379 5.76 -23.29 14.75
C ALA A 379 7.06 -24.05 14.57
N SER A 380 7.07 -25.10 13.73
CA SER A 380 8.29 -25.90 13.56
C SER A 380 9.43 -25.07 12.98
N LYS A 381 9.14 -24.22 11.99
CA LYS A 381 10.19 -23.44 11.35
C LYS A 381 10.83 -22.48 12.34
N VAL A 382 10.02 -21.72 13.08
CA VAL A 382 10.57 -20.76 14.03
C VAL A 382 11.28 -21.48 15.17
N ARG A 383 10.76 -22.63 15.61
CA ARG A 383 11.45 -23.39 16.65
C ARG A 383 12.78 -23.95 16.16
N GLU A 384 12.89 -24.22 14.86
CA GLU A 384 14.17 -24.66 14.31
C GLU A 384 15.16 -23.50 14.23
N SER A 385 14.71 -22.35 13.73
CA SER A 385 15.59 -21.19 13.62
C SER A 385 15.90 -20.61 14.99
N MET A 386 14.86 -20.18 15.71
CA MET A 386 15.01 -19.67 17.06
C MET A 386 15.26 -20.84 18.03
N CYS A 387 15.57 -20.49 19.28
CA CYS A 387 15.86 -21.47 20.31
C CYS A 387 16.99 -22.41 19.89
N ALA A 388 18.03 -21.84 19.28
CA ALA A 388 19.15 -22.63 18.80
C ALA A 388 20.46 -22.08 19.32
N PRO A 389 21.43 -22.95 19.60
CA PRO A 389 22.75 -22.45 20.02
C PRO A 389 23.42 -21.65 18.91
N LYS A 390 24.19 -20.66 19.31
CA LYS A 390 24.84 -19.77 18.34
C LYS A 390 26.14 -19.26 18.95
N VAL A 391 27.23 -19.43 18.21
CA VAL A 391 28.55 -18.99 18.64
C VAL A 391 28.84 -17.63 18.04
N LEU A 392 29.26 -16.68 18.88
CA LEU A 392 29.43 -15.30 18.48
C LEU A 392 30.87 -14.86 18.70
N ASP A 393 31.36 -14.00 17.81
CA ASP A 393 32.74 -13.50 17.86
C ASP A 393 32.78 -12.22 18.69
N PHE A 394 33.50 -12.26 19.80
CA PHE A 394 33.60 -11.10 20.67
C PHE A 394 34.27 -9.93 19.97
N GLN A 395 35.35 -10.20 19.23
CA GLN A 395 36.07 -9.15 18.54
C GLN A 395 35.19 -8.45 17.51
N THR A 396 34.42 -9.22 16.75
CA THR A 396 33.50 -8.63 15.79
C THR A 396 32.44 -7.77 16.47
N ILE A 397 31.92 -8.25 17.61
CA ILE A 397 30.91 -7.49 18.35
C ILE A 397 31.48 -6.15 18.79
N MET A 398 32.69 -6.15 19.33
CA MET A 398 33.28 -4.89 19.80
C MET A 398 33.69 -3.98 18.65
N LYS A 399 34.15 -4.53 17.52
CA LYS A 399 34.43 -3.68 16.37
C LYS A 399 33.14 -3.03 15.86
N THR A 400 32.06 -3.80 15.78
CA THR A 400 30.78 -3.24 15.37
C THR A 400 30.29 -2.18 16.35
N LEU A 401 30.49 -2.41 17.65
CA LEU A 401 30.10 -1.42 18.65
C LEU A 401 30.93 -0.14 18.52
N ALA A 402 32.22 -0.27 18.25
CA ALA A 402 33.06 0.91 18.06
C ALA A 402 32.62 1.71 16.85
N PHE A 403 32.30 1.02 15.75
CA PHE A 403 31.82 1.76 14.57
C PHE A 403 30.43 2.32 14.80
N PHE A 404 29.61 1.66 15.63
CA PHE A 404 28.33 2.22 16.04
C PHE A 404 28.52 3.52 16.80
N HIS A 405 29.49 3.55 17.71
CA HIS A 405 29.82 4.78 18.41
C HIS A 405 30.28 5.85 17.45
N ALA A 406 31.14 5.49 16.49
CA ALA A 406 31.64 6.47 15.53
C ALA A 406 30.52 7.06 14.69
N ILE A 407 29.61 6.22 14.19
CA ILE A 407 28.51 6.70 13.38
C ILE A 407 27.57 7.57 14.20
N LEU A 408 27.29 7.18 15.45
CA LEU A 408 26.44 7.99 16.30
C LEU A 408 27.06 9.35 16.58
N ILE A 409 28.37 9.39 16.84
CA ILE A 409 29.04 10.66 17.09
C ILE A 409 29.01 11.54 15.85
N ASN A 410 29.30 10.96 14.68
CA ASN A 410 29.29 11.74 13.44
C ASN A 410 27.88 12.23 13.11
N GLY A 411 26.86 11.45 13.44
CA GLY A 411 25.49 11.89 13.20
C GLY A 411 25.02 12.95 14.17
N TYR A 412 25.49 12.90 15.42
CA TYR A 412 25.21 14.01 16.33
C TYR A 412 25.94 15.27 15.88
N ARG A 413 27.16 15.12 15.37
CA ARG A 413 27.76 16.19 14.61
C ARG A 413 27.01 16.37 13.28
N ARG A 414 27.38 17.41 12.54
CA ARG A 414 26.68 17.82 11.32
C ARG A 414 25.32 18.38 11.71
N SER A 415 24.99 18.28 12.99
CA SER A 415 23.86 18.93 13.62
C SER A 415 24.31 19.38 15.00
N HIS A 416 23.43 20.10 15.70
CA HIS A 416 23.74 20.61 17.04
C HIS A 416 25.02 21.44 17.03
N ASN A 417 25.21 22.22 15.97
CA ASN A 417 26.36 23.10 15.80
C ASN A 417 27.68 22.34 15.80
N GLY A 418 27.66 21.08 15.37
CA GLY A 418 28.89 20.30 15.28
C GLY A 418 29.60 20.09 16.59
N ILE A 419 28.85 19.78 17.65
CA ILE A 419 29.40 19.62 18.99
C ILE A 419 29.24 18.15 19.39
N TRP A 420 30.29 17.58 19.95
CA TRP A 420 30.26 16.18 20.35
C TRP A 420 29.21 15.96 21.44
N PRO A 421 28.56 14.81 21.47
CA PRO A 421 27.64 14.51 22.57
C PRO A 421 28.41 14.30 23.86
N PRO A 422 27.75 14.43 25.02
CA PRO A 422 28.44 14.15 26.29
C PRO A 422 28.96 12.73 26.34
N THR A 423 30.29 12.58 26.35
CA THR A 423 30.93 11.28 26.26
C THR A 423 31.97 11.13 27.35
N THR A 424 32.21 9.88 27.74
CA THR A 424 33.23 9.54 28.71
C THR A 424 34.27 8.65 28.05
N LEU A 425 35.53 9.04 28.15
CA LEU A 425 36.64 8.33 27.53
C LEU A 425 37.21 7.31 28.50
N HIS A 426 37.49 6.11 28.00
CA HIS A 426 38.07 5.06 28.82
C HIS A 426 39.53 5.38 29.14
N GLY A 427 40.14 4.60 30.03
CA GLY A 427 41.52 4.92 30.47
C GLY A 427 42.59 4.64 29.42
N ASN A 428 42.31 3.79 28.44
CA ASN A 428 43.29 3.40 27.40
C ASN A 428 42.91 4.04 26.10
N ALA A 429 42.25 5.19 26.14
CA ALA A 429 42.16 6.04 24.96
C ALA A 429 43.51 6.70 24.67
N PRO A 430 43.93 6.73 23.40
CA PRO A 430 45.19 7.38 23.06
C PRO A 430 45.03 8.90 23.01
N LYS A 431 46.17 9.58 22.84
CA LYS A 431 46.21 11.03 22.84
C LYS A 431 45.39 11.59 21.67
N SER A 432 45.42 10.91 20.51
CA SER A 432 44.64 11.37 19.37
C SER A 432 43.16 11.40 19.70
N LEU A 433 42.66 10.37 20.39
CA LEU A 433 41.26 10.40 20.82
C LEU A 433 41.02 11.52 21.82
N ILE A 434 42.00 11.80 22.69
CA ILE A 434 41.88 12.89 23.65
C ILE A 434 41.66 14.21 22.90
N GLU A 435 42.50 14.48 21.91
CA GLU A 435 42.40 15.75 21.19
C GLU A 435 41.16 15.81 20.32
N MET A 436 40.74 14.67 19.75
CA MET A 436 39.54 14.66 18.93
C MET A 436 38.29 14.94 19.77
N ARG A 437 38.24 14.37 20.98
CA ARG A 437 37.16 14.71 21.90
C ARG A 437 37.24 16.18 22.31
N HIS A 438 38.45 16.68 22.55
CA HIS A 438 38.62 18.09 22.91
C HIS A 438 38.26 19.01 21.75
N ASP A 439 38.74 18.70 20.55
CA ASP A 439 38.54 19.52 19.37
C ASP A 439 37.10 19.42 18.86
N ASN A 440 36.46 18.26 19.00
CA ASN A 440 35.16 17.98 18.40
C ASN A 440 35.23 18.04 16.87
N SER A 441 36.08 17.18 16.34
CA SER A 441 36.25 17.02 14.89
C SER A 441 35.58 15.74 14.43
N GLU A 442 35.50 15.58 13.11
CA GLU A 442 34.85 14.42 12.53
C GLU A 442 35.69 13.17 12.76
N LEU A 443 35.04 12.10 13.22
CA LEU A 443 35.70 10.82 13.45
C LEU A 443 35.83 10.09 12.12
N LYS A 444 37.02 10.12 11.54
CA LYS A 444 37.26 9.43 10.28
C LYS A 444 37.16 7.92 10.48
N TYR A 445 36.43 7.26 9.59
CA TYR A 445 36.21 5.81 9.73
C TYR A 445 37.52 5.04 9.67
N GLU A 446 38.47 5.49 8.85
CA GLU A 446 39.78 4.86 8.82
C GLU A 446 40.47 4.97 10.18
N TYR A 447 40.33 6.12 10.84
CA TYR A 447 40.86 6.26 12.19
C TYR A 447 40.14 5.34 13.16
N VAL A 448 38.82 5.22 13.03
CA VAL A 448 38.05 4.39 13.95
C VAL A 448 38.42 2.93 13.82
N LEU A 449 38.76 2.48 12.60
CA LEU A 449 39.17 1.09 12.40
C LEU A 449 40.35 0.74 13.31
N LYS A 450 41.35 1.61 13.35
CA LYS A 450 42.40 1.47 14.33
C LYS A 450 41.92 1.95 15.70
N ASN A 451 42.55 1.45 16.75
CA ASN A 451 42.19 1.80 18.12
C ASN A 451 40.70 1.55 18.39
N TRP A 452 40.18 0.46 17.81
CA TRP A 452 38.77 0.13 18.03
C TRP A 452 38.50 -0.20 19.49
N LYS A 453 39.51 -0.69 20.22
CA LYS A 453 39.35 -0.93 21.64
C LYS A 453 39.13 0.36 22.41
N SER A 454 39.58 1.49 21.89
CA SER A 454 39.35 2.79 22.50
C SER A 454 38.10 3.47 21.99
N ILE A 455 37.75 3.28 20.72
CA ILE A 455 36.47 3.79 20.21
C ILE A 455 35.32 3.10 20.93
N SER A 456 35.43 1.78 21.13
CA SER A 456 34.51 1.08 22.00
C SER A 456 34.83 1.43 23.46
N MET A 457 33.98 0.92 24.36
CA MET A 457 34.04 1.27 25.79
C MET A 457 33.93 2.77 26.00
N LEU A 458 33.23 3.43 25.08
CA LEU A 458 32.98 4.87 25.13
C LEU A 458 31.53 5.09 25.55
N ARG A 459 31.35 5.61 26.77
CA ARG A 459 30.00 5.87 27.26
C ARG A 459 29.51 7.20 26.72
N ILE A 460 28.43 7.14 25.93
CA ILE A 460 27.77 8.35 25.46
C ILE A 460 26.65 8.68 26.44
N HIS A 461 26.74 9.85 27.06
CA HIS A 461 25.80 10.24 28.11
C HIS A 461 24.50 10.72 27.48
N LYS A 462 23.63 11.29 28.32
CA LYS A 462 22.32 11.74 27.87
C LYS A 462 22.43 12.80 26.78
N CYS A 463 21.90 12.49 25.59
CA CYS A 463 21.94 13.43 24.46
C CYS A 463 20.60 14.09 24.19
N PHE A 464 19.50 13.33 24.27
CA PHE A 464 18.18 13.83 23.90
C PHE A 464 17.30 13.93 25.14
N ASP A 465 16.51 14.99 25.21
CA ASP A 465 15.43 15.09 26.20
C ASP A 465 14.15 14.45 25.65
N ALA A 466 14.28 13.21 25.19
CA ALA A 466 13.17 12.54 24.52
C ALA A 466 12.07 12.21 25.52
N SER A 467 10.82 12.43 25.11
CA SER A 467 9.67 12.11 25.93
C SER A 467 8.85 11.02 25.25
N PRO A 468 8.42 10.00 26.01
CA PRO A 468 7.56 8.96 25.41
C PRO A 468 6.30 9.49 24.78
N ASP A 469 5.70 10.55 25.35
CA ASP A 469 4.49 11.14 24.82
C ASP A 469 4.75 12.22 23.78
N GLU A 470 5.93 12.20 23.15
CA GLU A 470 6.24 13.19 22.13
C GLU A 470 5.32 13.05 20.92
N ASP A 471 5.03 11.82 20.51
CA ASP A 471 4.17 11.55 19.37
C ASP A 471 2.85 10.96 19.87
N LEU A 472 1.74 11.50 19.37
CA LEU A 472 0.42 11.04 19.76
C LEU A 472 -0.16 10.01 18.80
N SER A 473 0.28 10.04 17.53
CA SER A 473 -0.29 9.13 16.53
C SER A 473 0.05 7.67 16.82
N ILE A 474 1.15 7.42 17.53
CA ILE A 474 1.56 6.03 17.79
C ILE A 474 0.57 5.35 18.71
N PHE A 475 0.03 6.07 19.69
CA PHE A 475 -0.89 5.48 20.65
C PHE A 475 -2.28 5.24 20.07
N MET A 476 -2.59 5.82 18.91
CA MET A 476 -3.93 5.75 18.34
C MET A 476 -4.07 4.66 17.28
N LYS A 477 -3.03 3.85 17.09
CA LYS A 477 -3.06 2.78 16.09
C LYS A 477 -3.36 1.47 16.80
N ASP A 478 -4.40 0.77 16.33
CA ASP A 478 -4.82 -0.47 16.97
C ASP A 478 -3.86 -1.60 16.62
N LYS A 479 -3.39 -2.31 17.64
CA LYS A 479 -2.52 -3.46 17.47
C LYS A 479 -3.15 -4.66 18.17
N ALA A 480 -2.93 -5.84 17.59
CA ALA A 480 -3.47 -7.06 18.18
C ALA A 480 -2.79 -7.34 19.51
N ILE A 481 -3.59 -7.63 20.53
CA ILE A 481 -3.09 -7.94 21.87
C ILE A 481 -3.58 -9.32 22.26
N SER A 482 -2.69 -10.10 22.89
CA SER A 482 -3.00 -11.46 23.28
C SER A 482 -3.67 -11.49 24.65
N CYS A 483 -4.29 -12.63 24.95
CA CYS A 483 -4.92 -12.83 26.24
C CYS A 483 -3.85 -13.07 27.30
N PRO A 484 -4.19 -12.87 28.58
CA PRO A 484 -3.26 -13.21 29.66
C PRO A 484 -2.81 -14.68 29.61
N ARG A 485 -1.78 -15.01 30.36
CA ARG A 485 -1.22 -16.36 30.37
C ARG A 485 -2.18 -17.39 30.97
N GLN A 486 -3.25 -16.94 31.63
CA GLN A 486 -4.24 -17.85 32.19
C GLN A 486 -5.38 -18.16 31.23
N ASP A 487 -5.72 -17.24 30.33
CA ASP A 487 -6.75 -17.45 29.32
C ASP A 487 -6.16 -17.80 27.96
N TRP A 488 -4.96 -18.40 27.94
CA TRP A 488 -4.29 -18.67 26.68
C TRP A 488 -5.00 -19.74 25.85
N MET A 489 -5.85 -20.55 26.47
CA MET A 489 -6.61 -21.55 25.74
C MET A 489 -7.95 -21.04 25.23
N GLY A 490 -8.26 -19.76 25.46
CA GLY A 490 -9.52 -19.21 24.98
C GLY A 490 -9.55 -18.96 23.48
N VAL A 491 -8.38 -18.93 22.83
CA VAL A 491 -8.34 -18.71 21.39
C VAL A 491 -8.91 -19.90 20.64
N PHE A 492 -8.74 -21.11 21.18
CA PHE A 492 -9.21 -22.31 20.52
C PHE A 492 -10.74 -22.42 20.60
N ARG A 493 -11.30 -23.17 19.65
CA ARG A 493 -12.75 -23.36 19.62
C ARG A 493 -13.22 -24.10 20.88
N ARG A 494 -14.37 -23.69 21.38
CA ARG A 494 -14.88 -24.25 22.63
C ARG A 494 -15.21 -25.74 22.48
N SER A 495 -15.70 -26.14 21.32
CA SER A 495 -16.08 -27.55 21.11
C SER A 495 -14.89 -28.48 21.23
N LEU A 496 -13.73 -28.06 20.73
CA LEU A 496 -12.54 -28.91 20.73
C LEU A 496 -11.92 -29.04 22.12
N ILE A 497 -11.99 -27.98 22.93
CA ILE A 497 -11.34 -27.99 24.25
C ILE A 497 -12.31 -28.33 25.38
N LYS A 498 -13.61 -28.43 25.11
CA LYS A 498 -14.58 -28.72 26.16
C LYS A 498 -14.33 -30.09 26.78
N GLN A 499 -14.06 -31.10 25.94
CA GLN A 499 -13.81 -32.44 26.47
C GLN A 499 -12.53 -32.48 27.30
N ARG A 500 -11.49 -31.79 26.84
CA ARG A 500 -10.24 -31.75 27.61
C ARG A 500 -10.45 -31.09 28.96
N TYR A 501 -11.22 -29.99 28.99
CA TYR A 501 -11.44 -29.30 30.26
C TYR A 501 -12.39 -30.06 31.16
N ARG A 502 -13.29 -30.87 30.59
CA ARG A 502 -14.15 -31.70 31.42
C ARG A 502 -13.37 -32.87 32.03
N ASP A 503 -12.46 -33.46 31.26
CA ASP A 503 -11.64 -34.55 31.78
C ASP A 503 -10.73 -34.06 32.90
N ALA A 504 -10.14 -32.88 32.74
CA ALA A 504 -9.25 -32.32 33.74
C ALA A 504 -9.99 -31.64 34.89
N ASN A 505 -11.31 -31.50 34.79
CA ASN A 505 -12.13 -30.86 35.82
C ASN A 505 -11.65 -29.44 36.12
N ARG A 506 -11.50 -28.64 35.07
CA ARG A 506 -11.10 -27.26 35.19
C ARG A 506 -12.10 -26.37 34.46
N PRO A 507 -12.30 -25.13 34.93
CA PRO A 507 -13.23 -24.23 34.24
C PRO A 507 -12.73 -23.87 32.85
N LEU A 508 -13.68 -23.65 31.95
CA LEU A 508 -13.34 -23.28 30.58
C LEU A 508 -12.71 -21.90 30.55
N PRO A 509 -11.68 -21.69 29.72
CA PRO A 509 -11.07 -20.36 29.63
C PRO A 509 -12.01 -19.35 28.99
N GLN A 510 -11.88 -18.10 29.41
CA GLN A 510 -12.73 -17.04 28.90
C GLN A 510 -12.19 -16.53 27.57
N PRO A 511 -13.00 -16.51 26.51
CA PRO A 511 -12.53 -15.94 25.24
C PRO A 511 -12.14 -14.48 25.40
N PHE A 512 -11.11 -14.08 24.66
CA PHE A 512 -10.55 -12.75 24.73
C PHE A 512 -10.83 -12.02 23.43
N ASN A 513 -11.45 -10.83 23.54
CA ASN A 513 -11.84 -10.05 22.37
C ASN A 513 -11.45 -8.59 22.49
N ARG A 514 -10.63 -8.22 23.46
CA ARG A 514 -10.27 -6.83 23.65
C ARG A 514 -9.29 -6.37 22.57
N ARG A 515 -9.18 -5.06 22.42
CA ARG A 515 -8.28 -4.43 21.46
C ARG A 515 -7.41 -3.41 22.17
N LEU A 516 -6.20 -3.19 21.64
CA LEU A 516 -5.29 -2.24 22.24
C LEU A 516 -5.83 -0.82 22.16
N LEU A 517 -6.42 -0.46 21.01
CA LEU A 517 -6.95 0.90 20.85
C LEU A 517 -8.08 1.16 21.83
N LEU A 518 -8.99 0.21 22.00
CA LEU A 518 -10.09 0.40 22.93
C LEU A 518 -9.62 0.43 24.37
N ASN A 519 -8.60 -0.36 24.71
CA ASN A 519 -8.03 -0.30 26.06
C ASN A 519 -7.38 1.05 26.31
N PHE A 520 -6.65 1.58 25.33
CA PHE A 520 -6.02 2.88 25.48
C PHE A 520 -7.07 3.99 25.61
N LEU A 521 -8.12 3.93 24.79
CA LEU A 521 -9.14 4.98 24.81
C LEU A 521 -9.99 4.94 26.07
N GLU A 522 -10.27 3.75 26.59
CA GLU A 522 -11.09 3.60 27.78
C GLU A 522 -10.25 3.46 29.04
N ASP A 523 -9.07 4.08 29.06
CA ASP A 523 -8.17 4.04 30.21
C ASP A 523 -8.28 5.36 30.96
N ASP A 524 -8.69 5.29 32.23
CA ASP A 524 -8.91 6.50 33.01
C ASP A 524 -7.61 7.23 33.29
N ARG A 525 -6.59 6.52 33.76
CA ARG A 525 -5.30 7.09 34.13
C ARG A 525 -4.22 6.51 33.24
N PHE A 526 -3.87 7.24 32.18
CA PHE A 526 -2.87 6.80 31.21
C PHE A 526 -1.75 7.83 31.15
N ASP A 527 -0.52 7.35 31.25
CA ASP A 527 0.64 8.22 31.15
C ASP A 527 1.83 7.43 30.62
N PRO A 528 2.37 7.79 29.46
CA PRO A 528 3.54 7.06 28.94
C PRO A 528 4.74 7.11 29.86
N ILE A 529 4.90 8.17 30.65
CA ILE A 529 6.00 8.25 31.61
C ILE A 529 5.92 7.10 32.60
N LYS A 530 4.73 6.84 33.14
CA LYS A 530 4.53 5.71 34.03
C LYS A 530 4.31 4.41 33.26
N GLU A 531 4.02 4.49 31.97
CA GLU A 531 3.83 3.27 31.18
C GLU A 531 5.16 2.61 30.88
N LEU A 532 6.19 3.41 30.57
CA LEU A 532 7.51 2.84 30.28
C LEU A 532 8.14 2.21 31.51
N GLU A 533 7.63 2.52 32.71
CA GLU A 533 8.17 1.90 33.92
C GLU A 533 7.96 0.39 33.93
N TYR A 534 7.00 -0.11 33.15
CA TYR A 534 6.81 -1.56 33.02
C TYR A 534 8.09 -2.26 32.59
N VAL A 535 8.82 -1.65 31.65
CA VAL A 535 10.09 -2.20 31.20
C VAL A 535 11.25 -1.63 32.00
N THR A 536 11.18 -0.35 32.37
CA THR A 536 12.30 0.29 33.07
C THR A 536 12.56 -0.36 34.42
N SER A 537 11.51 -0.63 35.19
CA SER A 537 11.64 -1.16 36.54
C SER A 537 11.79 -2.68 36.57
N GLY A 538 11.75 -3.34 35.42
CA GLY A 538 11.86 -4.79 35.37
C GLY A 538 10.59 -5.53 35.73
N GLU A 539 9.45 -4.85 35.78
CA GLU A 539 8.19 -5.52 36.10
C GLU A 539 7.79 -6.49 34.99
N TYR A 540 8.21 -6.22 33.75
CA TYR A 540 7.89 -7.11 32.64
C TYR A 540 8.49 -8.49 32.86
N LEU A 541 9.74 -8.56 33.35
CA LEU A 541 10.36 -9.85 33.62
C LEU A 541 9.65 -10.59 34.74
N ARG A 542 9.07 -9.87 35.71
CA ARG A 542 8.39 -10.48 36.83
C ARG A 542 6.89 -10.59 36.63
N ASP A 543 6.38 -10.23 35.46
CA ASP A 543 4.95 -10.26 35.21
C ASP A 543 4.50 -11.67 34.89
N PRO A 544 3.59 -12.27 35.68
CA PRO A 544 3.09 -13.60 35.34
C PRO A 544 1.98 -13.59 34.30
N GLU A 545 1.23 -12.49 34.19
CA GLU A 545 0.12 -12.42 33.25
C GLU A 545 0.60 -12.32 31.79
N PHE A 546 1.83 -11.88 31.58
CA PHE A 546 2.34 -11.67 30.22
C PHE A 546 2.27 -12.96 29.40
N CYS A 547 1.75 -12.84 28.19
CA CYS A 547 1.66 -13.97 27.28
C CYS A 547 1.78 -13.46 25.86
N ALA A 548 2.77 -13.97 25.12
CA ALA A 548 2.98 -13.62 23.73
C ALA A 548 2.68 -14.84 22.87
N SER A 549 1.88 -14.66 21.83
CA SER A 549 1.45 -15.76 20.98
C SER A 549 1.55 -15.35 19.52
N TYR A 550 1.72 -16.35 18.66
CA TYR A 550 1.73 -16.17 17.23
C TYR A 550 0.36 -16.49 16.64
N SER A 551 0.15 -16.03 15.41
CA SER A 551 -1.05 -16.37 14.66
C SER A 551 -0.69 -16.43 13.19
N LEU A 552 -1.36 -17.32 12.47
CA LEU A 552 -1.04 -17.56 11.07
C LEU A 552 -1.25 -16.29 10.25
N LYS A 553 -0.32 -16.03 9.34
CA LYS A 553 -0.37 -14.83 8.51
C LYS A 553 -1.07 -15.14 7.19
N GLU A 554 -1.91 -14.20 6.76
CA GLU A 554 -2.68 -14.36 5.54
C GLU A 554 -1.85 -13.98 4.32
N LYS A 555 -2.32 -14.70 3.18
CA LYS A 555 -1.72 -14.43 1.86
C LYS A 555 -0.21 -14.55 1.97
N GLU A 556 0.30 -15.53 2.55
CA GLU A 556 1.72 -15.87 2.68
C GLU A 556 1.95 -17.26 2.12
N ILE A 557 2.97 -17.39 1.28
CA ILE A 557 3.32 -18.67 0.69
C ILE A 557 4.69 -19.18 1.12
N LYS A 558 5.58 -18.33 1.62
CA LYS A 558 6.90 -18.76 2.05
C LYS A 558 6.84 -19.40 3.43
N ALA A 559 7.80 -20.28 3.69
CA ALA A 559 7.85 -20.94 4.99
C ALA A 559 8.11 -19.93 6.11
N THR A 560 9.03 -18.98 5.87
CA THR A 560 9.29 -17.93 6.84
C THR A 560 8.25 -16.83 6.72
N GLY A 561 7.95 -16.20 7.84
CA GLY A 561 6.98 -15.12 7.87
C GLY A 561 5.53 -15.54 7.83
N ARG A 562 5.24 -16.83 8.07
CA ARG A 562 3.86 -17.31 8.06
C ARG A 562 3.12 -16.99 9.34
N ILE A 563 3.79 -16.46 10.36
CA ILE A 563 3.17 -16.10 11.63
C ILE A 563 3.63 -14.71 12.03
N PHE A 564 2.71 -13.94 12.62
CA PHE A 564 3.04 -12.68 13.26
C PHE A 564 2.63 -12.75 14.72
N ALA A 565 3.44 -12.16 15.59
CA ALA A 565 3.25 -12.30 17.02
C ALA A 565 2.36 -11.19 17.58
N LYS A 566 1.71 -11.50 18.70
CA LYS A 566 0.90 -10.55 19.42
C LYS A 566 1.25 -10.65 20.90
N MET A 567 1.21 -9.51 21.59
CA MET A 567 1.67 -9.40 22.96
C MET A 567 0.61 -8.70 23.82
N THR A 568 0.81 -8.73 25.12
CA THR A 568 -0.15 -8.14 26.04
C THR A 568 -0.17 -6.61 25.89
N LYS A 569 -1.17 -6.00 26.51
CA LYS A 569 -1.41 -4.56 26.31
C LYS A 569 -0.22 -3.74 26.82
N ARG A 570 0.24 -4.00 28.05
CA ARG A 570 1.35 -3.24 28.60
C ARG A 570 2.61 -3.44 27.78
N MET A 571 2.89 -4.69 27.39
CA MET A 571 4.11 -4.98 26.65
C MET A 571 4.05 -4.37 25.25
N ARG A 572 2.89 -4.42 24.59
CA ARG A 572 2.76 -3.81 23.28
C ARG A 572 2.90 -2.29 23.35
N SER A 573 2.33 -1.67 24.38
CA SER A 573 2.48 -0.22 24.55
C SER A 573 3.94 0.15 24.79
N CYS A 574 4.64 -0.63 25.62
CA CYS A 574 6.06 -0.37 25.81
C CYS A 574 6.83 -0.55 24.51
N GLN A 575 6.47 -1.56 23.71
CA GLN A 575 7.15 -1.79 22.43
C GLN A 575 6.98 -0.61 21.49
N VAL A 576 5.75 -0.10 21.36
CA VAL A 576 5.52 1.01 20.44
C VAL A 576 6.19 2.27 20.94
N ILE A 577 6.19 2.50 22.26
CA ILE A 577 6.86 3.66 22.81
C ILE A 577 8.37 3.59 22.54
N ALA A 578 8.96 2.42 22.75
CA ALA A 578 10.40 2.26 22.52
C ALA A 578 10.75 2.43 21.05
N GLU A 579 9.92 1.89 20.15
CA GLU A 579 10.19 2.05 18.72
C GLU A 579 10.09 3.53 18.31
N SER A 580 9.09 4.24 18.82
CA SER A 580 8.98 5.66 18.51
C SER A 580 10.15 6.44 19.07
N LEU A 581 10.61 6.10 20.27
CA LEU A 581 11.77 6.76 20.85
C LEU A 581 13.01 6.55 20.01
N LEU A 582 13.21 5.32 19.52
CA LEU A 582 14.38 5.03 18.69
C LEU A 582 14.29 5.75 17.35
N ALA A 583 13.10 5.80 16.74
CA ALA A 583 12.99 6.37 15.41
C ALA A 583 13.06 7.89 15.43
N ASN A 584 12.64 8.53 16.53
CA ASN A 584 12.54 9.98 16.54
C ASN A 584 13.91 10.64 16.64
N HIS A 585 14.79 10.13 17.49
CA HIS A 585 16.07 10.78 17.77
C HIS A 585 17.26 9.96 17.30
N ALA A 586 17.41 8.72 17.75
CA ALA A 586 18.57 7.93 17.38
C ALA A 586 18.54 7.52 15.91
N GLY A 587 17.36 7.24 15.38
CA GLY A 587 17.26 6.86 13.98
C GLY A 587 17.65 7.96 13.03
N LYS A 588 17.38 9.22 13.39
CA LYS A 588 17.73 10.34 12.53
C LYS A 588 19.24 10.60 12.48
N LEU A 589 19.99 10.06 13.44
CA LEU A 589 21.43 10.30 13.48
C LEU A 589 22.17 9.55 12.37
N MET A 590 21.57 8.51 11.80
CA MET A 590 22.23 7.68 10.81
C MET A 590 21.83 8.13 9.42
N ARG A 591 22.75 8.82 8.73
CA ARG A 591 22.55 9.21 7.34
C ARG A 591 23.40 8.37 6.39
N GLU A 592 24.08 7.35 6.90
CA GLU A 592 24.83 6.46 6.02
C GLU A 592 23.88 5.70 5.09
N ASN A 593 22.74 5.26 5.60
CA ASN A 593 21.67 4.73 4.77
C ASN A 593 20.81 5.88 4.28
N GLY A 594 20.29 5.75 3.07
CA GLY A 594 19.53 6.81 2.43
C GLY A 594 18.06 6.84 2.76
N VAL A 595 17.61 6.11 3.77
CA VAL A 595 16.18 6.07 4.07
C VAL A 595 15.71 7.43 4.53
N VAL A 596 14.58 7.88 3.98
CA VAL A 596 13.96 9.14 4.34
C VAL A 596 12.45 8.97 4.32
N LEU A 597 11.76 9.80 5.09
CA LEU A 597 10.30 9.77 5.12
C LEU A 597 9.69 10.30 3.84
N ASP A 598 10.47 10.91 2.95
CA ASP A 598 10.00 11.41 1.67
C ASP A 598 10.31 10.38 0.59
N GLN A 599 9.27 9.93 -0.11
CA GLN A 599 9.47 8.93 -1.16
C GLN A 599 10.22 9.50 -2.35
N LEU A 600 10.03 10.79 -2.65
CA LEU A 600 10.71 11.41 -3.79
C LEU A 600 12.22 11.39 -3.60
N LYS A 601 12.69 11.81 -2.43
CA LYS A 601 14.11 11.76 -2.16
C LYS A 601 14.63 10.34 -2.16
N LEU A 602 13.80 9.39 -1.70
CA LEU A 602 14.22 7.99 -1.70
C LEU A 602 14.44 7.48 -3.11
N THR A 603 13.48 7.71 -4.01
CA THR A 603 13.66 7.21 -5.37
C THR A 603 14.77 7.96 -6.10
N LYS A 604 14.96 9.26 -5.80
CA LYS A 604 16.10 9.97 -6.39
C LYS A 604 17.42 9.37 -5.93
N SER A 605 17.54 9.06 -4.64
CA SER A 605 18.76 8.45 -4.13
C SER A 605 19.00 7.08 -4.74
N LEU A 606 17.96 6.27 -4.86
CA LEU A 606 18.11 4.95 -5.45
C LEU A 606 18.48 5.04 -6.93
N LEU A 607 17.88 6.00 -7.65
CA LEU A 607 18.23 6.19 -9.05
C LEU A 607 19.68 6.60 -9.21
N THR A 608 20.16 7.51 -8.36
CA THR A 608 21.58 7.90 -8.42
C THR A 608 22.49 6.71 -8.09
N MET A 609 22.12 5.94 -7.06
CA MET A 609 22.94 4.78 -6.68
C MET A 609 23.02 3.78 -7.82
N ASN A 610 21.91 3.52 -8.50
CA ASN A 610 21.93 2.61 -9.63
C ASN A 610 22.63 3.20 -10.85
N GLN A 611 22.62 4.53 -10.99
CA GLN A 611 23.24 5.19 -12.11
C GLN A 611 24.71 5.54 -11.87
N ILE A 612 25.25 5.14 -10.71
CA ILE A 612 26.67 5.35 -10.45
C ILE A 612 27.53 4.69 -11.53
N GLY A 613 27.19 3.45 -11.91
CA GLY A 613 28.04 2.70 -12.79
C GLY A 613 27.98 3.09 -14.26
N ILE A 614 26.91 3.75 -14.69
CA ILE A 614 26.76 4.13 -16.10
C ILE A 614 27.39 5.50 -16.31
N ILE A 615 28.50 5.52 -17.03
CA ILE A 615 29.19 6.74 -17.43
C ILE A 615 29.45 6.67 -18.93
N SER A 616 29.07 7.71 -19.65
CA SER A 616 29.17 7.74 -21.10
C SER A 616 30.47 8.39 -21.56
N GLU A 617 30.73 8.29 -22.86
CA GLU A 617 31.89 8.91 -23.48
C GLU A 617 31.69 10.39 -23.77
N HIS A 618 30.46 10.87 -23.72
CA HIS A 618 30.13 12.26 -24.01
C HIS A 618 30.60 12.67 -25.40
N GLY A 658 42.11 9.53 -17.53
CA GLY A 658 41.39 9.73 -16.30
C GLY A 658 40.97 8.42 -15.64
N PHE A 659 40.33 8.41 -14.56
CA PHE A 659 39.87 7.19 -13.86
C PHE A 659 38.37 7.31 -13.59
N GLU A 660 37.54 6.47 -14.06
CA GLU A 660 36.09 6.42 -13.93
C GLU A 660 35.70 5.84 -12.58
N ILE A 661 34.39 5.77 -12.35
CA ILE A 661 33.85 5.22 -11.12
C ILE A 661 33.00 4.01 -11.48
N ALA A 662 33.28 2.88 -10.83
CA ALA A 662 32.58 1.62 -11.11
C ALA A 662 31.86 1.14 -9.86
N ALA A 663 30.73 0.46 -10.07
CA ALA A 663 29.89 0.00 -8.97
C ALA A 663 29.52 -1.46 -9.17
N CYS A 664 29.52 -2.20 -8.07
CA CYS A 664 29.01 -3.57 -8.04
C CYS A 664 27.96 -3.64 -6.94
N PHE A 665 26.76 -4.10 -7.31
CA PHE A 665 25.62 -4.05 -6.40
C PHE A 665 25.42 -5.39 -5.70
N LEU A 666 25.13 -5.32 -4.40
CA LEU A 666 24.95 -6.51 -3.57
C LEU A 666 23.67 -6.33 -2.76
N THR A 667 22.73 -7.24 -2.92
CA THR A 667 21.45 -7.18 -2.23
C THR A 667 21.23 -8.46 -1.43
N THR A 668 20.83 -8.29 -0.16
CA THR A 668 20.56 -9.40 0.72
C THR A 668 19.28 -9.11 1.50
N ASP A 669 18.39 -10.09 1.58
CA ASP A 669 17.16 -9.93 2.34
C ASP A 669 17.40 -10.27 3.80
N LEU A 670 16.73 -9.54 4.68
CA LEU A 670 16.92 -9.66 6.12
C LEU A 670 15.69 -10.24 6.82
N THR A 671 14.88 -11.03 6.10
CA THR A 671 13.67 -11.58 6.69
C THR A 671 13.98 -12.53 7.85
N LYS A 672 15.01 -13.36 7.69
CA LYS A 672 15.39 -14.32 8.72
C LYS A 672 16.31 -13.73 9.77
N TYR A 673 16.67 -12.45 9.65
CA TYR A 673 17.56 -11.82 10.63
C TYR A 673 16.90 -11.72 12.00
N CYS A 674 15.58 -11.53 12.04
CA CYS A 674 14.91 -11.31 13.32
C CYS A 674 15.03 -12.52 14.24
N LEU A 675 14.89 -13.72 13.68
CA LEU A 675 15.00 -14.93 14.50
C LEU A 675 16.43 -15.22 14.93
N ASN A 676 17.42 -14.61 14.29
CA ASN A 676 18.82 -14.90 14.55
C ASN A 676 19.48 -13.87 15.46
N TRP A 677 18.75 -12.88 15.94
CA TRP A 677 19.32 -11.88 16.85
C TRP A 677 19.46 -12.48 18.24
N ARG A 678 20.63 -12.32 18.84
CA ARG A 678 20.91 -12.84 20.17
C ARG A 678 21.17 -11.70 21.14
N TYR A 679 20.96 -11.99 22.42
CA TYR A 679 21.10 -10.97 23.46
C TYR A 679 22.54 -10.48 23.56
N GLN A 680 23.51 -11.37 23.38
CA GLN A 680 24.91 -11.00 23.58
C GLN A 680 25.40 -10.04 22.50
N VAL A 681 24.86 -10.14 21.28
CA VAL A 681 25.31 -9.25 20.21
C VAL A 681 24.59 -7.92 20.19
N ILE A 682 23.54 -7.77 20.99
CA ILE A 682 22.80 -6.51 21.06
C ILE A 682 22.88 -5.83 22.41
N ILE A 683 23.43 -6.49 23.43
CA ILE A 683 23.52 -5.87 24.76
C ILE A 683 24.37 -4.60 24.77
N PRO A 684 25.54 -4.52 24.11
CA PRO A 684 26.31 -3.27 24.24
C PRO A 684 25.68 -2.11 23.50
N PHE A 685 25.17 -2.34 22.29
CA PHE A 685 24.51 -1.28 21.55
C PHE A 685 23.31 -0.75 22.31
N ALA A 686 22.49 -1.66 22.85
CA ALA A 686 21.32 -1.24 23.60
C ALA A 686 21.69 -0.58 24.91
N ARG A 687 22.79 -0.98 25.54
CA ARG A 687 23.26 -0.29 26.74
C ARG A 687 23.68 1.13 26.42
N THR A 688 24.38 1.33 25.31
CA THR A 688 24.77 2.68 24.92
C THR A 688 23.55 3.53 24.56
N LEU A 689 22.55 2.92 23.91
CA LEU A 689 21.32 3.65 23.64
C LEU A 689 20.58 4.01 24.92
N ASN A 690 20.60 3.10 25.91
CA ASN A 690 20.02 3.40 27.21
C ASN A 690 20.72 4.60 27.85
N SER A 691 22.05 4.62 27.80
CA SER A 691 22.79 5.75 28.36
C SER A 691 22.47 7.04 27.62
N MET A 692 22.35 6.98 26.29
CA MET A 692 22.06 8.17 25.50
C MET A 692 20.68 8.72 25.82
N TYR A 693 19.68 7.84 25.93
CA TYR A 693 18.33 8.29 26.21
C TYR A 693 18.08 8.56 27.69
N GLY A 694 18.97 8.11 28.57
CA GLY A 694 18.84 8.34 29.99
C GLY A 694 18.01 7.32 30.73
N ILE A 695 17.31 6.43 30.02
CA ILE A 695 16.52 5.38 30.65
C ILE A 695 17.45 4.23 31.01
N PRO A 696 17.52 3.84 32.29
CA PRO A 696 18.53 2.84 32.69
C PRO A 696 18.35 1.49 32.00
N HIS A 697 17.12 1.05 31.77
CA HIS A 697 16.87 -0.25 31.16
C HIS A 697 15.58 -0.16 30.36
N LEU A 698 15.70 0.15 29.07
CA LEU A 698 14.55 0.22 28.18
C LEU A 698 14.63 -0.78 27.05
N PHE A 699 15.74 -0.83 26.33
CA PHE A 699 15.94 -1.79 25.27
C PHE A 699 16.35 -3.13 25.90
N GLU A 700 16.83 -4.05 25.07
CA GLU A 700 17.12 -5.47 25.35
C GLU A 700 15.92 -6.18 25.97
N TRP A 701 14.72 -5.60 25.88
CA TRP A 701 13.55 -6.18 26.55
C TRP A 701 13.03 -7.42 25.83
N ILE A 702 13.18 -7.49 24.51
CA ILE A 702 12.55 -8.56 23.76
C ILE A 702 13.19 -9.90 24.10
N HIS A 703 14.51 -9.97 24.07
CA HIS A 703 15.19 -11.23 24.39
C HIS A 703 15.02 -11.61 25.85
N LEU A 704 15.17 -10.62 26.75
CA LEU A 704 15.06 -10.92 28.18
C LEU A 704 13.68 -11.45 28.53
N ARG A 705 12.63 -10.87 27.95
CA ARG A 705 11.29 -11.37 28.22
C ARG A 705 11.03 -12.69 27.51
N LEU A 706 11.64 -12.90 26.34
CA LEU A 706 11.33 -14.10 25.58
C LEU A 706 11.96 -15.35 26.19
N MET A 707 13.20 -15.25 26.67
CA MET A 707 13.82 -16.46 27.25
C MET A 707 13.08 -16.97 28.48
N ARG A 708 12.34 -16.12 29.18
CA ARG A 708 11.61 -16.54 30.37
C ARG A 708 10.16 -16.92 30.10
N SER A 709 9.70 -16.80 28.87
CA SER A 709 8.31 -17.06 28.53
C SER A 709 8.22 -18.16 27.48
N THR A 710 7.07 -18.84 27.46
CA THR A 710 6.79 -19.87 26.47
C THR A 710 5.79 -19.31 25.46
N LEU A 711 6.12 -19.41 24.18
CA LEU A 711 5.27 -18.90 23.12
C LEU A 711 4.51 -20.04 22.46
N TYR A 712 3.36 -19.70 21.87
CA TYR A 712 2.53 -20.69 21.20
C TYR A 712 1.83 -20.03 20.03
N VAL A 713 1.36 -20.85 19.09
CA VAL A 713 0.64 -20.39 17.92
C VAL A 713 -0.85 -20.49 18.20
N GLY A 714 -1.53 -19.35 18.20
CA GLY A 714 -2.95 -19.31 18.51
C GLY A 714 -3.85 -19.40 17.29
N ASP A 715 -4.45 -20.57 17.07
CA ASP A 715 -5.35 -20.80 15.96
C ASP A 715 -6.63 -21.43 16.50
N PRO A 716 -7.81 -20.90 16.17
CA PRO A 716 -9.04 -21.43 16.76
C PRO A 716 -9.28 -22.90 16.48
N PHE A 717 -8.87 -23.40 15.33
CA PHE A 717 -9.09 -24.79 14.95
C PHE A 717 -7.84 -25.66 15.13
N ASN A 718 -6.81 -25.16 15.81
CA ASN A 718 -5.56 -25.89 16.01
C ASN A 718 -5.23 -25.92 17.50
N PRO A 719 -5.94 -26.74 18.27
CA PRO A 719 -5.58 -26.90 19.68
C PRO A 719 -4.36 -27.79 19.84
N PRO A 720 -3.73 -27.81 21.00
CA PRO A 720 -2.60 -28.71 21.21
C PRO A 720 -3.00 -30.17 21.03
N SER A 721 -2.07 -30.95 20.48
CA SER A 721 -2.36 -32.37 20.23
C SER A 721 -2.58 -33.12 21.54
N ASP A 722 -1.75 -32.84 22.55
CA ASP A 722 -1.89 -33.52 23.83
C ASP A 722 -3.03 -32.90 24.61
N PRO A 723 -4.08 -33.65 24.96
CA PRO A 723 -5.20 -33.07 25.70
C PRO A 723 -4.87 -32.76 27.15
N THR A 724 -3.75 -33.23 27.68
CA THR A 724 -3.38 -33.01 29.07
C THR A 724 -2.54 -31.75 29.27
N GLN A 725 -2.25 -31.00 28.21
CA GLN A 725 -1.47 -29.78 28.32
C GLN A 725 -2.44 -28.61 28.51
N LEU A 726 -2.80 -28.36 29.77
CA LEU A 726 -3.75 -27.30 30.11
C LEU A 726 -3.08 -26.01 30.52
N ASP A 727 -1.75 -25.97 30.62
CA ASP A 727 -1.03 -24.78 31.01
C ASP A 727 0.14 -24.53 30.07
N LEU A 728 0.45 -23.24 29.87
CA LEU A 728 1.45 -22.85 28.88
C LEU A 728 2.87 -23.07 29.38
N ASP A 729 3.13 -22.81 30.66
CA ASP A 729 4.51 -22.77 31.15
C ASP A 729 5.18 -24.15 31.07
N THR A 730 4.46 -25.20 31.44
CA THR A 730 5.04 -26.54 31.47
C THR A 730 4.85 -27.31 30.16
N ALA A 731 4.60 -26.60 29.06
CA ALA A 731 4.48 -27.26 27.76
C ALA A 731 5.86 -27.68 27.26
N LEU A 732 5.86 -28.59 26.30
CA LEU A 732 7.09 -29.09 25.72
C LEU A 732 7.42 -28.31 24.44
N ASN A 733 8.65 -28.48 23.97
CA ASN A 733 9.12 -27.81 22.76
C ASN A 733 8.74 -28.63 21.53
N ASP A 734 7.43 -28.74 21.33
CA ASP A 734 6.89 -29.46 20.18
C ASP A 734 5.45 -29.00 19.96
N ASP A 735 4.81 -29.56 18.94
CA ASP A 735 3.43 -29.25 18.57
C ASP A 735 3.36 -27.75 18.23
N ILE A 736 2.58 -26.95 18.96
CA ILE A 736 2.44 -25.53 18.66
C ILE A 736 3.22 -24.65 19.61
N PHE A 737 4.00 -25.23 20.52
CA PHE A 737 4.69 -24.47 21.56
C PHE A 737 6.12 -24.21 21.15
N ILE A 738 6.64 -23.05 21.57
CA ILE A 738 8.03 -22.67 21.37
C ILE A 738 8.58 -22.33 22.74
N VAL A 739 9.28 -23.27 23.36
CA VAL A 739 9.71 -23.15 24.75
C VAL A 739 11.02 -22.37 24.81
N SER A 740 11.04 -21.32 25.62
CA SER A 740 12.21 -20.48 25.87
C SER A 740 12.81 -19.95 24.58
N PRO A 741 12.11 -19.08 23.85
CA PRO A 741 12.71 -18.45 22.67
C PRO A 741 13.91 -17.60 23.04
N ARG A 742 14.92 -17.61 22.18
CA ARG A 742 16.14 -16.84 22.40
C ARG A 742 16.39 -15.83 21.29
N GLY A 743 15.55 -15.78 20.27
CA GLY A 743 15.69 -14.82 19.19
C GLY A 743 14.68 -13.69 19.30
N GLY A 744 14.61 -12.91 18.21
CA GLY A 744 13.69 -11.79 18.13
C GLY A 744 12.41 -12.14 17.40
N ILE A 745 11.59 -11.11 17.22
CA ILE A 745 10.31 -11.23 16.50
C ILE A 745 10.30 -10.20 15.39
N GLU A 746 9.80 -10.60 14.22
CA GLU A 746 9.76 -9.70 13.07
C GLU A 746 9.00 -8.42 13.39
N GLY A 747 9.60 -7.29 13.05
CA GLY A 747 9.03 -5.98 13.30
C GLY A 747 9.39 -5.38 14.65
N LEU A 748 9.49 -6.22 15.68
CA LEU A 748 9.82 -5.74 17.01
C LEU A 748 11.28 -5.31 17.06
N CYS A 749 11.53 -4.12 17.64
CA CYS A 749 12.88 -3.59 17.80
C CYS A 749 13.64 -3.57 16.48
N GLN A 750 12.95 -3.19 15.41
CA GLN A 750 13.57 -3.15 14.09
C GLN A 750 14.59 -2.02 13.96
N LYS A 751 14.38 -0.89 14.63
CA LYS A 751 15.30 0.23 14.50
C LYS A 751 16.67 -0.10 15.04
N LEU A 752 16.73 -0.74 16.22
CA LEU A 752 18.02 -1.12 16.79
C LEU A 752 18.75 -2.11 15.89
N TRP A 753 18.02 -3.10 15.37
CA TRP A 753 18.65 -4.08 14.49
C TRP A 753 19.15 -3.44 13.20
N THR A 754 18.38 -2.50 12.63
CA THR A 754 18.83 -1.82 11.43
C THR A 754 20.08 -0.99 11.70
N MET A 755 20.14 -0.32 12.85
CA MET A 755 21.33 0.46 13.18
C MET A 755 22.54 -0.46 13.38
N ILE A 756 22.35 -1.62 14.01
CA ILE A 756 23.44 -2.57 14.18
C ILE A 756 23.92 -3.07 12.82
N SER A 757 22.98 -3.37 11.92
CA SER A 757 23.36 -3.81 10.59
C SER A 757 24.11 -2.72 9.83
N ILE A 758 23.70 -1.47 9.99
CA ILE A 758 24.39 -0.35 9.34
C ILE A 758 25.81 -0.24 9.86
N SER A 759 25.99 -0.38 11.19
CA SER A 759 27.33 -0.33 11.75
C SER A 759 28.18 -1.47 11.23
N THR A 760 27.61 -2.68 11.12
CA THR A 760 28.34 -3.80 10.58
C THR A 760 28.76 -3.55 9.13
N ILE A 761 27.86 -2.99 8.33
CA ILE A 761 28.18 -2.72 6.93
C ILE A 761 29.28 -1.68 6.82
N ILE A 762 29.23 -0.64 7.65
CA ILE A 762 30.28 0.39 7.64
C ILE A 762 31.61 -0.22 8.05
N LEU A 763 31.60 -1.06 9.09
CA LEU A 763 32.83 -1.72 9.53
C LEU A 763 33.43 -2.56 8.41
N SER A 764 32.59 -3.34 7.72
CA SER A 764 33.07 -4.17 6.63
C SER A 764 33.62 -3.31 5.50
N ALA A 765 32.94 -2.20 5.19
CA ALA A 765 33.38 -1.34 4.10
C ALA A 765 34.75 -0.74 4.39
N THR A 766 34.95 -0.26 5.62
CA THR A 766 36.25 0.31 5.97
C THR A 766 37.33 -0.76 6.08
N GLU A 767 36.95 -1.98 6.48
CA GLU A 767 37.94 -3.05 6.61
C GLU A 767 38.56 -3.40 5.25
N ALA A 768 37.76 -3.34 4.19
CA ALA A 768 38.24 -3.61 2.84
C ALA A 768 38.69 -2.37 2.10
N ASN A 769 38.60 -1.19 2.73
CA ASN A 769 38.99 0.08 2.11
C ASN A 769 38.22 0.32 0.80
N THR A 770 36.92 0.06 0.82
CA THR A 770 36.05 0.26 -0.34
C THR A 770 34.94 1.23 0.04
N ARG A 771 34.62 2.12 -0.90
CA ARG A 771 33.53 3.07 -0.69
C ARG A 771 32.20 2.45 -1.07
N VAL A 772 31.23 2.49 -0.16
CA VAL A 772 29.90 1.93 -0.39
C VAL A 772 28.86 2.93 0.10
N MET A 773 27.63 2.71 -0.35
CA MET A 773 26.46 3.43 0.16
C MET A 773 25.40 2.40 0.52
N SER A 774 25.17 2.22 1.81
CA SER A 774 24.23 1.21 2.30
C SER A 774 22.78 1.68 2.08
N MET A 775 21.82 0.89 2.02
CA MET A 775 20.41 1.32 1.97
C MET A 775 19.63 0.24 2.70
N VAL A 776 19.97 -0.03 3.96
CA VAL A 776 19.27 -1.05 4.77
C VAL A 776 17.81 -0.69 4.89
N GLN A 777 16.90 -1.64 4.69
CA GLN A 777 15.43 -1.37 4.66
C GLN A 777 14.71 -2.07 5.82
N GLY A 778 15.44 -2.76 6.75
CA GLY A 778 14.80 -3.67 7.68
C GLY A 778 14.68 -5.09 7.17
N ASP A 779 13.84 -5.30 6.15
CA ASP A 779 13.65 -6.61 5.56
C ASP A 779 14.51 -6.84 4.32
N ASN A 780 15.34 -5.88 3.95
CA ASN A 780 16.21 -5.99 2.79
C ASN A 780 17.31 -4.94 2.92
N GLN A 781 18.34 -5.09 2.11
CA GLN A 781 19.42 -4.11 2.07
C GLN A 781 20.09 -4.17 0.71
N ALA A 782 20.64 -3.04 0.28
CA ALA A 782 21.34 -2.94 -0.99
C ALA A 782 22.64 -2.18 -0.78
N ILE A 783 23.74 -2.74 -1.28
CA ILE A 783 25.06 -2.15 -1.14
C ILE A 783 25.67 -1.99 -2.53
N ALA A 784 26.22 -0.80 -2.80
CA ALA A 784 26.88 -0.51 -4.08
C ALA A 784 28.35 -0.24 -3.79
N ILE A 785 29.20 -1.22 -4.05
CA ILE A 785 30.63 -1.09 -3.81
C ILE A 785 31.23 -0.25 -4.93
N THR A 786 31.94 0.82 -4.54
CA THR A 786 32.46 1.78 -5.50
C THR A 786 33.98 1.67 -5.57
N THR A 787 34.51 1.72 -6.79
CA THR A 787 35.95 1.67 -7.02
C THR A 787 36.29 2.51 -8.25
N ARG A 788 37.56 2.88 -8.36
CA ARG A 788 38.00 3.73 -9.50
C ARG A 788 38.74 2.88 -10.52
N VAL A 789 38.30 2.84 -11.76
CA VAL A 789 38.85 2.06 -12.85
C VAL A 789 39.30 3.00 -13.97
N VAL A 790 40.05 2.44 -14.90
CA VAL A 790 40.58 3.22 -16.02
C VAL A 790 39.45 3.54 -16.99
N ARG A 791 39.44 4.77 -17.50
CA ARG A 791 38.42 5.17 -18.47
C ARG A 791 38.52 4.37 -19.76
N SER A 792 39.75 4.13 -20.22
CA SER A 792 39.95 3.43 -21.50
C SER A 792 39.58 1.95 -21.43
N LEU A 793 39.34 1.41 -20.25
CA LEU A 793 38.98 0.01 -20.12
C LEU A 793 37.62 -0.26 -20.75
N SER A 794 37.46 -1.47 -21.28
CA SER A 794 36.16 -1.88 -21.81
C SER A 794 35.20 -2.14 -20.66
N HIS A 795 33.90 -1.90 -20.93
CA HIS A 795 32.90 -1.93 -19.87
C HIS A 795 32.89 -3.27 -19.14
N SER A 796 33.06 -4.37 -19.87
CA SER A 796 33.14 -5.67 -19.23
C SER A 796 34.33 -5.73 -18.28
N GLU A 797 35.47 -5.18 -18.69
CA GLU A 797 36.65 -5.22 -17.83
C GLU A 797 36.50 -4.29 -16.63
N LYS A 798 35.83 -3.15 -16.80
CA LYS A 798 35.54 -2.30 -15.64
C LYS A 798 34.63 -3.02 -14.65
N LYS A 799 33.62 -3.74 -15.17
CA LYS A 799 32.74 -4.50 -14.28
C LYS A 799 33.51 -5.61 -13.57
N GLU A 800 34.42 -6.28 -14.29
CA GLU A 800 35.24 -7.31 -13.66
C GLU A 800 36.12 -6.72 -12.57
N GLN A 801 36.71 -5.55 -12.82
CA GLN A 801 37.53 -4.91 -11.80
C GLN A 801 36.70 -4.50 -10.59
N ALA A 802 35.49 -4.01 -10.83
CA ALA A 802 34.60 -3.65 -9.73
C ALA A 802 34.23 -4.87 -8.90
N TYR A 803 33.93 -6.00 -9.56
CA TYR A 803 33.63 -7.22 -8.83
C TYR A 803 34.84 -7.70 -8.03
N LYS A 804 36.03 -7.62 -8.62
CA LYS A 804 37.23 -8.03 -7.89
C LYS A 804 37.46 -7.16 -6.67
N ALA A 805 37.22 -5.85 -6.78
CA ALA A 805 37.34 -4.97 -5.64
C ALA A 805 36.27 -5.28 -4.58
N SER A 806 35.05 -5.61 -5.03
CA SER A 806 33.97 -5.86 -4.09
C SER A 806 34.06 -7.22 -3.43
N LYS A 807 34.91 -8.11 -3.98
CA LYS A 807 35.05 -9.44 -3.39
C LYS A 807 35.56 -9.37 -1.95
N LEU A 808 36.56 -8.51 -1.70
CA LEU A 808 37.09 -8.38 -0.35
C LEU A 808 36.03 -7.80 0.60
N PHE A 809 35.27 -6.81 0.13
CA PHE A 809 34.21 -6.26 0.97
C PHE A 809 33.16 -7.31 1.29
N PHE A 810 32.78 -8.12 0.30
CA PHE A 810 31.79 -9.18 0.55
C PHE A 810 32.32 -10.19 1.54
N GLU A 811 33.61 -10.56 1.42
CA GLU A 811 34.20 -11.49 2.37
C GLU A 811 34.17 -10.92 3.78
N ARG A 812 34.54 -9.65 3.94
CA ARG A 812 34.52 -9.04 5.27
C ARG A 812 33.11 -8.93 5.81
N LEU A 813 32.15 -8.58 4.95
CA LEU A 813 30.75 -8.49 5.39
C LEU A 813 30.23 -9.84 5.85
N ARG A 814 30.54 -10.91 5.10
CA ARG A 814 30.11 -12.24 5.51
C ARG A 814 30.77 -12.65 6.81
N ALA A 815 32.06 -12.34 6.98
CA ALA A 815 32.75 -12.68 8.22
C ALA A 815 32.15 -11.95 9.41
N ASN A 816 31.85 -10.66 9.25
CA ASN A 816 31.26 -9.89 10.35
C ASN A 816 29.86 -10.38 10.66
N ASN A 817 29.07 -10.69 9.64
CA ASN A 817 27.72 -11.21 9.88
C ASN A 817 27.76 -12.56 10.60
N HIS A 818 28.69 -13.43 10.20
CA HIS A 818 28.87 -14.68 10.92
C HIS A 818 29.30 -14.43 12.36
N GLY A 819 30.17 -13.44 12.57
CA GLY A 819 30.59 -13.12 13.93
C GLY A 819 29.46 -12.65 14.82
N ILE A 820 28.56 -11.82 14.27
CA ILE A 820 27.41 -11.35 15.04
C ILE A 820 26.26 -12.33 15.02
N GLY A 821 26.42 -13.49 14.39
CA GLY A 821 25.44 -14.56 14.47
C GLY A 821 24.49 -14.70 13.30
N HIS A 822 24.70 -13.97 12.21
CA HIS A 822 23.83 -14.03 11.05
C HIS A 822 24.60 -14.68 9.90
N HIS A 823 24.44 -15.99 9.74
CA HIS A 823 25.06 -16.68 8.62
C HIS A 823 24.36 -16.32 7.32
N LEU A 824 25.14 -15.95 6.31
CA LEU A 824 24.61 -15.57 5.01
C LEU A 824 24.76 -16.74 4.05
N LYS A 825 23.64 -17.26 3.57
CA LYS A 825 23.63 -18.36 2.63
C LYS A 825 23.44 -17.81 1.21
N GLU A 826 23.40 -18.73 0.23
CA GLU A 826 23.24 -18.31 -1.15
C GLU A 826 21.83 -17.79 -1.42
N GLN A 827 20.85 -18.20 -0.61
CA GLN A 827 19.49 -17.68 -0.77
C GLN A 827 19.46 -16.18 -0.54
N GLU A 828 20.15 -15.71 0.50
CA GLU A 828 20.07 -14.29 0.86
C GLU A 828 20.85 -13.43 -0.12
N THR A 829 22.02 -13.88 -0.54
CA THR A 829 22.96 -13.06 -1.30
C THR A 829 22.67 -13.14 -2.79
N ILE A 830 22.49 -11.97 -3.41
CA ILE A 830 22.42 -11.83 -4.86
C ILE A 830 23.45 -10.79 -5.26
N LEU A 831 24.48 -11.21 -5.98
CA LEU A 831 25.54 -10.31 -6.44
C LEU A 831 25.33 -10.02 -7.92
N SER A 832 25.14 -8.76 -8.26
CA SER A 832 24.93 -8.34 -9.65
C SER A 832 25.63 -7.02 -9.91
N SER A 833 26.25 -6.92 -11.07
CA SER A 833 26.89 -5.68 -11.49
C SER A 833 25.92 -4.69 -12.11
N ASP A 834 24.65 -5.06 -12.27
CA ASP A 834 23.67 -4.21 -12.95
C ASP A 834 22.56 -3.75 -12.01
N PHE A 835 21.95 -4.65 -11.25
CA PHE A 835 20.74 -4.33 -10.52
C PHE A 835 20.87 -4.68 -9.04
N PHE A 836 20.08 -3.97 -8.24
CA PHE A 836 19.85 -4.31 -6.85
C PHE A 836 18.36 -4.24 -6.57
N ILE A 837 17.93 -4.90 -5.50
CA ILE A 837 16.52 -5.06 -5.18
C ILE A 837 16.21 -4.20 -3.97
N TYR A 838 15.21 -3.33 -4.09
CA TYR A 838 14.74 -2.53 -2.98
C TYR A 838 13.22 -2.42 -3.04
N SER A 839 12.57 -2.64 -1.90
CA SER A 839 11.11 -2.53 -1.79
C SER A 839 10.39 -3.37 -2.85
N LYS A 840 10.89 -4.59 -3.04
CA LYS A 840 10.35 -5.54 -4.02
C LYS A 840 10.39 -4.99 -5.45
N ARG A 841 11.19 -3.96 -5.68
CA ARG A 841 11.34 -3.36 -7.00
C ARG A 841 12.80 -3.47 -7.44
N VAL A 842 13.01 -3.81 -8.70
CA VAL A 842 14.34 -4.04 -9.25
C VAL A 842 14.80 -2.78 -9.96
N PHE A 843 16.00 -2.31 -9.61
CA PHE A 843 16.61 -1.14 -10.22
C PHE A 843 17.67 -1.63 -11.21
N TYR A 844 17.25 -1.83 -12.45
CA TYR A 844 18.10 -2.45 -13.47
C TYR A 844 18.71 -1.37 -14.35
N LYS A 845 20.02 -1.15 -14.19
CA LYS A 845 20.80 -0.28 -15.07
C LYS A 845 20.22 1.13 -15.14
N GLY A 846 19.93 1.71 -13.98
CA GLY A 846 19.43 3.06 -13.91
C GLY A 846 17.96 3.22 -14.17
N ARG A 847 17.22 2.13 -14.35
CA ARG A 847 15.77 2.16 -14.52
C ARG A 847 15.10 1.53 -13.32
N ILE A 848 13.77 1.52 -13.36
CA ILE A 848 12.96 0.73 -12.44
C ILE A 848 12.04 -0.15 -13.28
N LEU A 849 12.13 -1.46 -13.09
CA LEU A 849 11.37 -2.38 -13.92
C LEU A 849 9.88 -2.30 -13.58
N THR A 850 9.06 -2.68 -14.56
CA THR A 850 7.66 -2.23 -14.58
C THR A 850 6.81 -2.95 -13.54
N GLN A 851 6.78 -4.29 -13.58
CA GLN A 851 5.91 -5.13 -12.75
C GLN A 851 4.46 -4.61 -12.75
N ALA A 852 3.95 -4.36 -13.95
CA ALA A 852 2.56 -3.92 -14.11
C ALA A 852 1.56 -5.05 -13.91
N LEU A 853 1.95 -6.28 -14.27
CA LEU A 853 1.03 -7.41 -14.10
C LEU A 853 0.73 -7.67 -12.63
N LYS A 854 1.70 -7.45 -11.74
CA LYS A 854 1.43 -7.56 -10.32
C LYS A 854 0.35 -6.56 -9.87
N ASN A 855 0.32 -5.39 -10.50
CA ASN A 855 -0.72 -4.41 -10.17
C ASN A 855 -2.06 -4.82 -10.77
N VAL A 856 -2.05 -5.32 -12.00
CA VAL A 856 -3.32 -5.71 -12.64
C VAL A 856 -3.93 -6.95 -12.01
N SER A 857 -3.12 -7.77 -11.33
CA SER A 857 -3.66 -8.99 -10.73
C SER A 857 -4.63 -8.70 -9.60
N LYS A 858 -4.45 -7.57 -8.90
CA LYS A 858 -5.29 -7.22 -7.76
C LYS A 858 -6.39 -6.22 -8.15
N MET A 859 -6.88 -6.30 -9.38
CA MET A 859 -8.00 -5.47 -9.84
C MET A 859 -9.24 -6.34 -9.82
N CYS A 860 -9.94 -6.34 -8.68
CA CYS A 860 -11.10 -7.19 -8.46
C CYS A 860 -12.38 -6.39 -8.66
N LEU A 861 -13.52 -7.02 -8.37
CA LEU A 861 -14.83 -6.45 -8.67
C LEU A 861 -15.51 -5.79 -7.48
N THR A 862 -14.82 -5.69 -6.34
CA THR A 862 -15.40 -5.04 -5.17
C THR A 862 -14.29 -4.68 -4.20
N ALA A 863 -14.36 -3.49 -3.63
CA ALA A 863 -13.43 -3.10 -2.57
C ALA A 863 -13.75 -3.89 -1.31
N ASP A 864 -12.69 -4.31 -0.60
CA ASP A 864 -12.87 -5.06 0.63
C ASP A 864 -13.34 -4.19 1.79
N ILE A 865 -13.37 -2.87 1.61
CA ILE A 865 -13.75 -1.93 2.66
C ILE A 865 -15.25 -2.00 2.93
N LEU A 866 -15.68 -1.41 4.06
CA LEU A 866 -16.98 -1.72 4.63
C LEU A 866 -18.13 -1.25 3.74
N GLY A 867 -18.06 0.00 3.28
CA GLY A 867 -19.22 0.59 2.61
C GLY A 867 -19.64 -0.15 1.36
N ASP A 868 -18.66 -0.65 0.60
CA ASP A 868 -18.92 -1.41 -0.62
C ASP A 868 -19.72 -0.60 -1.63
N CYS A 869 -19.53 0.71 -1.65
CA CYS A 869 -20.25 1.56 -2.59
C CYS A 869 -19.67 1.38 -4.00
N SER A 870 -20.46 1.78 -4.99
CA SER A 870 -19.97 1.78 -6.37
C SER A 870 -18.84 2.77 -6.54
N GLN A 871 -18.93 3.93 -5.87
CA GLN A 871 -17.88 4.94 -6.01
C GLN A 871 -16.56 4.46 -5.44
N ALA A 872 -16.58 3.76 -4.31
CA ALA A 872 -15.33 3.25 -3.74
C ALA A 872 -14.67 2.23 -4.65
N SER A 873 -15.47 1.32 -5.22
CA SER A 873 -14.92 0.32 -6.14
C SER A 873 -14.36 0.98 -7.39
N CYS A 874 -15.08 1.98 -7.93
CA CYS A 874 -14.59 2.67 -9.12
C CYS A 874 -13.31 3.45 -8.82
N SER A 875 -13.21 4.03 -7.61
CA SER A 875 -11.99 4.71 -7.22
C SER A 875 -10.82 3.74 -7.11
N ASN A 876 -11.06 2.55 -6.56
CA ASN A 876 -10.00 1.55 -6.49
C ASN A 876 -9.55 1.11 -7.88
N LEU A 877 -10.50 0.90 -8.78
CA LEU A 877 -10.16 0.53 -10.14
C LEU A 877 -9.36 1.63 -10.83
N ALA A 878 -9.75 2.89 -10.62
CA ALA A 878 -9.02 4.00 -11.21
C ALA A 878 -7.61 4.09 -10.65
N THR A 879 -7.44 3.85 -9.35
CA THR A 879 -6.10 3.86 -8.77
C THR A 879 -5.23 2.76 -9.37
N THR A 880 -5.79 1.57 -9.55
CA THR A 880 -5.03 0.50 -10.18
C THR A 880 -4.68 0.85 -11.62
N VAL A 881 -5.58 1.54 -12.32
CA VAL A 881 -5.30 1.96 -13.69
C VAL A 881 -4.17 3.00 -13.71
N MET A 882 -4.16 3.89 -12.72
CA MET A 882 -3.05 4.84 -12.61
C MET A 882 -1.73 4.11 -12.40
N ARG A 883 -1.74 3.08 -11.56
CA ARG A 883 -0.53 2.27 -11.36
C ARG A 883 -0.11 1.61 -12.67
N LEU A 884 -1.08 1.12 -13.45
CA LEU A 884 -0.76 0.53 -14.75
C LEU A 884 -0.12 1.55 -15.68
N THR A 885 -0.64 2.79 -15.68
CA THR A 885 -0.03 3.84 -16.48
C THR A 885 1.41 4.08 -16.05
N GLU A 886 1.64 4.14 -14.74
CA GLU A 886 2.99 4.38 -14.24
C GLU A 886 3.94 3.23 -14.56
N ASN A 887 3.40 2.02 -14.71
CA ASN A 887 4.22 0.81 -14.87
C ASN A 887 4.30 0.34 -16.32
N GLY A 888 4.34 1.26 -17.28
CA GLY A 888 4.71 0.92 -18.64
C GLY A 888 3.57 0.56 -19.57
N VAL A 889 2.38 0.25 -19.04
CA VAL A 889 1.26 -0.11 -19.90
C VAL A 889 0.84 1.09 -20.72
N GLU A 890 0.34 0.83 -21.93
CA GLU A 890 -0.05 1.91 -22.84
C GLU A 890 -1.08 2.82 -22.20
N LYS A 891 -0.85 4.13 -22.31
CA LYS A 891 -1.75 5.10 -21.70
C LYS A 891 -3.13 5.06 -22.35
N ASP A 892 -3.18 4.90 -23.67
CA ASP A 892 -4.47 4.76 -24.36
C ASP A 892 -5.19 3.50 -23.90
N LEU A 893 -4.47 2.38 -23.83
CA LEU A 893 -5.06 1.15 -23.35
C LEU A 893 -5.50 1.27 -21.90
N CYS A 894 -4.73 2.00 -21.09
CA CYS A 894 -5.12 2.19 -19.70
C CYS A 894 -6.39 3.03 -19.58
N TYR A 895 -6.54 4.06 -20.41
CA TYR A 895 -7.76 4.84 -20.41
C TYR A 895 -8.96 3.98 -20.81
N PHE A 896 -8.80 3.20 -21.87
CA PHE A 896 -9.87 2.31 -22.31
C PHE A 896 -10.21 1.29 -21.23
N LEU A 897 -9.20 0.75 -20.55
CA LEU A 897 -9.42 -0.23 -19.49
C LEU A 897 -10.13 0.39 -18.30
N ASN A 898 -9.76 1.62 -17.93
CA ASN A 898 -10.45 2.28 -16.83
C ASN A 898 -11.93 2.46 -17.14
N ALA A 899 -12.23 2.92 -18.36
CA ALA A 899 -13.63 3.07 -18.74
C ALA A 899 -14.36 1.73 -18.74
N PHE A 900 -13.73 0.70 -19.32
CA PHE A 900 -14.37 -0.61 -19.41
C PHE A 900 -14.64 -1.19 -18.03
N MET A 901 -13.67 -1.09 -17.12
CA MET A 901 -13.88 -1.67 -15.79
C MET A 901 -14.80 -0.82 -14.93
N THR A 902 -14.89 0.49 -15.17
CA THR A 902 -15.93 1.28 -14.50
C THR A 902 -17.31 0.81 -14.94
N ILE A 903 -17.49 0.59 -16.24
CA ILE A 903 -18.76 0.09 -16.75
C ILE A 903 -19.06 -1.30 -16.18
N ARG A 904 -18.04 -2.16 -16.17
CA ARG A 904 -18.20 -3.52 -15.66
C ARG A 904 -18.57 -3.50 -14.18
N GLN A 905 -17.93 -2.64 -13.40
CA GLN A 905 -18.24 -2.55 -11.98
C GLN A 905 -19.66 -2.06 -11.74
N LEU A 906 -20.10 -1.04 -12.50
CA LEU A 906 -21.46 -0.56 -12.32
C LEU A 906 -22.47 -1.63 -12.71
N CYS A 907 -22.21 -2.35 -13.80
CA CYS A 907 -23.13 -3.42 -14.21
C CYS A 907 -23.16 -4.53 -13.17
N TYR A 908 -22.01 -4.89 -12.60
CA TYR A 908 -21.97 -5.92 -11.57
C TYR A 908 -22.75 -5.48 -10.33
N ASP A 909 -22.59 -4.22 -9.91
CA ASP A 909 -23.33 -3.73 -8.76
C ASP A 909 -24.82 -3.67 -9.04
N LEU A 910 -25.21 -3.37 -10.27
CA LEU A 910 -26.64 -3.32 -10.61
C LEU A 910 -27.26 -4.71 -10.63
N VAL A 911 -26.56 -5.69 -11.21
CA VAL A 911 -27.14 -7.02 -11.40
C VAL A 911 -26.81 -7.98 -10.28
N PHE A 912 -25.90 -7.62 -9.37
CA PHE A 912 -25.61 -8.42 -8.18
C PHE A 912 -25.86 -7.55 -6.95
N PRO A 913 -27.12 -7.31 -6.62
CA PRO A 913 -27.43 -6.39 -5.52
C PRO A 913 -26.98 -6.95 -4.18
N GLN A 914 -26.16 -6.16 -3.47
CA GLN A 914 -25.67 -6.59 -2.17
C GLN A 914 -26.82 -6.74 -1.16
N THR A 915 -27.74 -5.78 -1.16
CA THR A 915 -28.89 -5.79 -0.26
C THR A 915 -30.17 -5.78 -1.08
N LYS A 916 -31.10 -6.65 -0.72
CA LYS A 916 -32.40 -6.68 -1.40
C LYS A 916 -33.21 -5.45 -1.03
N SER A 917 -33.77 -4.78 -2.03
CA SER A 917 -34.55 -3.57 -1.84
C SER A 917 -36.00 -3.82 -2.23
N LEU A 918 -36.92 -3.22 -1.47
CA LEU A 918 -38.34 -3.38 -1.78
C LEU A 918 -38.68 -2.78 -3.13
N SER A 919 -38.14 -1.60 -3.44
CA SER A 919 -38.40 -0.92 -4.70
C SER A 919 -37.21 -1.10 -5.62
N GLN A 920 -37.46 -1.65 -6.81
CA GLN A 920 -36.43 -1.86 -7.82
C GLN A 920 -36.60 -0.92 -9.01
N ASP A 921 -37.24 0.23 -8.79
CA ASP A 921 -37.46 1.18 -9.88
C ASP A 921 -36.14 1.72 -10.43
N ILE A 922 -35.23 2.10 -9.54
CA ILE A 922 -33.94 2.65 -9.99
C ILE A 922 -33.12 1.57 -10.68
N THR A 923 -33.05 0.39 -10.09
CA THR A 923 -32.26 -0.70 -10.67
C THR A 923 -32.81 -1.10 -12.04
N ASN A 924 -34.14 -1.19 -12.16
CA ASN A 924 -34.74 -1.53 -13.44
C ASN A 924 -34.56 -0.41 -14.46
N ALA A 925 -34.61 0.84 -14.02
CA ALA A 925 -34.39 1.96 -14.93
C ALA A 925 -32.97 1.95 -15.48
N TYR A 926 -31.99 1.60 -14.64
CA TYR A 926 -30.62 1.53 -15.10
C TYR A 926 -30.36 0.29 -15.96
N LEU A 927 -30.97 -0.85 -15.61
CA LEU A 927 -30.72 -2.08 -16.34
C LEU A 927 -31.31 -2.05 -17.74
N ASN A 928 -32.46 -1.41 -17.91
CA ASN A 928 -33.13 -1.38 -19.21
C ASN A 928 -32.58 -0.31 -20.14
N HIS A 929 -31.75 0.61 -19.65
CA HIS A 929 -31.18 1.68 -20.45
C HIS A 929 -29.67 1.70 -20.25
N PRO A 930 -28.93 0.93 -21.05
CA PRO A 930 -27.46 0.94 -20.94
C PRO A 930 -26.84 2.29 -21.27
N ILE A 931 -27.54 3.15 -22.02
CA ILE A 931 -26.99 4.46 -22.32
C ILE A 931 -26.87 5.30 -21.05
N LEU A 932 -27.81 5.13 -20.12
CA LEU A 932 -27.68 5.77 -18.82
C LEU A 932 -26.46 5.26 -18.07
N ILE A 933 -26.21 3.96 -18.15
CA ILE A 933 -25.04 3.38 -17.51
C ILE A 933 -23.76 3.98 -18.08
N SER A 934 -23.69 4.10 -19.41
CA SER A 934 -22.52 4.68 -20.05
C SER A 934 -22.33 6.14 -19.66
N ARG A 935 -23.43 6.91 -19.64
CA ARG A 935 -23.35 8.31 -19.27
C ARG A 935 -22.87 8.49 -17.84
N LEU A 936 -23.36 7.65 -16.92
CA LEU A 936 -22.92 7.73 -15.53
C LEU A 936 -21.47 7.30 -15.38
N CYS A 937 -21.05 6.29 -16.12
CA CYS A 937 -19.68 5.78 -15.97
C CYS A 937 -18.67 6.75 -16.56
N LEU A 938 -19.00 7.43 -17.65
CA LEU A 938 -18.08 8.37 -18.27
C LEU A 938 -18.08 9.74 -17.62
N LEU A 939 -19.06 10.04 -16.78
CA LEU A 939 -19.08 11.33 -16.10
C LEU A 939 -18.00 11.37 -15.02
N PRO A 940 -17.22 12.45 -14.93
CA PRO A 940 -16.18 12.52 -13.90
C PRO A 940 -16.77 12.49 -12.50
N SER A 941 -15.97 11.96 -11.57
CA SER A 941 -16.43 11.82 -10.19
C SER A 941 -16.67 13.16 -9.52
N GLN A 942 -16.05 14.23 -10.01
CA GLN A 942 -16.27 15.56 -9.43
C GLN A 942 -17.66 16.07 -9.73
N LEU A 943 -18.25 15.64 -10.84
CA LEU A 943 -19.59 16.05 -11.24
C LEU A 943 -20.67 15.06 -10.83
N GLY A 944 -20.30 13.99 -10.13
CA GLY A 944 -21.26 13.00 -9.68
C GLY A 944 -21.13 11.64 -10.33
N GLY A 945 -20.31 11.51 -11.37
CA GLY A 945 -20.17 10.26 -12.08
C GLY A 945 -19.23 9.30 -11.38
N LEU A 946 -18.81 8.27 -12.13
CA LEU A 946 -17.92 7.24 -11.62
C LEU A 946 -16.59 7.19 -12.36
N ASN A 947 -16.26 8.24 -13.11
CA ASN A 947 -14.99 8.30 -13.83
C ASN A 947 -13.97 9.02 -12.93
N PHE A 948 -13.20 8.23 -12.20
CA PHE A 948 -12.24 8.75 -11.24
C PHE A 948 -10.86 8.99 -11.84
N LEU A 949 -10.65 8.64 -13.11
CA LEU A 949 -9.38 8.83 -13.79
C LEU A 949 -9.57 9.90 -14.85
N SER A 950 -8.94 11.07 -14.65
CA SER A 950 -9.01 12.15 -15.61
C SER A 950 -8.01 11.93 -16.74
N CYS A 951 -8.25 12.62 -17.86
CA CYS A 951 -7.37 12.50 -19.00
C CYS A 951 -5.97 13.01 -18.67
N SER A 952 -5.88 14.12 -17.94
CA SER A 952 -4.58 14.65 -17.56
C SER A 952 -3.88 13.79 -16.51
N ARG A 953 -4.63 12.96 -15.79
CA ARG A 953 -4.02 12.05 -14.81
C ARG A 953 -3.16 10.99 -15.47
N LEU A 954 -3.35 10.75 -16.77
CA LEU A 954 -2.55 9.75 -17.48
C LEU A 954 -1.09 10.15 -17.63
N PHE A 955 -0.75 11.41 -17.38
CA PHE A 955 0.60 11.91 -17.61
C PHE A 955 1.30 12.42 -16.36
N ASN A 956 0.59 13.15 -15.50
CA ASN A 956 1.19 13.73 -14.31
C ASN A 956 0.40 13.34 -13.07
N ARG A 957 1.14 12.98 -12.02
CA ARG A 957 0.50 12.63 -10.76
C ARG A 957 -0.18 13.85 -10.13
N ASN A 958 0.48 15.00 -10.17
CA ASN A 958 -0.05 16.20 -9.52
C ASN A 958 -1.15 16.82 -10.36
N ILE A 959 -2.30 17.04 -9.74
CA ILE A 959 -3.44 17.71 -10.37
C ILE A 959 -3.81 18.91 -9.52
N GLY A 960 -3.88 20.08 -10.15
CA GLY A 960 -4.15 21.30 -9.42
C GLY A 960 -5.61 21.47 -9.04
N ASP A 961 -6.48 21.61 -10.04
CA ASP A 961 -7.90 21.80 -9.81
C ASP A 961 -8.64 20.61 -10.42
N PRO A 962 -9.17 19.69 -9.61
CA PRO A 962 -9.90 18.55 -10.18
C PRO A 962 -11.12 18.96 -10.98
N LEU A 963 -11.79 20.05 -10.61
CA LEU A 963 -12.99 20.46 -11.34
C LEU A 963 -12.65 20.94 -12.75
N VAL A 964 -11.52 21.63 -12.92
CA VAL A 964 -11.12 22.07 -14.25
C VAL A 964 -10.82 20.87 -15.14
N SER A 965 -10.13 19.86 -14.58
CA SER A 965 -9.87 18.65 -15.34
C SER A 965 -11.16 17.92 -15.68
N ALA A 966 -12.12 17.89 -14.76
CA ALA A 966 -13.41 17.27 -15.04
C ALA A 966 -14.14 18.00 -16.15
N ILE A 967 -14.11 19.33 -16.14
CA ILE A 967 -14.77 20.11 -17.19
C ILE A 967 -14.09 19.87 -18.53
N ALA A 968 -12.75 19.80 -18.54
CA ALA A 968 -12.04 19.51 -19.78
C ALA A 968 -12.40 18.13 -20.31
N ASP A 969 -12.49 17.14 -19.41
CA ASP A 969 -12.87 15.80 -19.84
C ASP A 969 -14.29 15.78 -20.41
N VAL A 970 -15.20 16.51 -19.77
CA VAL A 970 -16.57 16.58 -20.26
C VAL A 970 -16.62 17.23 -21.63
N LYS A 971 -15.83 18.30 -21.83
CA LYS A 971 -15.76 18.93 -23.15
C LYS A 971 -15.20 17.98 -24.20
N ARG A 972 -14.17 17.21 -23.84
CA ARG A 972 -13.61 16.24 -24.78
C ARG A 972 -14.64 15.18 -25.15
N LEU A 973 -15.39 14.69 -24.15
CA LEU A 973 -16.40 13.67 -24.42
C LEU A 973 -17.53 14.23 -25.28
N ILE A 974 -17.92 15.49 -25.04
CA ILE A 974 -18.94 16.12 -25.88
C ILE A 974 -18.44 16.26 -27.32
N LYS A 975 -17.21 16.70 -27.49
CA LYS A 975 -16.66 16.85 -28.84
C LYS A 975 -16.59 15.49 -29.56
N ALA A 976 -16.16 14.45 -28.85
CA ALA A 976 -16.09 13.13 -29.46
C ALA A 976 -17.49 12.57 -29.74
N GLY A 977 -18.38 12.64 -28.75
CA GLY A 977 -19.71 12.12 -28.92
C GLY A 977 -20.12 11.15 -27.83
N CYS A 978 -19.22 10.93 -26.87
CA CYS A 978 -19.53 10.04 -25.75
C CYS A 978 -20.68 10.59 -24.92
N LEU A 979 -20.65 11.88 -24.62
CA LEU A 979 -21.70 12.56 -23.88
C LEU A 979 -22.41 13.54 -24.79
N ASP A 980 -23.29 14.33 -24.18
CA ASP A 980 -24.12 15.28 -24.96
C ASP A 980 -24.11 16.62 -24.23
N ILE A 981 -24.21 17.72 -24.97
CA ILE A 981 -24.08 19.06 -24.39
C ILE A 981 -25.17 19.30 -23.35
N TRP A 982 -26.35 18.70 -23.54
CA TRP A 982 -27.41 18.89 -22.56
C TRP A 982 -27.06 18.27 -21.21
N VAL A 983 -26.17 17.27 -21.18
CA VAL A 983 -25.67 16.77 -19.90
C VAL A 983 -24.89 17.87 -19.18
N LEU A 984 -24.03 18.59 -19.93
CA LEU A 984 -23.29 19.69 -19.34
C LEU A 984 -24.24 20.80 -18.87
N TYR A 985 -25.28 21.08 -19.65
CA TYR A 985 -26.25 22.10 -19.23
C TYR A 985 -27.01 21.67 -17.99
N ASN A 986 -27.35 20.38 -17.88
CA ASN A 986 -28.00 19.87 -16.68
C ASN A 986 -27.08 19.99 -15.47
N ILE A 987 -25.80 19.69 -15.65
CA ILE A 987 -24.85 19.84 -14.55
C ILE A 987 -24.75 21.30 -14.13
N LEU A 988 -24.69 22.21 -15.10
CA LEU A 988 -24.63 23.64 -14.78
C LEU A 988 -25.91 24.10 -14.07
N GLY A 989 -27.05 23.64 -14.54
CA GLY A 989 -28.34 24.01 -13.98
C GLY A 989 -28.82 23.14 -12.85
N ARG A 990 -27.97 22.24 -12.34
CA ARG A 990 -28.38 21.35 -11.26
C ARG A 990 -28.69 22.14 -9.99
N ARG A 991 -29.70 21.68 -9.27
CA ARG A 991 -30.07 22.32 -8.02
C ARG A 991 -28.97 22.13 -6.98
N PRO A 992 -28.63 23.19 -6.24
CA PRO A 992 -27.60 23.05 -5.19
C PRO A 992 -28.00 22.04 -4.13
N GLY A 993 -27.02 21.31 -3.61
CA GLY A 993 -27.24 20.29 -2.62
C GLY A 993 -27.34 20.85 -1.22
N LYS A 994 -27.38 19.93 -0.25
CA LYS A 994 -27.50 20.29 1.16
C LYS A 994 -26.11 20.48 1.76
N GLY A 995 -25.42 21.52 1.27
CA GLY A 995 -24.09 21.82 1.75
C GLY A 995 -24.04 23.05 2.63
N LYS A 996 -23.06 23.09 3.52
CA LYS A 996 -22.86 24.19 4.45
C LYS A 996 -21.51 24.85 4.19
N TRP A 997 -21.16 25.82 5.04
CA TRP A 997 -19.84 26.43 4.93
C TRP A 997 -18.74 25.45 5.31
N SER A 998 -19.03 24.52 6.22
CA SER A 998 -18.01 23.59 6.70
C SER A 998 -17.52 22.67 5.60
N THR A 999 -18.43 22.19 4.74
CA THR A 999 -18.00 21.29 3.67
C THR A 999 -17.25 22.03 2.57
N LEU A 1000 -17.63 23.29 2.31
CA LEU A 1000 -16.89 24.09 1.33
C LEU A 1000 -15.48 24.38 1.83
N ALA A 1001 -15.34 24.74 3.11
CA ALA A 1001 -14.02 25.08 3.64
C ALA A 1001 -13.15 23.85 3.84
N ALA A 1002 -13.73 22.77 4.36
CA ALA A 1002 -12.93 21.59 4.69
C ALA A 1002 -12.35 20.93 3.44
N ASP A 1003 -13.15 20.86 2.38
CA ASP A 1003 -12.71 20.23 1.13
C ASP A 1003 -13.03 21.16 -0.02
N PRO A 1004 -12.11 22.08 -0.35
CA PRO A 1004 -12.32 22.94 -1.52
C PRO A 1004 -12.28 22.16 -2.81
N TYR A 1005 -12.50 22.83 -3.94
CA TYR A 1005 -12.59 22.26 -5.28
C TYR A 1005 -13.81 21.36 -5.45
N THR A 1006 -14.66 21.23 -4.45
CA THR A 1006 -15.81 20.34 -4.51
C THR A 1006 -17.08 21.15 -4.75
N LEU A 1007 -17.92 20.67 -5.65
CA LEU A 1007 -19.19 21.32 -5.92
C LEU A 1007 -20.21 20.94 -4.85
N ASN A 1008 -21.30 21.70 -4.82
CA ASN A 1008 -22.39 21.46 -3.87
C ASN A 1008 -23.34 20.42 -4.46
N ILE A 1009 -22.82 19.20 -4.56
CA ILE A 1009 -23.54 18.07 -5.15
C ILE A 1009 -23.65 16.98 -4.10
N ASP A 1010 -24.86 16.48 -3.88
CA ASP A 1010 -25.06 15.44 -2.89
C ASP A 1010 -24.48 14.11 -3.37
N TYR A 1011 -24.21 13.23 -2.41
CA TYR A 1011 -23.74 11.87 -2.66
C TYR A 1011 -22.40 11.85 -3.38
N LEU A 1012 -21.57 12.88 -3.19
CA LEU A 1012 -20.18 12.80 -3.62
C LEU A 1012 -19.28 12.14 -2.60
N VAL A 1013 -19.77 11.91 -1.38
CA VAL A 1013 -19.02 11.29 -0.30
C VAL A 1013 -19.59 9.88 -0.11
N PRO A 1014 -18.80 8.83 -0.35
CA PRO A 1014 -19.31 7.47 -0.21
C PRO A 1014 -19.64 7.15 1.24
N SER A 1015 -20.52 6.16 1.42
CA SER A 1015 -20.89 5.72 2.76
C SER A 1015 -19.72 5.11 3.50
N THR A 1016 -18.66 4.74 2.80
CA THR A 1016 -17.48 4.16 3.46
C THR A 1016 -16.82 5.18 4.38
N THR A 1017 -16.57 6.38 3.86
CA THR A 1017 -15.99 7.42 4.69
C THR A 1017 -16.94 7.87 5.78
N PHE A 1018 -18.26 7.81 5.51
CA PHE A 1018 -19.22 8.09 6.57
C PHE A 1018 -19.10 7.08 7.71
N LEU A 1019 -18.95 5.80 7.38
CA LEU A 1019 -18.77 4.79 8.42
C LEU A 1019 -17.47 5.01 9.17
N LYS A 1020 -16.40 5.36 8.46
CA LYS A 1020 -15.13 5.64 9.13
C LYS A 1020 -15.26 6.82 10.10
N LYS A 1021 -15.91 7.89 9.66
CA LYS A 1021 -16.09 9.05 10.52
C LYS A 1021 -17.00 8.74 11.70
N HIS A 1022 -18.03 7.92 11.48
CA HIS A 1022 -18.89 7.51 12.59
C HIS A 1022 -18.12 6.70 13.61
N ALA A 1023 -17.25 5.79 13.15
CA ALA A 1023 -16.43 5.02 14.08
C ALA A 1023 -15.48 5.93 14.85
N GLN A 1024 -14.86 6.90 14.17
CA GLN A 1024 -13.96 7.81 14.84
C GLN A 1024 -14.70 8.67 15.87
N TYR A 1025 -15.88 9.15 15.52
CA TYR A 1025 -16.68 9.94 16.45
C TYR A 1025 -17.11 9.12 17.65
N THR A 1026 -17.52 7.87 17.42
CA THR A 1026 -17.90 7.00 18.53
C THR A 1026 -16.71 6.74 19.45
N LEU A 1027 -15.54 6.50 18.88
CA LEU A 1027 -14.34 6.30 19.69
C LEU A 1027 -14.00 7.55 20.50
N MET A 1028 -14.13 8.73 19.88
CA MET A 1028 -13.85 9.97 20.59
C MET A 1028 -14.84 10.21 21.72
N GLU A 1029 -16.12 9.93 21.49
CA GLU A 1029 -17.14 10.26 22.47
C GLU A 1029 -16.94 9.48 23.77
N ARG A 1030 -16.62 8.19 23.66
CA ARG A 1030 -16.42 7.34 24.83
C ARG A 1030 -15.00 7.38 25.35
N SER A 1031 -14.11 8.14 24.72
CA SER A 1031 -12.73 8.21 25.17
C SER A 1031 -12.63 8.89 26.52
N VAL A 1032 -11.80 8.33 27.41
CA VAL A 1032 -11.56 8.90 28.72
C VAL A 1032 -10.08 9.08 29.00
N ASN A 1033 -9.23 8.91 28.00
CA ASN A 1033 -7.79 9.00 28.20
C ASN A 1033 -7.39 10.42 28.61
N PRO A 1034 -6.45 10.58 29.54
CA PRO A 1034 -6.00 11.93 29.90
C PRO A 1034 -5.37 12.68 28.74
N MET A 1035 -4.72 11.99 27.81
CA MET A 1035 -4.08 12.66 26.69
C MET A 1035 -5.07 13.31 25.74
N LEU A 1036 -6.34 12.92 25.79
CA LEU A 1036 -7.39 13.45 24.94
C LEU A 1036 -8.54 14.02 25.75
N ARG A 1037 -8.21 14.71 26.87
CA ARG A 1037 -9.24 15.18 27.78
C ARG A 1037 -10.14 16.21 27.13
N GLY A 1038 -9.57 17.14 26.36
CA GLY A 1038 -10.33 18.19 25.74
C GLY A 1038 -10.49 18.11 24.23
N VAL A 1039 -10.05 17.01 23.61
CA VAL A 1039 -10.12 16.91 22.16
C VAL A 1039 -11.58 16.88 21.69
N PHE A 1040 -12.40 16.07 22.36
CA PHE A 1040 -13.78 15.88 21.94
C PHE A 1040 -14.71 16.91 22.58
N SER A 1041 -15.59 17.47 21.76
CA SER A 1041 -16.63 18.38 22.24
C SER A 1041 -17.91 18.11 21.46
N GLU A 1042 -19.05 18.28 22.14
CA GLU A 1042 -20.34 18.01 21.50
C GLU A 1042 -20.65 19.03 20.41
N ASN A 1043 -20.20 20.27 20.58
CA ASN A 1043 -20.46 21.33 19.61
C ASN A 1043 -19.31 21.49 18.61
N ALA A 1044 -18.58 20.42 18.31
CA ALA A 1044 -17.48 20.51 17.36
C ALA A 1044 -17.96 20.89 15.97
N ALA A 1045 -19.05 20.28 15.52
CA ALA A 1045 -19.60 20.61 14.20
C ALA A 1045 -20.06 22.06 14.15
N GLU A 1046 -20.72 22.53 15.20
CA GLU A 1046 -21.16 23.92 15.24
C GLU A 1046 -19.99 24.88 15.22
N GLU A 1047 -18.94 24.57 15.99
CA GLU A 1047 -17.76 25.43 16.00
C GLU A 1047 -17.09 25.47 14.62
N GLU A 1048 -16.97 24.30 13.97
CA GLU A 1048 -16.37 24.26 12.65
C GLU A 1048 -17.20 25.05 11.65
N GLU A 1049 -18.53 24.92 11.71
CA GLU A 1049 -19.39 25.66 10.79
C GLU A 1049 -19.28 27.16 11.02
N GLU A 1050 -19.26 27.59 12.29
CA GLU A 1050 -19.14 29.02 12.58
C GLU A 1050 -17.80 29.57 12.09
N LEU A 1051 -16.71 28.84 12.34
CA LEU A 1051 -15.41 29.32 11.89
C LEU A 1051 -15.31 29.36 10.37
N ALA A 1052 -15.86 28.34 9.70
CA ALA A 1052 -15.85 28.33 8.24
C ALA A 1052 -16.66 29.47 7.67
N GLN A 1053 -17.82 29.75 8.26
CA GLN A 1053 -18.62 30.90 7.82
C GLN A 1053 -17.87 32.20 8.05
N TYR A 1054 -17.21 32.33 9.20
CA TYR A 1054 -16.45 33.54 9.47
C TYR A 1054 -15.35 33.75 8.45
N LEU A 1055 -14.62 32.68 8.10
CA LEU A 1055 -13.53 32.80 7.14
C LEU A 1055 -14.02 32.96 5.71
N LEU A 1056 -15.21 32.47 5.39
CA LEU A 1056 -15.71 32.46 4.02
C LEU A 1056 -16.73 33.55 3.71
N ASP A 1057 -17.64 33.85 4.64
CA ASP A 1057 -18.67 34.85 4.41
C ASP A 1057 -18.01 36.24 4.46
N ARG A 1058 -17.37 36.59 3.37
CA ARG A 1058 -16.69 37.88 3.23
C ARG A 1058 -17.02 38.44 1.85
N GLU A 1059 -16.39 39.57 1.51
CA GLU A 1059 -16.59 40.16 0.19
C GLU A 1059 -16.06 39.23 -0.90
N VAL A 1060 -14.88 38.65 -0.69
CA VAL A 1060 -14.28 37.69 -1.60
C VAL A 1060 -14.04 36.40 -0.84
N VAL A 1061 -14.52 35.29 -1.37
CA VAL A 1061 -14.39 33.99 -0.72
C VAL A 1061 -13.12 33.31 -1.22
N MET A 1062 -12.35 32.75 -0.29
CA MET A 1062 -11.08 32.08 -0.60
C MET A 1062 -11.11 30.70 0.05
N PRO A 1063 -11.64 29.69 -0.64
CA PRO A 1063 -11.74 28.36 -0.03
C PRO A 1063 -10.40 27.78 0.40
N ARG A 1064 -9.31 28.03 -0.34
CA ARG A 1064 -8.01 27.51 0.07
C ARG A 1064 -7.53 28.18 1.35
N VAL A 1065 -7.68 29.50 1.44
CA VAL A 1065 -7.26 30.22 2.65
C VAL A 1065 -8.06 29.74 3.85
N ALA A 1066 -9.38 29.62 3.68
CA ALA A 1066 -10.23 29.14 4.77
C ALA A 1066 -9.85 27.72 5.17
N HIS A 1067 -9.56 26.86 4.18
CA HIS A 1067 -9.15 25.49 4.48
C HIS A 1067 -7.87 25.46 5.30
N VAL A 1068 -6.87 26.24 4.88
CA VAL A 1068 -5.59 26.25 5.59
C VAL A 1068 -5.77 26.79 7.01
N ILE A 1069 -6.53 27.89 7.15
CA ILE A 1069 -6.73 28.48 8.46
C ILE A 1069 -7.47 27.53 9.38
N LEU A 1070 -8.52 26.88 8.87
CA LEU A 1070 -9.26 25.91 9.66
C LEU A 1070 -8.36 24.75 10.09
N ALA A 1071 -7.55 24.23 9.17
CA ALA A 1071 -6.69 23.11 9.50
C ALA A 1071 -5.67 23.50 10.56
N GLN A 1072 -5.11 24.70 10.47
CA GLN A 1072 -4.11 25.14 11.43
C GLN A 1072 -4.71 25.72 12.71
N SER A 1073 -6.03 25.82 12.80
CA SER A 1073 -6.66 26.34 14.01
C SER A 1073 -6.83 25.21 15.03
N SER A 1074 -7.43 25.54 16.18
CA SER A 1074 -7.63 24.53 17.21
C SER A 1074 -8.60 23.45 16.73
N CYS A 1075 -9.70 23.85 16.11
CA CYS A 1075 -10.70 22.88 15.65
C CYS A 1075 -10.12 21.96 14.59
N GLY A 1076 -9.27 22.49 13.71
CA GLY A 1076 -8.59 21.65 12.75
C GLY A 1076 -7.66 20.65 13.41
N ARG A 1077 -6.98 21.07 14.47
CA ARG A 1077 -6.13 20.15 15.22
C ARG A 1077 -6.96 19.04 15.86
N ARG A 1078 -8.11 19.39 16.41
CA ARG A 1078 -9.00 18.38 17.00
C ARG A 1078 -9.52 17.42 15.95
N LYS A 1079 -9.87 17.94 14.77
CA LYS A 1079 -10.28 17.06 13.67
C LYS A 1079 -9.15 16.13 13.25
N GLN A 1080 -7.91 16.65 13.20
CA GLN A 1080 -6.77 15.81 12.86
C GLN A 1080 -6.56 14.71 13.90
N ILE A 1081 -6.66 15.06 15.18
CA ILE A 1081 -6.49 14.07 16.25
C ILE A 1081 -7.57 13.00 16.16
N GLN A 1082 -8.83 13.42 15.92
CA GLN A 1082 -9.91 12.46 15.76
C GLN A 1082 -9.69 11.58 14.53
N GLY A 1083 -9.10 12.13 13.48
CA GLY A 1083 -8.79 11.35 12.29
C GLY A 1083 -7.56 10.49 12.40
N TYR A 1084 -6.77 10.66 13.47
CA TYR A 1084 -5.63 9.77 13.70
C TYR A 1084 -6.04 8.33 13.94
N LEU A 1085 -7.28 8.09 14.36
CA LEU A 1085 -7.76 6.73 14.58
C LEU A 1085 -7.78 5.94 13.27
N ASP A 1086 -7.46 4.66 13.38
CA ASP A 1086 -7.31 3.83 12.18
C ASP A 1086 -8.65 3.49 11.55
N SER A 1087 -9.66 3.21 12.39
CA SER A 1087 -11.02 2.87 11.91
C SER A 1087 -10.99 1.64 11.01
N THR A 1088 -10.59 0.52 11.60
CA THR A 1088 -10.53 -0.76 10.90
C THR A 1088 -11.92 -1.42 10.95
N ARG A 1089 -12.05 -2.55 10.25
CA ARG A 1089 -13.32 -3.28 10.24
C ARG A 1089 -13.77 -3.64 11.65
N THR A 1090 -12.85 -4.12 12.48
CA THR A 1090 -13.19 -4.42 13.87
C THR A 1090 -13.61 -3.16 14.61
N ILE A 1091 -12.91 -2.05 14.38
CA ILE A 1091 -13.25 -0.79 15.03
C ILE A 1091 -14.63 -0.32 14.58
N ILE A 1092 -14.91 -0.42 13.28
CA ILE A 1092 -16.21 0.00 12.77
C ILE A 1092 -17.33 -0.85 13.36
N ARG A 1093 -17.11 -2.17 13.43
CA ARG A 1093 -18.10 -3.06 14.01
C ARG A 1093 -18.33 -2.73 15.48
N TYR A 1094 -17.26 -2.47 16.23
CA TYR A 1094 -17.40 -2.12 17.64
C TYR A 1094 -18.16 -0.82 17.81
N SER A 1095 -17.87 0.18 16.96
CA SER A 1095 -18.59 1.45 17.04
C SER A 1095 -20.06 1.28 16.71
N LEU A 1096 -20.38 0.45 15.72
CA LEU A 1096 -21.77 0.21 15.39
C LEU A 1096 -22.49 -0.56 16.49
N GLU A 1097 -21.76 -1.39 17.23
CA GLU A 1097 -22.39 -2.16 18.31
C GLU A 1097 -22.64 -1.29 19.54
N VAL A 1098 -21.59 -0.61 20.04
CA VAL A 1098 -21.74 0.17 21.27
C VAL A 1098 -22.58 1.42 21.03
N ARG A 1099 -22.56 1.96 19.81
CA ARG A 1099 -23.35 3.14 19.46
C ARG A 1099 -24.14 2.81 18.20
N PRO A 1100 -25.33 2.24 18.34
CA PRO A 1100 -26.09 1.82 17.16
C PRO A 1100 -26.58 3.00 16.36
N LEU A 1101 -26.66 2.80 15.05
CA LEU A 1101 -27.16 3.83 14.14
C LEU A 1101 -28.68 3.89 14.21
N SER A 1102 -29.21 5.09 13.95
CA SER A 1102 -30.66 5.26 13.92
C SER A 1102 -31.25 4.54 12.71
N ALA A 1103 -32.57 4.35 12.76
CA ALA A 1103 -33.24 3.61 11.69
C ALA A 1103 -33.11 4.34 10.35
N LYS A 1104 -33.29 5.66 10.35
CA LYS A 1104 -33.09 6.43 9.13
C LYS A 1104 -31.64 6.37 8.68
N LYS A 1105 -30.71 6.51 9.62
CA LYS A 1105 -29.28 6.40 9.28
C LYS A 1105 -28.96 5.00 8.77
N LEU A 1106 -29.53 3.97 9.41
CA LEU A 1106 -29.31 2.61 8.95
C LEU A 1106 -29.80 2.44 7.51
N ASN A 1107 -31.01 2.95 7.22
CA ASN A 1107 -31.56 2.80 5.88
C ASN A 1107 -30.74 3.55 4.85
N THR A 1108 -30.29 4.76 5.17
CA THR A 1108 -29.51 5.52 4.18
C THR A 1108 -28.14 4.90 3.96
N VAL A 1109 -27.52 4.36 5.01
CA VAL A 1109 -26.24 3.67 4.81
C VAL A 1109 -26.44 2.42 3.96
N ILE A 1110 -27.53 1.69 4.19
CA ILE A 1110 -27.78 0.48 3.42
C ILE A 1110 -28.03 0.80 1.95
N GLU A 1111 -28.85 1.81 1.68
CA GLU A 1111 -29.29 2.11 0.32
C GLU A 1111 -28.62 3.35 -0.27
N TYR A 1112 -27.42 3.68 0.20
CA TYR A 1112 -26.65 4.76 -0.40
C TYR A 1112 -26.48 4.58 -1.90
N ASN A 1113 -26.22 3.35 -2.35
CA ASN A 1113 -26.00 3.12 -3.77
C ASN A 1113 -27.25 3.46 -4.58
N LEU A 1114 -28.41 2.98 -4.14
CA LEU A 1114 -29.65 3.27 -4.84
C LEU A 1114 -30.00 4.75 -4.79
N LEU A 1115 -29.77 5.40 -3.64
CA LEU A 1115 -30.03 6.82 -3.53
C LEU A 1115 -29.13 7.62 -4.48
N TYR A 1116 -27.86 7.24 -4.58
CA TYR A 1116 -26.93 7.91 -5.48
C TYR A 1116 -27.34 7.73 -6.93
N LEU A 1117 -27.73 6.50 -7.30
CA LEU A 1117 -28.16 6.25 -8.68
C LEU A 1117 -29.42 7.06 -9.01
N SER A 1118 -30.38 7.10 -8.09
CA SER A 1118 -31.59 7.89 -8.32
C SER A 1118 -31.28 9.38 -8.41
N TYR A 1119 -30.33 9.85 -7.59
CA TYR A 1119 -29.95 11.26 -7.61
C TYR A 1119 -29.33 11.64 -8.95
N ASN A 1120 -28.44 10.80 -9.47
CA ASN A 1120 -27.83 11.09 -10.77
C ASN A 1120 -28.78 10.85 -11.93
N LEU A 1121 -29.84 10.06 -11.72
CA LEU A 1121 -30.87 9.90 -12.75
C LEU A 1121 -31.49 11.23 -13.16
N GLU A 1122 -31.47 12.23 -12.26
CA GLU A 1122 -32.04 13.53 -12.58
C GLU A 1122 -31.20 14.32 -13.57
N ILE A 1123 -29.95 13.92 -13.81
CA ILE A 1123 -29.11 14.61 -14.78
C ILE A 1123 -28.68 13.73 -15.94
N ILE A 1124 -28.68 12.40 -15.80
CA ILE A 1124 -28.18 11.54 -16.87
C ILE A 1124 -29.33 10.88 -17.64
N GLU A 1125 -30.53 11.45 -17.59
CA GLU A 1125 -31.68 10.85 -18.25
C GLU A 1125 -32.21 11.69 -19.41
N LYS A 1126 -32.58 12.93 -19.17
CA LYS A 1126 -33.21 13.78 -20.17
C LYS A 1126 -32.71 15.20 -20.03
N PRO A 1127 -32.76 15.99 -21.11
CA PRO A 1127 -32.34 17.39 -21.01
C PRO A 1127 -33.29 18.23 -20.16
N ASN A 1128 -32.80 18.69 -19.01
CA ASN A 1128 -33.61 19.53 -18.15
C ASN A 1128 -33.70 20.96 -18.72
N ILE A 1129 -34.72 21.68 -18.28
CA ILE A 1129 -34.87 23.09 -18.63
C ILE A 1129 -33.97 23.92 -17.73
N VAL A 1130 -33.08 24.69 -18.36
CA VAL A 1130 -32.07 25.46 -17.63
C VAL A 1130 -32.29 26.94 -17.90
N GLN A 1131 -31.59 27.77 -17.12
CA GLN A 1131 -31.70 29.21 -17.28
C GLN A 1131 -31.13 29.64 -18.63
N PRO A 1132 -31.72 30.65 -19.26
CA PRO A 1132 -31.24 31.06 -20.60
C PRO A 1132 -29.79 31.54 -20.61
N PHE A 1133 -29.31 32.14 -19.53
CA PHE A 1133 -27.94 32.67 -19.52
C PHE A 1133 -26.89 31.58 -19.50
N LEU A 1134 -27.27 30.33 -19.27
CA LEU A 1134 -26.30 29.24 -19.31
C LEU A 1134 -25.94 28.85 -20.74
N ASN A 1135 -26.72 29.27 -21.73
CA ASN A 1135 -26.41 28.94 -23.11
C ASN A 1135 -25.18 29.67 -23.62
N ALA A 1136 -24.69 30.69 -22.90
CA ALA A 1136 -23.44 31.33 -23.28
C ALA A 1136 -22.28 30.36 -23.19
N ILE A 1137 -22.32 29.44 -22.22
CA ILE A 1137 -21.29 28.42 -22.10
C ILE A 1137 -21.41 27.44 -23.25
N ASN A 1138 -20.30 27.19 -23.93
CA ASN A 1138 -20.28 26.28 -25.07
C ASN A 1138 -19.24 25.19 -24.87
N VAL A 1139 -19.01 24.38 -25.90
CA VAL A 1139 -17.96 23.37 -25.82
C VAL A 1139 -16.59 23.97 -26.13
N ASP A 1140 -16.53 25.16 -26.73
CA ASP A 1140 -15.28 25.85 -26.97
C ASP A 1140 -14.89 26.78 -25.83
N THR A 1141 -15.74 26.94 -24.82
CA THR A 1141 -15.42 27.79 -23.69
C THR A 1141 -14.28 27.21 -22.89
N CYS A 1142 -13.42 28.08 -22.38
CA CYS A 1142 -12.30 27.63 -21.56
C CYS A 1142 -12.81 26.91 -20.32
N SER A 1143 -12.14 25.82 -19.95
CA SER A 1143 -12.56 25.03 -18.80
C SER A 1143 -12.51 25.84 -17.51
N ILE A 1144 -11.63 26.84 -17.44
CA ILE A 1144 -11.55 27.68 -16.25
C ILE A 1144 -12.81 28.52 -16.09
N ASP A 1145 -13.29 29.12 -17.19
CA ASP A 1145 -14.51 29.92 -17.12
C ASP A 1145 -15.71 29.04 -16.77
N ILE A 1146 -15.80 27.85 -17.36
CA ILE A 1146 -16.89 26.93 -17.05
C ILE A 1146 -16.82 26.52 -15.58
N ALA A 1147 -15.62 26.25 -15.07
CA ALA A 1147 -15.47 25.88 -13.67
C ALA A 1147 -15.88 27.02 -12.75
N ARG A 1148 -15.50 28.25 -13.09
CA ARG A 1148 -15.89 29.40 -12.27
C ARG A 1148 -17.40 29.57 -12.25
N SER A 1149 -18.05 29.47 -13.41
CA SER A 1149 -19.50 29.59 -13.47
C SER A 1149 -20.17 28.47 -12.70
N LEU A 1150 -19.68 27.24 -12.85
CA LEU A 1150 -20.28 26.10 -12.18
C LEU A 1150 -20.14 26.22 -10.67
N ARG A 1151 -19.00 26.69 -10.19
CA ARG A 1151 -18.84 26.93 -8.76
C ARG A 1151 -19.73 28.08 -8.29
N LYS A 1152 -20.00 29.05 -9.17
CA LYS A 1152 -20.87 30.16 -8.79
C LYS A 1152 -22.31 29.71 -8.63
N LEU A 1153 -22.84 28.94 -9.60
CA LEU A 1153 -24.23 28.50 -9.46
C LEU A 1153 -24.37 27.38 -8.42
N SER A 1154 -23.37 26.49 -8.30
CA SER A 1154 -23.49 25.38 -7.38
C SER A 1154 -23.58 25.86 -5.93
N TRP A 1155 -22.79 26.87 -5.57
CA TRP A 1155 -22.81 27.46 -4.24
C TRP A 1155 -23.63 28.74 -4.19
N ALA A 1156 -24.68 28.84 -5.02
CA ALA A 1156 -25.51 30.04 -5.05
C ALA A 1156 -26.24 30.26 -3.73
N THR A 1157 -26.69 29.17 -3.11
CA THR A 1157 -27.41 29.29 -1.84
C THR A 1157 -26.51 29.87 -0.75
N LEU A 1158 -25.26 29.40 -0.69
CA LEU A 1158 -24.35 29.86 0.35
C LEU A 1158 -23.85 31.27 0.08
N LEU A 1159 -23.43 31.54 -1.16
CA LEU A 1159 -22.74 32.78 -1.47
C LEU A 1159 -23.66 33.90 -1.94
N ASN A 1160 -24.84 33.55 -2.48
CA ASN A 1160 -25.79 34.54 -2.97
C ASN A 1160 -25.17 35.42 -4.06
N GLY A 1161 -24.38 34.80 -4.93
CA GLY A 1161 -23.84 35.45 -6.11
C GLY A 1161 -22.38 35.81 -6.06
N ARG A 1162 -21.73 35.76 -4.89
CA ARG A 1162 -20.33 36.11 -4.81
C ARG A 1162 -19.48 35.08 -5.56
N PRO A 1163 -18.45 35.52 -6.28
CA PRO A 1163 -17.60 34.58 -7.01
C PRO A 1163 -16.57 33.93 -6.10
N ILE A 1164 -16.06 32.78 -6.56
CA ILE A 1164 -15.06 32.02 -5.84
C ILE A 1164 -13.72 32.22 -6.52
N GLU A 1165 -12.71 32.61 -5.73
CA GLU A 1165 -11.39 32.94 -6.26
C GLU A 1165 -10.32 32.13 -5.55
N GLY A 1166 -9.25 31.83 -6.28
CA GLY A 1166 -8.10 31.15 -5.72
C GLY A 1166 -8.05 29.65 -5.94
N LEU A 1167 -9.00 29.08 -6.66
CA LEU A 1167 -9.05 27.64 -6.90
C LEU A 1167 -8.63 27.24 -8.31
N GLU A 1168 -8.93 28.06 -9.31
CA GLU A 1168 -8.78 27.63 -10.70
C GLU A 1168 -7.31 27.38 -11.04
N THR A 1169 -7.06 26.28 -11.75
CA THR A 1169 -5.74 25.86 -12.17
C THR A 1169 -5.88 25.27 -13.56
N PRO A 1170 -5.04 25.65 -14.51
CA PRO A 1170 -5.19 25.15 -15.88
C PRO A 1170 -5.07 23.63 -15.94
N ASP A 1171 -5.89 23.03 -16.79
CA ASP A 1171 -5.80 21.59 -17.02
C ASP A 1171 -4.53 21.29 -17.82
N PRO A 1172 -3.68 20.37 -17.36
CA PRO A 1172 -2.38 20.18 -18.02
C PRO A 1172 -2.47 19.85 -19.50
N ILE A 1173 -3.44 19.03 -19.91
CA ILE A 1173 -3.59 18.69 -21.31
C ILE A 1173 -4.06 19.89 -22.11
N GLU A 1174 -5.07 20.61 -21.60
CA GLU A 1174 -5.62 21.75 -22.33
C GLU A 1174 -4.71 22.96 -22.27
N LEU A 1175 -3.92 23.10 -21.20
CA LEU A 1175 -3.09 24.29 -21.04
C LEU A 1175 -2.03 24.39 -22.12
N VAL A 1176 -1.38 23.27 -22.44
CA VAL A 1176 -0.25 23.26 -23.36
C VAL A 1176 -0.71 22.78 -24.73
N HIS A 1177 -0.15 23.38 -25.78
CA HIS A 1177 -0.38 22.98 -27.16
C HIS A 1177 0.97 22.56 -27.73
N GLY A 1178 1.32 21.30 -27.51
CA GLY A 1178 2.64 20.82 -27.85
C GLY A 1178 2.82 20.56 -29.33
N CYS A 1179 4.08 20.38 -29.72
CA CYS A 1179 4.45 20.00 -31.07
C CYS A 1179 5.71 19.17 -31.01
N LEU A 1180 5.74 18.09 -31.79
CA LEU A 1180 6.86 17.16 -31.81
C LEU A 1180 7.66 17.36 -33.09
N ILE A 1181 8.97 17.52 -32.94
CA ILE A 1181 9.87 17.81 -34.05
C ILE A 1181 10.75 16.60 -34.28
N ILE A 1182 10.61 15.99 -35.46
CA ILE A 1182 11.40 14.83 -35.87
C ILE A 1182 12.22 15.22 -37.10
N GLY A 1183 13.54 15.11 -36.97
CA GLY A 1183 14.42 15.38 -38.10
C GLY A 1183 14.35 16.79 -38.63
N SER A 1184 13.81 16.94 -39.84
CA SER A 1184 13.75 18.22 -40.52
C SER A 1184 12.46 18.99 -40.24
N ASP A 1185 11.62 18.48 -39.35
CA ASP A 1185 10.36 19.15 -39.04
C ASP A 1185 10.61 20.43 -38.26
N GLU A 1186 9.57 21.25 -38.16
CA GLU A 1186 9.62 22.50 -37.42
C GLU A 1186 8.33 22.67 -36.64
N CYS A 1187 8.40 23.46 -35.58
CA CYS A 1187 7.24 23.71 -34.72
C CYS A 1187 6.33 24.74 -35.37
N GLU A 1188 5.07 24.37 -35.59
CA GLU A 1188 4.11 25.29 -36.19
C GLU A 1188 3.84 26.47 -35.26
N HIS A 1189 3.67 26.21 -33.97
CA HIS A 1189 3.41 27.29 -33.02
C HIS A 1189 4.60 28.24 -32.92
N CYS A 1190 5.83 27.70 -32.96
CA CYS A 1190 7.00 28.57 -32.95
C CYS A 1190 7.03 29.46 -34.17
N SER A 1191 6.73 28.91 -35.35
CA SER A 1191 6.71 29.69 -36.57
C SER A 1191 5.51 30.63 -36.65
N SER A 1192 4.50 30.43 -35.81
CA SER A 1192 3.28 31.25 -35.85
C SER A 1192 3.06 31.86 -34.46
N GLY A 1193 3.66 33.02 -34.22
CA GLY A 1193 3.36 33.83 -33.06
C GLY A 1193 3.94 33.35 -31.74
N ASP A 1194 3.51 32.19 -31.27
CA ASP A 1194 3.85 31.74 -29.92
C ASP A 1194 5.36 31.56 -29.77
N ASP A 1195 5.90 32.06 -28.65
CA ASP A 1195 7.33 31.96 -28.38
C ASP A 1195 7.62 31.47 -26.98
N LYS A 1196 6.64 30.88 -26.29
CA LYS A 1196 6.82 30.32 -24.97
C LYS A 1196 6.72 28.81 -25.05
N PHE A 1197 7.72 28.11 -24.53
CA PHE A 1197 7.72 26.65 -24.64
C PHE A 1197 8.67 26.05 -23.61
N THR A 1198 8.45 24.81 -23.18
CA THR A 1198 9.35 24.08 -22.29
C THR A 1198 10.15 23.10 -23.15
N TRP A 1199 11.45 23.35 -23.25
CA TRP A 1199 12.29 22.64 -24.22
C TRP A 1199 12.63 21.24 -23.69
N PHE A 1200 12.21 20.22 -24.42
CA PHE A 1200 12.57 18.84 -24.13
C PHE A 1200 13.30 18.26 -25.33
N PHE A 1201 14.49 17.71 -25.09
CA PHE A 1201 15.33 17.17 -26.15
C PHE A 1201 15.74 15.75 -25.81
N LEU A 1202 15.56 14.85 -26.77
CA LEU A 1202 16.01 13.46 -26.63
C LEU A 1202 17.07 13.18 -27.68
N PRO A 1203 18.31 12.90 -27.29
CA PRO A 1203 19.37 12.65 -28.28
C PRO A 1203 19.10 11.38 -29.06
N LYS A 1204 19.94 11.17 -30.08
CA LYS A 1204 19.82 10.01 -30.96
C LYS A 1204 20.88 8.97 -30.60
N GLY A 1205 20.62 7.74 -31.02
CA GLY A 1205 21.54 6.65 -30.77
C GLY A 1205 21.41 5.99 -29.41
N ILE A 1206 20.39 6.35 -28.63
CA ILE A 1206 20.21 5.74 -27.32
C ILE A 1206 19.74 4.30 -27.48
N ARG A 1207 20.37 3.40 -26.75
CA ARG A 1207 19.98 1.98 -26.72
C ARG A 1207 20.03 1.50 -25.27
N LEU A 1208 18.87 1.19 -24.72
CA LEU A 1208 18.80 0.75 -23.33
C LEU A 1208 19.44 -0.62 -23.17
N ASP A 1209 19.98 -0.86 -21.97
CA ASP A 1209 20.62 -2.14 -21.63
C ASP A 1209 21.73 -2.48 -22.63
N ASP A 1210 22.54 -1.49 -22.96
CA ASP A 1210 23.63 -1.65 -23.91
C ASP A 1210 24.87 -0.97 -23.33
N ASP A 1211 25.89 -0.80 -24.16
CA ASP A 1211 27.15 -0.22 -23.71
C ASP A 1211 26.92 1.21 -23.22
N PRO A 1212 27.33 1.54 -22.00
CA PRO A 1212 27.14 2.92 -21.51
C PRO A 1212 27.88 3.97 -22.31
N ALA A 1213 28.93 3.59 -23.05
CA ALA A 1213 29.68 4.58 -23.81
C ALA A 1213 28.91 5.05 -25.04
N SER A 1214 28.13 4.17 -25.66
CA SER A 1214 27.47 4.52 -26.91
C SER A 1214 26.38 5.56 -26.70
N ASN A 1215 25.51 5.34 -25.72
CA ASN A 1215 24.37 6.22 -25.53
C ASN A 1215 24.80 7.52 -24.85
N PRO A 1216 24.03 8.59 -25.02
CA PRO A 1216 24.37 9.87 -24.40
C PRO A 1216 24.42 9.78 -22.89
N PRO A 1217 25.04 10.75 -22.21
CA PRO A 1217 25.21 10.64 -20.76
C PRO A 1217 23.87 10.55 -20.03
N ILE A 1218 23.87 9.77 -18.95
CA ILE A 1218 22.66 9.52 -18.17
C ILE A 1218 22.67 10.44 -16.96
N ARG A 1219 21.47 10.71 -16.43
CA ARG A 1219 21.32 11.53 -15.24
C ARG A 1219 19.99 11.20 -14.58
N VAL A 1220 19.87 11.59 -13.32
CA VAL A 1220 18.63 11.39 -12.57
C VAL A 1220 17.58 12.31 -13.16
N PRO A 1221 16.45 11.79 -13.63
CA PRO A 1221 15.45 12.63 -14.29
C PRO A 1221 14.67 13.47 -13.27
N TYR A 1222 13.85 14.36 -13.80
CA TYR A 1222 12.99 15.19 -12.97
C TYR A 1222 11.82 14.36 -12.49
N ILE A 1223 11.80 14.03 -11.20
CA ILE A 1223 10.72 13.25 -10.61
C ILE A 1223 9.74 14.13 -9.85
N GLY A 1224 10.02 15.42 -9.71
CA GLY A 1224 9.14 16.31 -8.98
C GLY A 1224 9.89 17.19 -7.99
N SER A 1225 9.22 18.21 -7.48
CA SER A 1225 9.81 19.13 -6.50
C SER A 1225 8.84 19.31 -5.36
N LYS A 1226 9.26 18.94 -4.15
CA LYS A 1226 8.43 19.06 -2.96
C LYS A 1226 8.72 20.40 -2.29
N THR A 1227 8.22 20.57 -1.06
CA THR A 1227 8.45 21.81 -0.32
C THR A 1227 9.93 22.01 -0.06
N ASP A 1228 10.41 23.23 -0.31
CA ASP A 1228 11.82 23.55 -0.12
C ASP A 1228 11.99 24.99 0.35
N VAL A 1232 12.27 30.12 4.59
CA VAL A 1232 11.09 30.92 4.87
C VAL A 1232 11.50 32.36 5.19
N ALA A 1233 12.76 32.52 5.58
CA ALA A 1233 13.33 33.83 5.91
C ALA A 1233 12.53 34.54 6.98
N SER A 1234 12.24 33.82 8.06
CA SER A 1234 11.50 34.39 9.17
C SER A 1234 12.37 35.39 9.93
N MET A 1235 11.70 36.31 10.63
CA MET A 1235 12.42 37.34 11.37
C MET A 1235 13.29 36.73 12.47
N ALA A 1236 12.75 35.78 13.21
CA ALA A 1236 13.49 35.06 14.25
C ALA A 1236 13.38 33.57 13.98
N TYR A 1237 14.52 32.90 13.81
CA TYR A 1237 14.54 31.48 13.51
C TYR A 1237 14.50 30.71 14.82
N ILE A 1238 13.30 30.36 15.25
CA ILE A 1238 13.11 29.62 16.49
C ILE A 1238 13.42 28.15 16.24
N LYS A 1239 14.32 27.59 17.03
CA LYS A 1239 14.71 26.19 16.93
C LYS A 1239 13.96 25.38 17.98
N GLY A 1240 13.53 24.18 17.58
CA GLY A 1240 12.74 23.35 18.47
C GLY A 1240 11.34 23.85 18.73
N ALA A 1241 10.80 24.67 17.83
CA ALA A 1241 9.45 25.18 17.99
C ALA A 1241 8.43 24.04 17.94
N SER A 1242 7.45 24.10 18.85
CA SER A 1242 6.43 23.06 18.92
C SER A 1242 5.54 23.11 17.68
N VAL A 1243 4.78 22.04 17.50
CA VAL A 1243 3.85 21.98 16.37
C VAL A 1243 2.79 23.07 16.50
N SER A 1244 2.35 23.34 17.72
CA SER A 1244 1.35 24.39 17.94
C SER A 1244 1.89 25.76 17.53
N LEU A 1245 3.15 26.04 17.87
CA LEU A 1245 3.73 27.33 17.52
C LEU A 1245 3.85 27.50 16.00
N LYS A 1246 4.32 26.45 15.31
CA LYS A 1246 4.41 26.53 13.85
C LYS A 1246 3.04 26.67 13.22
N SER A 1247 2.04 25.95 13.74
CA SER A 1247 0.69 26.06 13.21
C SER A 1247 0.14 27.47 13.40
N ALA A 1248 0.34 28.06 14.59
CA ALA A 1248 -0.15 29.41 14.83
C ALA A 1248 0.56 30.42 13.95
N LEU A 1249 1.87 30.26 13.76
CA LEU A 1249 2.61 31.18 12.90
C LEU A 1249 2.14 31.10 11.46
N ARG A 1250 1.92 29.88 10.96
CA ARG A 1250 1.43 29.73 9.59
C ARG A 1250 0.01 30.29 9.46
N LEU A 1251 -0.83 30.07 10.46
CA LEU A 1251 -2.19 30.62 10.42
C LEU A 1251 -2.15 32.14 10.35
N ALA A 1252 -1.35 32.77 11.22
CA ALA A 1252 -1.25 34.23 11.21
C ALA A 1252 -0.70 34.74 9.89
N GLY A 1253 0.33 34.09 9.37
CA GLY A 1253 0.89 34.52 8.10
C GLY A 1253 -0.09 34.44 6.95
N VAL A 1254 -0.82 33.32 6.86
CA VAL A 1254 -1.79 33.14 5.80
C VAL A 1254 -2.93 34.16 5.93
N TYR A 1255 -3.40 34.38 7.17
CA TYR A 1255 -4.48 35.34 7.38
C TYR A 1255 -4.05 36.74 6.96
N ILE A 1256 -2.84 37.15 7.36
CA ILE A 1256 -2.36 38.48 7.00
C ILE A 1256 -2.16 38.59 5.50
N TRP A 1257 -1.61 37.55 4.87
CA TRP A 1257 -1.36 37.59 3.43
C TRP A 1257 -2.65 37.66 2.64
N ALA A 1258 -3.70 36.98 3.10
CA ALA A 1258 -4.92 36.87 2.31
C ALA A 1258 -5.92 37.98 2.61
N PHE A 1259 -6.27 38.18 3.88
CA PHE A 1259 -7.37 39.07 4.22
C PHE A 1259 -6.92 40.51 4.44
N GLY A 1260 -5.63 40.80 4.43
CA GLY A 1260 -5.13 42.16 4.52
C GLY A 1260 -4.11 42.30 5.62
N ASP A 1261 -3.35 43.40 5.55
CA ASP A 1261 -2.30 43.70 6.52
C ASP A 1261 -2.70 44.82 7.47
N THR A 1262 -3.99 45.16 7.52
CA THR A 1262 -4.45 46.21 8.42
C THR A 1262 -4.38 45.74 9.87
N GLU A 1263 -4.47 46.70 10.79
CA GLU A 1263 -4.40 46.35 12.21
C GLU A 1263 -5.62 45.56 12.65
N GLU A 1264 -6.78 45.82 12.05
CA GLU A 1264 -7.97 45.03 12.37
C GLU A 1264 -7.79 43.57 11.98
N SER A 1265 -7.19 43.34 10.81
CA SER A 1265 -6.87 41.97 10.41
C SER A 1265 -5.86 41.34 11.36
N TRP A 1266 -4.91 42.13 11.87
CA TRP A 1266 -3.96 41.58 12.83
C TRP A 1266 -4.65 41.17 14.13
N GLN A 1267 -5.58 41.99 14.62
CA GLN A 1267 -6.34 41.60 15.80
C GLN A 1267 -7.20 40.38 15.54
N ASP A 1268 -7.81 40.28 14.35
CA ASP A 1268 -8.61 39.11 14.03
C ASP A 1268 -7.76 37.84 13.98
N ALA A 1269 -6.58 37.91 13.37
CA ALA A 1269 -5.69 36.76 13.32
C ALA A 1269 -5.06 36.45 14.67
N TYR A 1270 -4.98 37.45 15.57
CA TYR A 1270 -4.42 37.20 16.89
C TYR A 1270 -5.26 36.19 17.66
N GLU A 1271 -6.58 36.27 17.55
CA GLU A 1271 -7.44 35.30 18.23
C GLU A 1271 -7.27 33.91 17.64
N LEU A 1272 -7.26 33.80 16.31
CA LEU A 1272 -7.11 32.50 15.66
C LEU A 1272 -5.72 31.91 15.88
N ALA A 1273 -4.74 32.75 16.23
CA ALA A 1273 -3.43 32.21 16.63
C ALA A 1273 -3.41 31.84 18.12
N SER A 1274 -4.03 32.65 18.97
CA SER A 1274 -4.10 32.37 20.40
C SER A 1274 -4.97 31.16 20.72
N THR A 1275 -5.76 30.69 19.76
CA THR A 1275 -6.46 29.42 19.97
C THR A 1275 -5.51 28.24 19.99
N ARG A 1276 -4.24 28.43 19.64
CA ARG A 1276 -3.25 27.35 19.66
C ARG A 1276 -1.97 27.69 20.41
N VAL A 1277 -1.70 28.96 20.72
CA VAL A 1277 -0.52 29.36 21.47
C VAL A 1277 -0.91 30.43 22.48
N ASN A 1278 0.05 30.82 23.31
CA ASN A 1278 -0.15 31.85 24.33
C ASN A 1278 0.66 33.10 24.04
N LEU A 1279 0.96 33.36 22.76
CA LEU A 1279 1.66 34.58 22.39
C LEU A 1279 0.76 35.80 22.57
N THR A 1280 1.38 36.94 22.82
CA THR A 1280 0.69 38.21 22.74
C THR A 1280 0.86 38.78 21.33
N LEU A 1281 0.25 39.94 21.08
CA LEU A 1281 0.27 40.50 19.73
C LEU A 1281 1.68 40.84 19.28
N GLU A 1282 2.51 41.36 20.19
CA GLU A 1282 3.86 41.78 19.83
C GLU A 1282 4.72 40.58 19.42
N GLN A 1283 4.74 39.53 20.25
CA GLN A 1283 5.52 38.34 19.90
C GLN A 1283 4.95 37.64 18.68
N LEU A 1284 3.63 37.63 18.53
CA LEU A 1284 3.04 37.04 17.33
C LEU A 1284 3.47 37.79 16.08
N GLN A 1285 3.46 39.12 16.12
CA GLN A 1285 3.87 39.90 14.96
C GLN A 1285 5.35 39.72 14.66
N SER A 1286 6.19 39.70 15.71
CA SER A 1286 7.63 39.57 15.49
C SER A 1286 8.00 38.18 14.97
N LEU A 1287 7.39 37.15 15.53
CA LEU A 1287 7.73 35.76 15.19
C LEU A 1287 7.05 35.28 13.92
N THR A 1288 6.05 35.99 13.41
CA THR A 1288 5.34 35.54 12.22
C THR A 1288 6.27 35.56 11.02
N PRO A 1289 6.31 34.50 10.22
CA PRO A 1289 7.14 34.50 9.01
C PRO A 1289 6.69 35.54 8.00
N LEU A 1290 7.42 35.65 6.90
CA LEU A 1290 7.11 36.65 5.88
C LEU A 1290 5.76 36.35 5.25
N PRO A 1291 4.79 37.26 5.34
CA PRO A 1291 3.43 37.00 4.82
C PRO A 1291 3.25 37.37 3.36
N THR A 1292 4.15 36.88 2.50
CA THR A 1292 4.02 37.05 1.06
C THR A 1292 4.27 35.72 0.37
N SER A 1293 3.59 35.53 -0.77
CA SER A 1293 3.71 34.32 -1.57
C SER A 1293 3.38 33.07 -0.76
N ALA A 1294 2.15 33.03 -0.27
CA ALA A 1294 1.70 31.90 0.53
C ALA A 1294 1.64 30.63 -0.33
N ASN A 1295 2.17 29.53 0.21
CA ASN A 1295 2.18 28.28 -0.54
C ASN A 1295 0.79 27.67 -0.63
N LEU A 1296 -0.02 27.81 0.43
CA LEU A 1296 -1.37 27.25 0.47
C LEU A 1296 -1.37 25.76 0.17
N VAL A 1297 -0.41 25.04 0.74
CA VAL A 1297 -0.29 23.59 0.56
C VAL A 1297 -0.79 22.92 1.84
N HIS A 1298 -1.70 21.95 1.68
CA HIS A 1298 -2.26 21.22 2.81
C HIS A 1298 -2.94 19.98 2.26
N ARG A 1299 -3.42 19.14 3.18
CA ARG A 1299 -4.12 17.92 2.80
C ARG A 1299 -5.50 17.86 3.45
N LYS A 1308 3.68 1.05 -0.96
CA LYS A 1308 4.08 2.37 -0.51
C LYS A 1308 5.04 3.02 -1.50
N PHE A 1309 6.05 2.27 -1.93
CA PHE A 1309 7.03 2.77 -2.89
C PHE A 1309 6.45 2.57 -4.30
N THR A 1310 5.96 3.66 -4.88
CA THR A 1310 5.30 3.64 -6.19
C THR A 1310 5.92 4.70 -7.08
N PRO A 1311 6.98 4.34 -7.81
CA PRO A 1311 7.59 5.31 -8.74
C PRO A 1311 6.62 5.71 -9.84
N ALA A 1312 6.73 6.97 -10.27
CA ALA A 1312 5.81 7.51 -11.27
C ALA A 1312 6.07 6.95 -12.66
N SER A 1313 7.26 6.42 -12.92
CA SER A 1313 7.57 5.87 -14.23
C SER A 1313 8.83 5.02 -14.11
N SER A 1314 9.17 4.35 -15.21
CA SER A 1314 10.37 3.53 -15.24
C SER A 1314 11.63 4.36 -15.45
N TYR A 1315 11.50 5.61 -15.90
CA TYR A 1315 12.65 6.50 -16.15
C TYR A 1315 13.62 5.88 -17.14
N ALA A 1316 13.08 5.14 -18.12
CA ALA A 1316 13.92 4.49 -19.11
C ALA A 1316 14.52 5.50 -20.08
N PHE A 1317 13.67 6.30 -20.72
CA PHE A 1317 14.12 7.29 -21.68
C PHE A 1317 14.10 8.71 -21.12
N SER A 1318 13.52 8.92 -19.94
CA SER A 1318 13.54 10.24 -19.33
C SER A 1318 14.87 10.56 -18.66
N SER A 1319 15.75 9.57 -18.50
CA SER A 1319 17.08 9.82 -17.95
C SER A 1319 18.02 10.48 -18.95
N PHE A 1320 17.81 10.25 -20.24
CA PHE A 1320 18.67 10.82 -21.28
C PHE A 1320 18.12 12.13 -21.84
N VAL A 1321 17.04 12.65 -21.26
CA VAL A 1321 16.38 13.83 -21.80
C VAL A 1321 17.14 15.09 -21.40
N HIS A 1322 16.96 16.15 -22.18
CA HIS A 1322 17.54 17.46 -21.90
C HIS A 1322 16.41 18.47 -21.76
N ILE A 1323 16.46 19.26 -20.69
CA ILE A 1323 15.41 20.23 -20.39
C ILE A 1323 16.02 21.62 -20.28
N SER A 1324 15.23 22.63 -20.65
CA SER A 1324 15.66 24.02 -20.52
C SER A 1324 14.42 24.90 -20.52
N ASN A 1325 14.14 25.56 -19.40
CA ASN A 1325 12.95 26.44 -19.29
C ASN A 1325 13.38 27.91 -19.34
N ASP A 1326 14.47 28.22 -20.03
CA ASP A 1326 14.97 29.59 -20.07
C ASP A 1326 14.00 30.52 -20.79
N CYS A 1327 13.38 30.05 -21.87
CA CYS A 1327 12.49 30.87 -22.68
C CYS A 1327 11.09 31.02 -22.10
N GLN A 1328 10.90 30.68 -20.82
CA GLN A 1328 9.63 30.84 -20.14
C GLN A 1328 9.79 31.82 -18.99
N ILE A 1329 8.65 32.19 -18.38
CA ILE A 1329 8.67 33.15 -17.28
C ILE A 1329 9.45 32.58 -16.09
N LEU A 1330 9.22 31.32 -15.77
CA LEU A 1330 9.92 30.68 -14.66
C LEU A 1330 10.08 29.19 -14.91
N THR A 1337 3.06 30.50 -5.19
CA THR A 1337 3.93 29.55 -5.87
C THR A 1337 3.15 28.74 -6.90
N ASP A 1338 2.00 29.27 -7.32
CA ASP A 1338 1.16 28.57 -8.29
C ASP A 1338 1.86 28.41 -9.63
N SER A 1339 2.61 29.43 -10.05
CA SER A 1339 3.35 29.33 -11.31
C SER A 1339 4.39 28.22 -11.26
N ASN A 1340 5.04 28.06 -10.11
CA ASN A 1340 6.01 26.97 -9.96
C ASN A 1340 5.33 25.61 -10.11
N LEU A 1341 4.15 25.45 -9.50
CA LEU A 1341 3.42 24.20 -9.67
C LEU A 1341 3.00 23.98 -11.11
N ILE A 1342 2.58 25.04 -11.80
CA ILE A 1342 2.18 24.91 -13.20
C ILE A 1342 3.37 24.46 -14.05
N TYR A 1343 4.53 25.08 -13.83
CA TYR A 1343 5.71 24.71 -14.61
C TYR A 1343 6.19 23.30 -14.29
N GLN A 1344 6.10 22.89 -13.02
CA GLN A 1344 6.43 21.51 -12.66
C GLN A 1344 5.49 20.52 -13.33
N GLN A 1345 4.19 20.84 -13.38
CA GLN A 1345 3.25 19.97 -14.06
C GLN A 1345 3.53 19.91 -15.55
N VAL A 1346 3.90 21.04 -16.16
CA VAL A 1346 4.24 21.04 -17.58
C VAL A 1346 5.46 20.18 -17.84
N MET A 1347 6.48 20.29 -16.98
CA MET A 1347 7.68 19.48 -17.14
C MET A 1347 7.37 18.00 -17.00
N ILE A 1348 6.55 17.64 -16.01
CA ILE A 1348 6.22 16.23 -15.81
C ILE A 1348 5.39 15.70 -16.98
N THR A 1349 4.46 16.52 -17.50
CA THR A 1349 3.68 16.11 -18.65
C THR A 1349 4.56 15.92 -19.88
N GLY A 1350 5.54 16.80 -20.08
CA GLY A 1350 6.46 16.63 -21.19
C GLY A 1350 7.31 15.39 -21.05
N LEU A 1351 7.79 15.10 -19.84
CA LEU A 1351 8.55 13.88 -19.62
C LEU A 1351 7.70 12.65 -19.89
N ALA A 1352 6.44 12.66 -19.43
CA ALA A 1352 5.55 11.54 -19.69
C ALA A 1352 5.26 11.39 -21.18
N LEU A 1353 5.12 12.51 -21.89
CA LEU A 1353 4.90 12.45 -23.34
C LEU A 1353 6.11 11.87 -24.06
N ILE A 1354 7.32 12.26 -23.63
CA ILE A 1354 8.52 11.68 -24.22
C ILE A 1354 8.58 10.19 -23.94
N GLU A 1355 8.25 9.78 -22.71
CA GLU A 1355 8.30 8.37 -22.36
C GLU A 1355 7.27 7.55 -23.14
N THR A 1356 6.06 8.08 -23.30
CA THR A 1356 5.04 7.36 -24.04
C THR A 1356 5.25 7.42 -25.55
N TRP A 1357 6.06 8.37 -26.03
CA TRP A 1357 6.44 8.36 -27.44
C TRP A 1357 7.28 7.14 -27.77
N ASN A 1358 8.12 6.71 -26.83
CA ASN A 1358 8.95 5.51 -26.96
C ASN A 1358 8.56 4.57 -25.81
N ASN A 1359 7.55 3.76 -26.03
CA ASN A 1359 7.02 2.88 -24.99
C ASN A 1359 8.01 1.77 -24.68
N PRO A 1360 7.84 1.09 -23.54
CA PRO A 1360 8.77 0.01 -23.15
C PRO A 1360 8.96 -1.05 -24.23
N PRO A 1361 7.96 -1.31 -25.08
CA PRO A 1361 8.26 -2.14 -26.26
C PRO A 1361 9.41 -1.61 -27.11
N ILE A 1362 9.55 -0.29 -27.22
CA ILE A 1362 10.64 0.33 -27.97
C ILE A 1362 11.81 0.58 -27.03
N ASN A 1363 13.00 0.17 -27.45
CA ASN A 1363 14.20 0.34 -26.63
C ASN A 1363 15.29 1.15 -27.33
N PHE A 1364 15.03 1.70 -28.51
CA PHE A 1364 16.01 2.48 -29.25
C PHE A 1364 15.36 3.75 -29.78
N SER A 1365 16.23 4.71 -30.12
CA SER A 1365 15.80 6.00 -30.69
C SER A 1365 16.80 6.36 -31.79
N VAL A 1366 16.47 6.00 -33.03
CA VAL A 1366 17.38 6.23 -34.15
C VAL A 1366 17.42 7.69 -34.58
N TYR A 1367 16.47 8.51 -34.17
CA TYR A 1367 16.45 9.93 -34.50
C TYR A 1367 16.27 10.75 -33.23
N GLU A 1368 16.80 11.96 -33.24
CA GLU A 1368 16.64 12.87 -32.11
C GLU A 1368 15.26 13.52 -32.16
N THR A 1369 14.64 13.64 -30.99
CA THR A 1369 13.30 14.18 -30.86
C THR A 1369 13.32 15.43 -29.98
N THR A 1370 12.53 16.42 -30.37
CA THR A 1370 12.40 17.66 -29.61
C THR A 1370 10.93 17.91 -29.32
N LEU A 1371 10.62 18.16 -28.04
CA LEU A 1371 9.26 18.45 -27.60
C LEU A 1371 9.23 19.88 -27.08
N HIS A 1372 8.20 20.63 -27.47
CA HIS A 1372 8.09 22.04 -27.14
C HIS A 1372 7.08 22.34 -26.05
N LEU A 1373 5.85 21.81 -26.17
CA LEU A 1373 4.79 22.05 -25.20
C LEU A 1373 4.55 23.55 -24.99
N HIS A 1374 4.07 24.18 -26.07
CA HIS A 1374 3.87 25.62 -26.10
C HIS A 1374 2.72 25.98 -25.17
N THR A 1375 3.06 26.44 -23.95
CA THR A 1375 2.03 26.85 -23.00
C THR A 1375 1.41 28.18 -23.34
N GLY A 1376 2.03 28.97 -24.22
CA GLY A 1376 1.49 30.26 -24.61
C GLY A 1376 0.32 30.14 -25.55
N SER A 1377 -0.29 31.30 -25.81
CA SER A 1377 -1.46 31.39 -26.70
C SER A 1377 -2.59 30.47 -26.23
N SER A 1378 -2.77 30.40 -24.92
CA SER A 1378 -3.82 29.57 -24.33
C SER A 1378 -4.69 30.43 -23.42
N CYS A 1379 -5.98 30.08 -23.37
CA CYS A 1379 -6.93 30.85 -22.57
C CYS A 1379 -6.80 30.58 -21.08
N CYS A 1380 -6.15 29.48 -20.70
CA CYS A 1380 -6.10 29.10 -19.29
C CYS A 1380 -5.09 29.91 -18.49
N ILE A 1381 -4.17 30.61 -19.17
CA ILE A 1381 -3.19 31.43 -18.46
C ILE A 1381 -3.84 32.75 -18.08
N ARG A 1382 -3.92 33.02 -16.78
CA ARG A 1382 -4.55 34.22 -16.27
C ARG A 1382 -3.68 34.86 -15.20
N PRO A 1383 -3.64 36.19 -15.13
CA PRO A 1383 -2.94 36.86 -14.04
C PRO A 1383 -3.51 36.46 -12.68
N VAL A 1384 -2.64 36.43 -11.68
CA VAL A 1384 -3.02 36.05 -10.32
C VAL A 1384 -2.99 37.30 -9.45
N GLU A 1385 -4.09 37.56 -8.75
CA GLU A 1385 -4.23 38.72 -7.88
C GLU A 1385 -4.73 38.26 -6.53
N SER A 1386 -4.15 38.81 -5.47
CA SER A 1386 -4.51 38.44 -4.10
C SER A 1386 -4.08 39.58 -3.17
N CYS A 1387 -4.07 39.29 -1.87
CA CYS A 1387 -3.65 40.23 -0.83
C CYS A 1387 -4.53 41.46 -0.75
N VAL A 1388 -5.75 41.38 -1.28
CA VAL A 1388 -6.70 42.48 -1.14
C VAL A 1388 -7.25 42.52 0.27
N VAL A 1389 -7.88 43.64 0.62
CA VAL A 1389 -8.47 43.80 1.95
C VAL A 1389 -9.81 43.09 2.00
N ASN A 1390 -9.97 42.21 2.99
CA ASN A 1390 -11.20 41.44 3.17
C ASN A 1390 -11.66 41.58 4.61
N PRO A 1391 -12.50 42.56 4.90
CA PRO A 1391 -13.03 42.72 6.26
C PRO A 1391 -13.77 41.47 6.70
N PRO A 1392 -13.76 41.08 7.99
CA PRO A 1392 -14.39 39.85 8.41
C PRO A 1392 -15.83 39.73 7.95
N LEU A 1393 -16.62 40.78 8.13
CA LEU A 1393 -18.04 40.80 7.79
C LEU A 1393 -18.89 40.05 8.81
N LEU A 1394 -18.28 39.42 9.81
CA LEU A 1394 -18.99 38.62 10.80
C LEU A 1394 -18.17 38.62 12.08
N PRO A 1395 -18.80 38.67 13.25
CA PRO A 1395 -18.06 38.62 14.51
C PRO A 1395 -17.32 37.30 14.65
N VAL A 1396 -16.18 37.35 15.33
CA VAL A 1396 -15.38 36.14 15.54
C VAL A 1396 -16.15 35.18 16.46
N PRO A 1397 -16.35 33.93 16.06
CA PRO A 1397 -17.13 33.01 16.90
C PRO A 1397 -16.42 32.69 18.21
N LEU A 1398 -17.22 32.40 19.22
CA LEU A 1398 -16.69 31.98 20.52
C LEU A 1398 -16.15 30.56 20.39
N ILE A 1399 -14.82 30.43 20.35
CA ILE A 1399 -14.15 29.16 20.12
C ILE A 1399 -13.66 28.61 21.45
N ASN A 1400 -14.04 27.37 21.74
CA ASN A 1400 -13.57 26.68 22.93
C ASN A 1400 -12.22 26.03 22.63
N VAL A 1401 -11.22 26.34 23.43
CA VAL A 1401 -9.86 25.89 23.20
C VAL A 1401 -9.47 24.93 24.32
N PRO A 1402 -8.88 23.78 24.00
CA PRO A 1402 -8.39 22.86 25.05
C PRO A 1402 -7.07 23.37 25.66
N GLN A 1403 -7.23 24.29 26.63
CA GLN A 1403 -6.06 24.92 27.25
C GLN A 1403 -5.21 23.89 27.98
N MET A 1404 -5.83 22.94 28.67
CA MET A 1404 -5.09 21.96 29.45
C MET A 1404 -4.48 20.86 28.58
N ASN A 1405 -4.92 20.73 27.33
CA ASN A 1405 -4.38 19.69 26.45
C ASN A 1405 -3.03 20.12 25.90
N LYS A 1406 -2.03 19.25 26.04
CA LYS A 1406 -0.69 19.56 25.58
C LYS A 1406 -0.55 19.48 24.07
N PHE A 1407 -1.26 18.54 23.43
CA PHE A 1407 -1.11 18.29 22.01
C PHE A 1407 -1.85 19.32 21.14
N VAL A 1408 -2.65 20.20 21.75
CA VAL A 1408 -3.37 21.24 21.01
C VAL A 1408 -2.90 22.63 21.39
N TYR A 1409 -2.67 22.87 22.68
CA TYR A 1409 -2.33 24.19 23.19
C TYR A 1409 -1.07 24.09 24.04
N ASP A 1410 -0.17 25.06 23.86
CA ASP A 1410 1.05 25.13 24.66
C ASP A 1410 1.12 26.48 25.36
N PRO A 1411 0.96 26.53 26.69
CA PRO A 1411 1.01 27.82 27.38
C PRO A 1411 2.36 28.51 27.30
N GLU A 1412 3.44 27.79 27.01
CA GLU A 1412 4.78 28.37 26.90
C GLU A 1412 5.38 27.98 25.55
N PRO A 1413 5.13 28.79 24.51
CA PRO A 1413 5.70 28.48 23.19
C PRO A 1413 7.14 28.90 23.01
N LEU A 1414 7.71 29.64 23.96
CA LEU A 1414 9.10 30.10 23.87
C LEU A 1414 9.85 29.70 25.12
N SER A 1415 11.17 29.56 24.97
CA SER A 1415 12.03 29.22 26.10
C SER A 1415 12.52 30.49 26.81
ZN ZN B . 8.03 25.44 -30.85
ZN ZN C . -8.18 27.15 -22.00
#